data_7P4B
#
_entry.id   7P4B
#
_cell.length_a   244.562
_cell.length_b   48.529
_cell.length_c   153.161
_cell.angle_alpha   90.000
_cell.angle_beta   116.948
_cell.angle_gamma   90.000
#
_symmetry.space_group_name_H-M   'C 1 2 1'
#
loop_
_entity.id
_entity.type
_entity.pdbx_description
1 polymer 'HLA class I histocompatibility antigen, alpha chain E'
2 polymer Beta-2-microglobulin
3 polymer 'ESAT-6-like protein EsxH'
4 non-polymer GLYCEROL
5 non-polymer 'SULFATE ION'
6 non-polymer 'ZINC ION'
7 non-polymer 'PHOSPHATE ION'
8 water water
#
loop_
_entity_poly.entity_id
_entity_poly.type
_entity_poly.pdbx_seq_one_letter_code
_entity_poly.pdbx_strand_id
1 'polypeptide(L)'
;GSHSLKYFHTSVSRPGRGEPRFISVGYVDDTQFVRFDNDAASPRMVPRAPWMEQEGSEYWDRETRSARDTAQIFRVNLRT
LRGYYNQSEAGSHTLQWMHGCELGPDGRFLRGYEQFAYDGKDYLTLNEDLRSWTAVDTAAQISEQKSNDASEAEHQRAYL
EDTCVEWLHKYLEKGKETLLHLEPPKTHVTHHPISDHEATLRCWALGFYPAEITLTWQQDGEGHTQDTELVETRPAGDGT
FQKWAAVVVPSGEEQRYTCHVQHEGLPEPVTLRWKPP
;
A,C,E,G
2 'polypeptide(L)'
;MIQRTPKIQVYSRHPAENGKSNFLNCYVSGFHPSDIEVDLLKNGERIEKVEHSDLSFSKDWSFYLLYYTEFTPTEKDEYA
CRVNHVTLSQPKIVKWDRDM
;
B,D,F,H
3 'polypeptide(L)' IMYNYPAML P,Q,R,Z
#
loop_
_chem_comp.id
_chem_comp.type
_chem_comp.name
_chem_comp.formula
GOL non-polymer GLYCEROL 'C3 H8 O3'
PO4 non-polymer 'PHOSPHATE ION' 'O4 P -3'
SO4 non-polymer 'SULFATE ION' 'O4 S -2'
ZN non-polymer 'ZINC ION' 'Zn 2'
#
# COMPACT_ATOMS: atom_id res chain seq x y z
N GLY A 1 5.60 -17.72 19.30
CA GLY A 1 6.50 -18.77 18.87
C GLY A 1 7.96 -18.40 19.00
N SER A 2 8.82 -19.12 18.28
CA SER A 2 10.25 -18.85 18.31
C SER A 2 10.61 -17.69 17.39
N HIS A 3 11.69 -17.00 17.74
CA HIS A 3 12.16 -15.85 16.97
C HIS A 3 13.68 -15.88 16.90
N SER A 4 14.23 -15.21 15.90
CA SER A 4 15.67 -15.24 15.66
C SER A 4 16.18 -13.84 15.31
N LEU A 5 17.40 -13.56 15.76
CA LEU A 5 18.17 -12.41 15.31
C LEU A 5 19.42 -12.96 14.64
N LYS A 6 19.61 -12.65 13.36
CA LYS A 6 20.70 -13.22 12.59
C LYS A 6 21.40 -12.14 11.77
N TYR A 7 22.72 -12.18 11.76
CA TYR A 7 23.52 -11.30 10.92
C TYR A 7 24.26 -12.13 9.89
N PHE A 8 24.35 -11.60 8.67
CA PHE A 8 25.05 -12.26 7.57
C PHE A 8 26.07 -11.29 7.02
N HIS A 9 27.35 -11.65 7.10
CA HIS A 9 28.44 -10.78 6.70
C HIS A 9 29.21 -11.42 5.55
N THR A 10 29.43 -10.67 4.48
CA THR A 10 30.23 -11.13 3.35
C THR A 10 31.35 -10.16 3.07
N SER A 11 32.57 -10.69 2.92
CA SER A 11 33.71 -9.90 2.48
C SER A 11 34.34 -10.58 1.28
N VAL A 12 34.57 -9.81 0.21
CA VAL A 12 35.09 -10.32 -1.05
C VAL A 12 36.29 -9.47 -1.45
N SER A 13 37.47 -10.10 -1.55
CA SER A 13 38.66 -9.37 -1.93
C SER A 13 38.64 -9.05 -3.42
N ARG A 14 39.27 -7.92 -3.76
CA ARG A 14 39.28 -7.41 -5.13
C ARG A 14 40.73 -7.18 -5.55
N PRO A 15 41.34 -8.12 -6.26
CA PRO A 15 42.75 -7.99 -6.62
C PRO A 15 43.01 -6.71 -7.42
N GLY A 16 43.88 -5.86 -6.88
CA GLY A 16 44.26 -4.63 -7.55
C GLY A 16 43.20 -3.56 -7.59
N ARG A 17 42.11 -3.68 -6.82
CA ARG A 17 41.06 -2.68 -6.82
C ARG A 17 40.79 -2.13 -5.42
N GLY A 18 41.74 -2.23 -4.51
CA GLY A 18 41.59 -1.66 -3.19
C GLY A 18 41.17 -2.68 -2.14
N GLU A 19 40.56 -2.15 -1.08
CA GLU A 19 40.12 -2.98 0.04
C GLU A 19 38.98 -3.89 -0.40
N PRO A 20 38.77 -5.00 0.32
CA PRO A 20 37.67 -5.90 -0.04
C PRO A 20 36.30 -5.25 0.12
N ARG A 21 35.36 -5.68 -0.72
CA ARG A 21 33.97 -5.30 -0.53
C ARG A 21 33.43 -5.98 0.70
N PHE A 22 32.64 -5.26 1.49
CA PHE A 22 32.09 -5.81 2.72
C PHE A 22 30.63 -5.41 2.83
N ILE A 23 29.76 -6.41 3.02
CA ILE A 23 28.32 -6.20 3.13
C ILE A 23 27.80 -6.98 4.33
N SER A 24 27.06 -6.30 5.20
CA SER A 24 26.41 -6.91 6.36
C SER A 24 24.91 -6.66 6.26
N VAL A 25 24.12 -7.70 6.53
CA VAL A 25 22.68 -7.57 6.62
C VAL A 25 22.23 -8.22 7.91
N GLY A 26 21.23 -7.63 8.56
CA GLY A 26 20.65 -8.18 9.77
C GLY A 26 19.20 -8.54 9.53
N TYR A 27 18.76 -9.66 10.12
CA TYR A 27 17.40 -10.14 10.00
C TYR A 27 16.80 -10.40 11.38
N VAL A 28 15.57 -9.96 11.58
CA VAL A 28 14.71 -10.48 12.64
C VAL A 28 13.70 -11.40 11.98
N ASP A 29 13.75 -12.70 12.32
CA ASP A 29 12.93 -13.72 11.65
C ASP A 29 13.21 -13.60 10.15
N ASP A 30 12.19 -13.47 9.29
CA ASP A 30 12.39 -13.35 7.85
C ASP A 30 12.36 -11.91 7.37
N THR A 31 12.56 -10.94 8.27
CA THR A 31 12.48 -9.53 7.95
C THR A 31 13.87 -8.89 8.09
N GLN A 32 14.40 -8.40 6.97
CA GLN A 32 15.65 -7.65 7.05
C GLN A 32 15.40 -6.32 7.74
N PHE A 33 16.28 -5.93 8.67
CA PHE A 33 16.06 -4.69 9.37
C PHE A 33 17.25 -3.73 9.34
N VAL A 34 18.44 -4.18 8.95
CA VAL A 34 19.61 -3.30 8.84
C VAL A 34 20.47 -3.77 7.69
N ARG A 35 21.32 -2.86 7.20
CA ARG A 35 22.32 -3.19 6.20
C ARG A 35 23.51 -2.24 6.36
N PHE A 36 24.71 -2.77 6.12
CA PHE A 36 25.93 -1.97 6.02
C PHE A 36 26.69 -2.39 4.76
N ASP A 37 27.11 -1.40 3.98
CA ASP A 37 27.89 -1.63 2.77
C ASP A 37 29.07 -0.66 2.79
N ASN A 38 30.28 -1.20 2.72
CA ASN A 38 31.47 -0.36 2.85
C ASN A 38 31.85 0.36 1.57
N ASP A 39 31.07 0.22 0.50
CA ASP A 39 31.35 0.88 -0.78
C ASP A 39 30.80 2.31 -0.73
N ALA A 40 31.48 3.14 0.06
CA ALA A 40 31.12 4.55 0.22
C ALA A 40 32.29 5.26 0.89
N ALA A 41 32.36 6.56 0.67
CA ALA A 41 33.41 7.34 1.35
C ALA A 41 33.21 7.34 2.85
N SER A 42 31.95 7.40 3.30
CA SER A 42 31.60 7.40 4.72
C SER A 42 30.47 6.40 4.93
N PRO A 43 30.77 5.10 4.90
CA PRO A 43 29.70 4.10 4.94
C PRO A 43 29.04 4.04 6.30
N ARG A 44 27.71 3.85 6.29
CA ARG A 44 26.89 3.88 7.49
C ARG A 44 26.04 2.63 7.57
N MET A 45 25.82 2.16 8.80
CA MET A 45 24.75 1.20 9.04
C MET A 45 23.42 1.92 8.92
N VAL A 46 22.51 1.37 8.11
CA VAL A 46 21.25 2.05 7.81
C VAL A 46 20.06 1.13 8.08
N PRO A 47 18.90 1.67 8.43
CA PRO A 47 17.72 0.81 8.59
C PRO A 47 17.22 0.30 7.25
N ARG A 48 16.71 -0.93 7.26
CA ARG A 48 16.01 -1.48 6.11
C ARG A 48 14.58 -1.87 6.43
N ALA A 49 14.11 -1.61 7.64
CA ALA A 49 12.73 -1.72 8.03
C ALA A 49 12.28 -0.40 8.63
N PRO A 50 11.10 0.12 8.28
CA PRO A 50 10.74 1.47 8.73
C PRO A 50 10.67 1.60 10.24
N TRP A 51 10.28 0.54 10.95
CA TRP A 51 10.16 0.64 12.40
C TRP A 51 11.52 0.83 13.09
N MET A 52 12.62 0.53 12.40
CA MET A 52 13.94 0.79 12.99
C MET A 52 14.28 2.28 13.05
N GLU A 53 13.51 3.13 12.36
CA GLU A 53 13.72 4.57 12.49
C GLU A 53 13.29 5.10 13.85
N GLN A 54 12.68 4.26 14.69
CA GLN A 54 12.49 4.63 16.08
C GLN A 54 13.80 4.68 16.86
N GLU A 55 14.88 4.15 16.30
CA GLU A 55 16.18 4.19 16.95
C GLU A 55 16.87 5.53 16.71
N GLY A 56 17.55 6.04 17.73
CA GLY A 56 18.21 7.32 17.66
C GLY A 56 19.61 7.24 17.07
N SER A 57 20.24 8.42 16.98
CA SER A 57 21.56 8.51 16.35
C SER A 57 22.61 7.72 17.12
N GLU A 58 22.46 7.58 18.43
CA GLU A 58 23.41 6.77 19.20
C GLU A 58 23.46 5.35 18.68
N TYR A 59 22.30 4.76 18.39
CA TYR A 59 22.25 3.41 17.86
C TYR A 59 23.00 3.31 16.53
N TRP A 60 22.72 4.22 15.60
CA TRP A 60 23.29 4.12 14.27
C TRP A 60 24.78 4.41 14.27
N ASP A 61 25.22 5.37 15.10
CA ASP A 61 26.65 5.63 15.24
C ASP A 61 27.38 4.40 15.77
N ARG A 62 26.81 3.75 16.78
CA ARG A 62 27.46 2.57 17.36
C ARG A 62 27.51 1.43 16.36
N GLU A 63 26.40 1.14 15.68
CA GLU A 63 26.43 0.07 14.69
C GLU A 63 27.36 0.40 13.54
N THR A 64 27.42 1.68 13.13
CA THR A 64 28.34 2.07 12.07
C THR A 64 29.80 1.85 12.48
N ARG A 65 30.13 2.19 13.73
CA ARG A 65 31.49 1.95 14.20
C ARG A 65 31.80 0.46 14.25
N SER A 66 30.85 -0.35 14.71
CA SER A 66 31.07 -1.80 14.77
C SER A 66 31.26 -2.39 13.38
N ALA A 67 30.42 -1.99 12.42
CA ALA A 67 30.50 -2.55 11.08
C ALA A 67 31.78 -2.13 10.37
N ARG A 68 32.18 -0.86 10.52
CA ARG A 68 33.46 -0.42 9.95
C ARG A 68 34.61 -1.23 10.53
N ASP A 69 34.60 -1.47 11.86
CA ASP A 69 35.68 -2.25 12.47
C ASP A 69 35.64 -3.70 12.01
N THR A 70 34.44 -4.27 11.88
CA THR A 70 34.33 -5.66 11.43
C THR A 70 34.89 -5.82 10.02
N ALA A 71 34.59 -4.86 9.14
CA ALA A 71 35.13 -4.90 7.78
C ALA A 71 36.66 -4.92 7.79
N GLN A 72 37.28 -4.14 8.68
CA GLN A 72 38.74 -4.16 8.78
C GLN A 72 39.23 -5.53 9.24
N ILE A 73 38.56 -6.12 10.22
CA ILE A 73 38.96 -7.44 10.70
C ILE A 73 38.86 -8.48 9.57
N PHE A 74 37.81 -8.39 8.75
CA PHE A 74 37.68 -9.35 7.66
C PHE A 74 38.73 -9.13 6.59
N ARG A 75 39.17 -7.88 6.39
CA ARG A 75 40.29 -7.65 5.47
C ARG A 75 41.55 -8.33 5.99
N VAL A 76 41.83 -8.19 7.29
CA VAL A 76 42.94 -8.90 7.90
C VAL A 76 42.76 -10.41 7.75
N ASN A 77 41.53 -10.91 8.00
CA ASN A 77 41.29 -12.35 7.93
C ASN A 77 41.48 -12.89 6.53
N LEU A 78 41.06 -12.15 5.50
CA LEU A 78 41.30 -12.59 4.13
C LEU A 78 42.80 -12.69 3.84
N ARG A 79 43.59 -11.74 4.35
CA ARG A 79 45.03 -11.80 4.17
C ARG A 79 45.63 -12.99 4.90
N THR A 80 45.14 -13.28 6.11
CA THR A 80 45.64 -14.41 6.88
C THR A 80 45.31 -15.73 6.19
N LEU A 81 44.06 -15.87 5.73
CA LEU A 81 43.64 -17.11 5.08
C LEU A 81 44.42 -17.36 3.81
N ARG A 82 44.66 -16.30 3.03
CA ARG A 82 45.47 -16.43 1.82
C ARG A 82 46.84 -17.02 2.14
N GLY A 83 47.43 -16.64 3.27
CA GLY A 83 48.71 -17.19 3.66
C GLY A 83 48.61 -18.64 4.12
N TYR A 84 47.56 -18.97 4.89
CA TYR A 84 47.35 -20.34 5.32
C TYR A 84 47.32 -21.30 4.12
N TYR A 85 46.68 -20.88 3.03
CA TYR A 85 46.47 -21.74 1.88
C TYR A 85 47.48 -21.48 0.77
N ASN A 86 48.48 -20.63 1.02
CA ASN A 86 49.52 -20.33 0.03
C ASN A 86 48.91 -19.88 -1.29
N GLN A 87 47.92 -19.00 -1.20
CA GLN A 87 47.23 -18.47 -2.36
C GLN A 87 47.82 -17.12 -2.75
N SER A 88 47.82 -16.85 -4.05
CA SER A 88 48.34 -15.60 -4.56
C SER A 88 47.37 -14.46 -4.30
N GLU A 89 47.89 -13.24 -4.41
CA GLU A 89 47.08 -12.04 -4.25
C GLU A 89 46.24 -11.73 -5.49
N ALA A 90 46.38 -12.52 -6.56
CA ALA A 90 45.67 -12.25 -7.81
C ALA A 90 44.28 -12.84 -7.85
N GLY A 91 43.93 -13.70 -6.91
CA GLY A 91 42.62 -14.34 -6.88
C GLY A 91 41.67 -13.65 -5.91
N SER A 92 40.40 -13.55 -6.31
CA SER A 92 39.37 -13.05 -5.43
C SER A 92 38.88 -14.17 -4.52
N HIS A 93 38.78 -13.87 -3.23
CA HIS A 93 38.36 -14.86 -2.25
C HIS A 93 37.25 -14.28 -1.40
N THR A 94 36.45 -15.17 -0.81
CA THR A 94 35.24 -14.79 -0.09
C THR A 94 35.31 -15.32 1.33
N LEU A 95 35.03 -14.45 2.29
CA LEU A 95 34.90 -14.83 3.70
C LEU A 95 33.51 -14.46 4.16
N GLN A 96 32.77 -15.45 4.65
CA GLN A 96 31.40 -15.24 5.10
C GLN A 96 31.28 -15.60 6.57
N TRP A 97 30.39 -14.91 7.27
CA TRP A 97 30.20 -15.08 8.70
C TRP A 97 28.72 -14.93 8.99
N MET A 98 28.11 -15.96 9.58
CA MET A 98 26.75 -15.84 10.06
C MET A 98 26.75 -16.02 11.56
N HIS A 99 25.96 -15.20 12.25
N HIS A 99 25.93 -15.22 12.24
CA HIS A 99 25.93 -15.29 13.69
CA HIS A 99 25.95 -15.04 13.68
C HIS A 99 24.60 -14.73 14.18
C HIS A 99 24.54 -14.74 14.14
N GLY A 100 24.20 -15.18 15.36
CA GLY A 100 22.93 -14.77 15.92
C GLY A 100 22.42 -15.80 16.91
N CYS A 101 21.17 -15.58 17.31
CA CYS A 101 20.55 -16.34 18.39
C CYS A 101 19.09 -16.58 18.07
N GLU A 102 18.55 -17.65 18.65
CA GLU A 102 17.14 -17.99 18.52
C GLU A 102 16.50 -18.00 19.90
N LEU A 103 15.35 -17.35 20.01
CA LEU A 103 14.58 -17.36 21.24
C LEU A 103 13.52 -18.46 21.17
N GLY A 104 13.25 -19.07 22.31
CA GLY A 104 12.12 -19.96 22.44
C GLY A 104 10.86 -19.19 22.78
N PRO A 105 9.74 -19.92 22.85
CA PRO A 105 8.48 -19.28 23.22
C PRO A 105 8.52 -18.57 24.56
N ASP A 106 9.42 -18.97 25.46
CA ASP A 106 9.56 -18.32 26.76
C ASP A 106 10.38 -17.03 26.71
N GLY A 107 10.87 -16.64 25.54
CA GLY A 107 11.76 -15.50 25.45
C GLY A 107 13.17 -15.76 25.90
N ARG A 108 13.50 -17.00 26.26
CA ARG A 108 14.84 -17.36 26.71
C ARG A 108 15.68 -17.86 25.53
N PHE A 109 16.99 -17.80 25.72
CA PHE A 109 17.92 -18.27 24.70
C PHE A 109 17.67 -19.75 24.40
N LEU A 110 17.50 -20.06 23.12
CA LEU A 110 17.29 -21.43 22.66
C LEU A 110 18.51 -22.01 21.98
N ARG A 111 19.08 -21.30 21.01
CA ARG A 111 20.26 -21.76 20.30
C ARG A 111 20.99 -20.55 19.73
N GLY A 112 22.29 -20.68 19.57
CA GLY A 112 23.10 -19.67 18.94
C GLY A 112 23.98 -20.29 17.89
N TYR A 113 24.35 -19.47 16.91
CA TYR A 113 25.26 -19.91 15.86
C TYR A 113 26.36 -18.89 15.65
N GLU A 114 27.57 -19.40 15.43
CA GLU A 114 28.69 -18.58 14.97
C GLU A 114 29.47 -19.45 14.01
N GLN A 115 29.46 -19.07 12.72
CA GLN A 115 30.03 -19.92 11.69
C GLN A 115 30.74 -19.05 10.66
N PHE A 116 31.93 -19.48 10.27
CA PHE A 116 32.70 -18.84 9.22
C PHE A 116 32.83 -19.78 8.03
N ALA A 117 32.79 -19.21 6.83
CA ALA A 117 33.05 -19.94 5.60
C ALA A 117 34.09 -19.21 4.78
N TYR A 118 34.99 -19.97 4.17
CA TYR A 118 35.98 -19.44 3.25
C TYR A 118 35.75 -20.05 1.88
N ASP A 119 35.54 -19.20 0.88
CA ASP A 119 35.27 -19.60 -0.50
C ASP A 119 34.14 -20.64 -0.57
N GLY A 120 33.04 -20.35 0.12
CA GLY A 120 31.81 -21.10 -0.03
C GLY A 120 31.72 -22.38 0.77
N LYS A 121 32.73 -22.72 1.57
CA LYS A 121 32.77 -23.95 2.33
C LYS A 121 32.93 -23.64 3.82
N ASP A 122 32.32 -24.48 4.66
CA ASP A 122 32.54 -24.39 6.10
C ASP A 122 34.02 -24.28 6.41
N TYR A 123 34.35 -23.37 7.33
CA TYR A 123 35.73 -23.18 7.78
C TYR A 123 35.84 -23.42 9.28
N LEU A 124 35.15 -22.62 10.09
CA LEU A 124 35.23 -22.72 11.54
C LEU A 124 33.85 -22.49 12.13
N THR A 125 33.39 -23.42 12.96
CA THR A 125 32.05 -23.38 13.50
C THR A 125 32.07 -23.60 15.00
N LEU A 126 31.29 -22.79 15.73
CA LEU A 126 31.12 -22.99 17.16
C LEU A 126 30.04 -24.04 17.38
N ASN A 127 30.37 -25.09 18.11
CA ASN A 127 29.41 -26.17 18.28
C ASN A 127 28.26 -25.72 19.19
N GLU A 128 27.22 -26.55 19.22
CA GLU A 128 26.03 -26.21 20.01
C GLU A 128 26.31 -26.19 21.50
N ASP A 129 27.38 -26.84 21.97
CA ASP A 129 27.76 -26.72 23.36
C ASP A 129 28.25 -25.32 23.71
N LEU A 130 28.50 -24.47 22.71
CA LEU A 130 29.04 -23.13 22.90
C LEU A 130 30.37 -23.15 23.66
N ARG A 131 31.12 -24.25 23.52
CA ARG A 131 32.44 -24.34 24.15
C ARG A 131 33.49 -25.03 23.30
N SER A 132 33.12 -25.80 22.28
CA SER A 132 34.07 -26.43 21.38
C SER A 132 33.84 -25.94 19.95
N TRP A 133 34.85 -26.15 19.11
CA TRP A 133 34.84 -25.69 17.74
C TRP A 133 34.95 -26.85 16.77
N THR A 134 34.45 -26.64 15.56
CA THR A 134 34.64 -27.55 14.43
C THR A 134 35.52 -26.85 13.41
N ALA A 135 36.74 -27.34 13.25
CA ALA A 135 37.66 -26.87 12.21
C ALA A 135 37.72 -27.89 11.09
N VAL A 136 37.67 -27.41 9.84
CA VAL A 136 37.52 -28.31 8.71
C VAL A 136 38.84 -28.84 8.15
N ASP A 137 39.95 -28.15 8.41
CA ASP A 137 41.25 -28.61 7.92
C ASP A 137 42.33 -28.07 8.86
N THR A 138 43.59 -28.21 8.45
CA THR A 138 44.70 -27.79 9.30
C THR A 138 44.78 -26.28 9.41
N ALA A 139 44.34 -25.55 8.38
CA ALA A 139 44.31 -24.10 8.46
C ALA A 139 43.30 -23.64 9.51
N ALA A 140 42.07 -24.16 9.45
CA ALA A 140 41.05 -23.82 10.43
C ALA A 140 41.46 -24.25 11.85
N GLN A 141 42.31 -25.26 11.98
CA GLN A 141 42.78 -25.64 13.30
C GLN A 141 43.65 -24.57 13.92
N ILE A 142 44.40 -23.82 13.10
CA ILE A 142 45.16 -22.68 13.62
C ILE A 142 44.19 -21.63 14.15
N SER A 143 43.19 -21.27 13.34
CA SER A 143 42.18 -20.32 13.78
C SER A 143 41.50 -20.80 15.05
N GLU A 144 41.22 -22.10 15.14
CA GLU A 144 40.60 -22.63 16.36
C GLU A 144 41.50 -22.43 17.56
N GLN A 145 42.80 -22.68 17.40
CA GLN A 145 43.73 -22.50 18.50
C GLN A 145 43.79 -21.03 18.93
N LYS A 146 43.73 -20.12 17.96
CA LYS A 146 43.74 -18.70 18.30
C LYS A 146 42.47 -18.30 19.04
N SER A 147 41.33 -18.87 18.64
CA SER A 147 40.09 -18.57 19.35
C SER A 147 40.12 -19.16 20.76
N ASN A 148 40.72 -20.34 20.93
CA ASN A 148 40.84 -20.90 22.26
C ASN A 148 41.78 -20.07 23.12
N ASP A 149 42.90 -19.62 22.55
CA ASP A 149 43.84 -18.77 23.28
C ASP A 149 43.16 -17.52 23.80
N ALA A 150 42.23 -16.96 23.02
CA ALA A 150 41.56 -15.72 23.37
C ALA A 150 40.24 -15.94 24.09
N SER A 151 39.92 -17.18 24.48
CA SER A 151 38.67 -17.50 25.17
C SER A 151 37.46 -17.01 24.38
N GLU A 152 37.55 -17.10 23.05
CA GLU A 152 36.50 -16.57 22.19
C GLU A 152 35.16 -17.24 22.44
N ALA A 153 35.16 -18.53 22.79
CA ALA A 153 33.90 -19.23 23.02
C ALA A 153 33.14 -18.64 24.20
N GLU A 154 33.85 -18.21 25.25
CA GLU A 154 33.17 -17.60 26.38
C GLU A 154 32.66 -16.21 26.04
N HIS A 155 33.39 -15.46 25.21
CA HIS A 155 32.89 -14.17 24.75
C HIS A 155 31.70 -14.34 23.82
N GLN A 156 31.68 -15.43 23.05
CA GLN A 156 30.52 -15.74 22.20
C GLN A 156 29.30 -16.07 23.04
N ARG A 157 29.46 -16.90 24.06
CA ARG A 157 28.34 -17.25 24.94
C ARG A 157 27.71 -15.99 25.53
N ALA A 158 28.54 -15.07 26.03
CA ALA A 158 28.02 -13.86 26.64
C ALA A 158 27.19 -13.05 25.64
N TYR A 159 27.63 -12.99 24.38
CA TYR A 159 26.85 -12.29 23.36
C TYR A 159 25.62 -13.10 22.96
N LEU A 160 25.82 -14.35 22.55
CA LEU A 160 24.70 -15.14 22.03
C LEU A 160 23.60 -15.32 23.07
N GLU A 161 23.98 -15.53 24.33
CA GLU A 161 22.98 -15.84 25.36
C GLU A 161 22.40 -14.60 26.03
N ASP A 162 23.13 -13.48 26.06
CA ASP A 162 22.64 -12.28 26.73
C ASP A 162 22.45 -11.13 25.76
N THR A 163 23.53 -10.54 25.23
CA THR A 163 23.40 -9.35 24.38
C THR A 163 22.46 -9.60 23.21
N CYS A 164 22.60 -10.75 22.55
CA CYS A 164 21.76 -11.06 21.40
C CYS A 164 20.30 -11.23 21.80
N VAL A 165 20.05 -11.94 22.90
CA VAL A 165 18.69 -12.16 23.38
C VAL A 165 18.03 -10.85 23.79
N GLU A 166 18.78 -10.00 24.51
CA GLU A 166 18.22 -8.73 24.98
C GLU A 166 17.78 -7.86 23.80
N TRP A 167 18.60 -7.79 22.75
CA TRP A 167 18.29 -6.91 21.64
C TRP A 167 17.23 -7.49 20.72
N LEU A 168 17.15 -8.82 20.61
CA LEU A 168 16.06 -9.42 19.86
C LEU A 168 14.71 -9.08 20.50
N HIS A 169 14.66 -9.11 21.84
CA HIS A 169 13.46 -8.67 22.53
C HIS A 169 13.11 -7.22 22.22
N LYS A 170 14.14 -6.36 22.15
CA LYS A 170 13.90 -4.95 21.87
C LYS A 170 13.41 -4.74 20.44
N TYR A 171 14.01 -5.44 19.47
CA TYR A 171 13.57 -5.32 18.10
C TYR A 171 12.14 -5.84 17.92
N LEU A 172 11.82 -6.97 18.55
CA LEU A 172 10.47 -7.53 18.47
C LEU A 172 9.44 -6.58 19.06
N GLU A 173 9.82 -5.78 20.06
CA GLU A 173 8.91 -4.80 20.62
C GLU A 173 8.74 -3.60 19.70
N LYS A 174 9.84 -3.11 19.12
CA LYS A 174 9.77 -1.93 18.26
C LYS A 174 9.01 -2.20 16.97
N GLY A 175 9.05 -3.44 16.47
CA GLY A 175 8.37 -3.75 15.23
C GLY A 175 7.25 -4.77 15.39
N LYS A 176 6.62 -4.79 16.56
CA LYS A 176 5.65 -5.84 16.87
C LYS A 176 4.48 -5.85 15.91
N GLU A 177 4.05 -4.67 15.43
CA GLU A 177 2.87 -4.59 14.58
C GLU A 177 3.05 -5.36 13.28
N THR A 178 4.28 -5.44 12.77
CA THR A 178 4.56 -6.19 11.55
C THR A 178 5.26 -7.53 11.84
N LEU A 179 6.18 -7.56 12.81
CA LEU A 179 6.95 -8.77 13.06
C LEU A 179 6.10 -9.88 13.66
N LEU A 180 5.12 -9.53 14.50
CA LEU A 180 4.30 -10.52 15.17
C LEU A 180 2.97 -10.76 14.46
N HIS A 181 2.73 -10.10 13.34
CA HIS A 181 1.50 -10.28 12.58
C HIS A 181 1.72 -11.40 11.56
N LEU A 182 0.98 -12.49 11.72
CA LEU A 182 1.02 -13.58 10.75
C LEU A 182 0.11 -13.27 9.58
N GLU A 183 0.65 -13.33 8.38
CA GLU A 183 -0.13 -13.10 7.18
C GLU A 183 -0.39 -14.42 6.47
N PRO A 184 -1.61 -14.95 6.51
CA PRO A 184 -1.86 -16.25 5.89
C PRO A 184 -1.74 -16.17 4.37
N PRO A 185 -1.50 -17.31 3.71
CA PRO A 185 -1.42 -17.29 2.25
C PRO A 185 -2.78 -17.15 1.61
N LYS A 186 -2.82 -16.41 0.50
CA LYS A 186 -3.95 -16.45 -0.41
C LYS A 186 -3.70 -17.57 -1.41
N THR A 187 -4.64 -18.50 -1.51
CA THR A 187 -4.42 -19.73 -2.26
C THR A 187 -5.43 -19.87 -3.39
N HIS A 188 -4.99 -20.47 -4.48
CA HIS A 188 -5.87 -20.86 -5.58
C HIS A 188 -5.16 -21.92 -6.42
N VAL A 189 -5.94 -22.60 -7.25
CA VAL A 189 -5.44 -23.63 -8.14
C VAL A 189 -5.70 -23.20 -9.58
N THR A 190 -4.70 -23.36 -10.44
CA THR A 190 -4.83 -23.08 -11.86
C THR A 190 -4.64 -24.37 -12.65
N HIS A 191 -5.16 -24.35 -13.88
CA HIS A 191 -5.21 -25.52 -14.75
C HIS A 191 -4.67 -25.12 -16.11
N HIS A 192 -3.69 -25.88 -16.60
CA HIS A 192 -3.02 -25.58 -17.87
C HIS A 192 -2.88 -26.87 -18.67
N PRO A 193 -3.72 -27.06 -19.69
CA PRO A 193 -3.63 -28.28 -20.49
C PRO A 193 -2.34 -28.31 -21.30
N ILE A 194 -1.65 -29.45 -21.26
CA ILE A 194 -0.42 -29.63 -22.02
C ILE A 194 -0.78 -30.17 -23.40
N SER A 195 -1.36 -31.36 -23.44
CA SER A 195 -1.83 -31.98 -24.67
C SER A 195 -3.32 -32.28 -24.53
N ASP A 196 -3.85 -33.08 -25.46
CA ASP A 196 -5.22 -33.54 -25.36
C ASP A 196 -5.40 -34.53 -24.21
N HIS A 197 -4.31 -35.11 -23.70
CA HIS A 197 -4.39 -36.18 -22.71
C HIS A 197 -3.88 -35.79 -21.33
N GLU A 198 -3.14 -34.68 -21.19
CA GLU A 198 -2.55 -34.34 -19.91
C GLU A 198 -2.69 -32.85 -19.64
N ALA A 199 -2.71 -32.50 -18.35
CA ALA A 199 -2.86 -31.13 -17.90
C ALA A 199 -2.04 -30.91 -16.65
N THR A 200 -1.68 -29.64 -16.42
CA THR A 200 -0.90 -29.25 -15.25
C THR A 200 -1.82 -28.56 -14.25
N LEU A 201 -1.83 -29.08 -13.02
CA LEU A 201 -2.50 -28.42 -11.90
C LEU A 201 -1.43 -27.70 -11.08
N ARG A 202 -1.61 -26.39 -10.90
CA ARG A 202 -0.65 -25.57 -10.16
C ARG A 202 -1.34 -24.99 -8.94
N CYS A 203 -0.81 -25.27 -7.76
CA CYS A 203 -1.36 -24.79 -6.50
C CYS A 203 -0.54 -23.60 -6.02
N TRP A 204 -1.19 -22.46 -5.85
CA TRP A 204 -0.53 -21.20 -5.53
C TRP A 204 -0.72 -20.82 -4.07
N ALA A 205 0.33 -20.27 -3.47
CA ALA A 205 0.25 -19.63 -2.16
C ALA A 205 0.98 -18.30 -2.27
N LEU A 206 0.26 -17.21 -2.01
CA LEU A 206 0.77 -15.87 -2.29
C LEU A 206 0.62 -14.98 -1.07
N GLY A 207 1.60 -14.10 -0.88
CA GLY A 207 1.55 -13.04 0.12
C GLY A 207 1.54 -13.50 1.56
N PHE A 208 2.28 -14.56 1.89
CA PHE A 208 2.29 -15.05 3.26
C PHE A 208 3.55 -14.59 4.00
N TYR A 209 3.45 -14.60 5.33
CA TYR A 209 4.56 -14.30 6.21
C TYR A 209 4.28 -15.04 7.51
N PRO A 210 5.28 -15.75 8.09
CA PRO A 210 6.65 -15.89 7.60
C PRO A 210 6.80 -16.81 6.39
N ALA A 211 8.04 -17.06 5.98
CA ALA A 211 8.30 -17.77 4.75
C ALA A 211 8.05 -19.27 4.85
N GLU A 212 8.11 -19.84 6.05
CA GLU A 212 7.88 -21.27 6.22
C GLU A 212 6.47 -21.64 5.80
N ILE A 213 6.36 -22.62 4.92
CA ILE A 213 5.07 -23.07 4.42
C ILE A 213 5.26 -24.48 3.87
N THR A 214 4.15 -25.24 3.81
CA THR A 214 4.14 -26.56 3.22
C THR A 214 3.01 -26.64 2.21
N LEU A 215 3.37 -26.87 0.94
CA LEU A 215 2.39 -27.08 -0.13
C LEU A 215 2.53 -28.52 -0.61
N THR A 216 1.46 -29.30 -0.49
CA THR A 216 1.48 -30.71 -0.84
C THR A 216 0.29 -31.02 -1.74
N TRP A 217 0.56 -31.64 -2.88
CA TRP A 217 -0.48 -32.21 -3.72
C TRP A 217 -0.78 -33.62 -3.22
N GLN A 218 -1.99 -33.82 -2.72
CA GLN A 218 -2.44 -35.12 -2.26
C GLN A 218 -3.35 -35.76 -3.29
N GLN A 219 -3.39 -37.08 -3.30
CA GLN A 219 -4.25 -37.80 -4.23
C GLN A 219 -4.91 -38.96 -3.52
N ASP A 220 -6.03 -39.42 -4.10
CA ASP A 220 -6.90 -40.41 -3.46
C ASP A 220 -6.46 -41.85 -3.70
N GLY A 221 -5.20 -42.09 -4.06
CA GLY A 221 -4.74 -43.42 -4.37
C GLY A 221 -5.07 -43.91 -5.76
N GLU A 222 -5.93 -43.21 -6.50
CA GLU A 222 -6.26 -43.56 -7.87
C GLU A 222 -5.71 -42.55 -8.88
N GLY A 223 -4.86 -41.63 -8.44
CA GLY A 223 -4.25 -40.66 -9.33
C GLY A 223 -2.92 -41.17 -9.86
N HIS A 224 -2.67 -40.92 -11.13
CA HIS A 224 -1.46 -41.38 -11.82
C HIS A 224 -0.65 -40.14 -12.20
N THR A 225 0.20 -39.69 -11.28
CA THR A 225 0.96 -38.46 -11.49
C THR A 225 2.06 -38.69 -12.52
N GLN A 226 2.08 -37.84 -13.55
CA GLN A 226 3.13 -37.93 -14.57
C GLN A 226 4.36 -37.13 -14.20
N ASP A 227 4.20 -36.03 -13.47
CA ASP A 227 5.32 -35.16 -13.13
C ASP A 227 4.93 -34.29 -11.95
N THR A 228 5.94 -33.81 -11.22
CA THR A 228 5.75 -32.88 -10.12
C THR A 228 6.82 -31.79 -10.18
N GLU A 229 6.51 -30.65 -9.58
CA GLU A 229 7.47 -29.55 -9.48
C GLU A 229 7.08 -28.65 -8.33
N LEU A 230 8.08 -28.27 -7.53
CA LEU A 230 7.88 -27.40 -6.38
C LEU A 230 8.99 -26.36 -6.40
N VAL A 231 8.64 -25.09 -6.63
CA VAL A 231 9.66 -24.06 -6.72
C VAL A 231 10.04 -23.57 -5.34
N GLU A 232 11.26 -23.04 -5.24
CA GLU A 232 11.73 -22.44 -4.00
C GLU A 232 10.85 -21.27 -3.62
N THR A 233 10.58 -21.14 -2.32
CA THR A 233 9.87 -19.98 -1.80
C THR A 233 10.63 -18.72 -2.18
N ARG A 234 9.90 -17.73 -2.67
CA ARG A 234 10.48 -16.54 -3.24
C ARG A 234 9.86 -15.29 -2.63
N PRO A 235 10.61 -14.19 -2.52
CA PRO A 235 10.03 -12.97 -1.97
C PRO A 235 9.17 -12.25 -2.99
N ALA A 236 8.00 -11.80 -2.54
CA ALA A 236 7.14 -10.98 -3.39
C ALA A 236 7.68 -9.57 -3.58
N GLY A 237 8.58 -9.13 -2.70
CA GLY A 237 9.13 -7.80 -2.75
C GLY A 237 8.52 -6.82 -1.77
N ASP A 238 7.42 -7.18 -1.13
CA ASP A 238 6.74 -6.30 -0.18
C ASP A 238 6.86 -6.78 1.26
N GLY A 239 7.76 -7.73 1.53
CA GLY A 239 7.88 -8.32 2.84
C GLY A 239 7.24 -9.69 2.98
N THR A 240 6.39 -10.09 2.04
CA THR A 240 5.74 -11.39 2.04
C THR A 240 6.39 -12.28 1.00
N PHE A 241 5.91 -13.53 0.91
CA PHE A 241 6.54 -14.56 0.10
C PHE A 241 5.50 -15.26 -0.77
N GLN A 242 6.01 -16.01 -1.75
CA GLN A 242 5.20 -16.77 -2.69
C GLN A 242 5.79 -18.16 -2.85
N LYS A 243 4.94 -19.10 -3.26
CA LYS A 243 5.38 -20.45 -3.56
C LYS A 243 4.27 -21.13 -4.36
N TRP A 244 4.65 -22.09 -5.21
CA TRP A 244 3.63 -22.93 -5.84
C TRP A 244 4.17 -24.33 -6.05
N ALA A 245 3.24 -25.27 -6.18
CA ALA A 245 3.51 -26.68 -6.45
C ALA A 245 2.62 -27.13 -7.59
N ALA A 246 3.20 -27.85 -8.54
CA ALA A 246 2.48 -28.32 -9.71
C ALA A 246 2.58 -29.83 -9.84
N VAL A 247 1.54 -30.41 -10.43
CA VAL A 247 1.52 -31.83 -10.80
C VAL A 247 0.97 -31.92 -12.22
N VAL A 248 1.53 -32.85 -13.00
CA VAL A 248 1.02 -33.15 -14.33
C VAL A 248 0.21 -34.43 -14.23
N VAL A 249 -1.07 -34.34 -14.55
CA VAL A 249 -2.01 -35.45 -14.35
C VAL A 249 -2.72 -35.72 -15.67
N PRO A 250 -3.22 -36.94 -15.85
CA PRO A 250 -4.03 -37.22 -17.05
C PRO A 250 -5.34 -36.47 -17.00
N SER A 251 -5.69 -35.86 -18.13
CA SER A 251 -6.95 -35.14 -18.24
C SER A 251 -8.11 -36.07 -17.87
N GLY A 252 -8.99 -35.58 -17.01
CA GLY A 252 -10.08 -36.36 -16.47
C GLY A 252 -9.86 -36.83 -15.04
N GLU A 253 -8.62 -36.84 -14.57
CA GLU A 253 -8.30 -37.25 -13.20
C GLU A 253 -8.09 -36.06 -12.26
N GLU A 254 -8.35 -34.83 -12.73
CA GLU A 254 -8.03 -33.64 -11.93
C GLU A 254 -8.69 -33.70 -10.55
N GLN A 255 -9.92 -34.22 -10.49
CA GLN A 255 -10.65 -34.22 -9.23
C GLN A 255 -10.14 -35.26 -8.25
N ARG A 256 -9.18 -36.10 -8.64
CA ARG A 256 -8.57 -37.02 -7.70
C ARG A 256 -7.47 -36.37 -6.89
N TYR A 257 -7.14 -35.11 -7.17
CA TYR A 257 -6.01 -34.43 -6.55
C TYR A 257 -6.49 -33.27 -5.69
N THR A 258 -5.83 -33.10 -4.55
CA THR A 258 -6.16 -32.08 -3.56
C THR A 258 -4.87 -31.43 -3.11
N CYS A 259 -4.83 -30.10 -3.16
CA CYS A 259 -3.67 -29.36 -2.66
C CYS A 259 -3.86 -29.03 -1.19
N HIS A 260 -2.86 -29.38 -0.38
CA HIS A 260 -2.88 -29.16 1.07
C HIS A 260 -1.87 -28.07 1.42
N VAL A 261 -2.33 -27.04 2.11
CA VAL A 261 -1.51 -25.88 2.43
C VAL A 261 -1.48 -25.71 3.94
N GLN A 262 -0.27 -25.69 4.51
CA GLN A 262 -0.08 -25.47 5.94
C GLN A 262 0.77 -24.22 6.15
N HIS A 263 0.29 -23.32 7.00
CA HIS A 263 1.01 -22.10 7.32
C HIS A 263 0.54 -21.59 8.68
N GLU A 264 1.48 -21.02 9.44
CA GLU A 264 1.17 -20.55 10.79
C GLU A 264 0.05 -19.51 10.80
N GLY A 265 -0.07 -18.73 9.73
CA GLY A 265 -1.12 -17.73 9.64
C GLY A 265 -2.50 -18.27 9.36
N LEU A 266 -2.62 -19.53 9.01
CA LEU A 266 -3.93 -20.15 8.81
C LEU A 266 -4.44 -20.73 10.12
N PRO A 267 -5.68 -20.44 10.51
CA PRO A 267 -6.20 -21.04 11.76
C PRO A 267 -6.22 -22.56 11.69
N GLU A 268 -6.46 -23.12 10.52
CA GLU A 268 -6.38 -24.55 10.27
C GLU A 268 -5.89 -24.75 8.84
N PRO A 269 -5.28 -25.89 8.55
CA PRO A 269 -4.80 -26.13 7.18
C PRO A 269 -5.93 -26.02 6.17
N VAL A 270 -5.57 -25.55 4.98
CA VAL A 270 -6.52 -25.33 3.88
C VAL A 270 -6.33 -26.44 2.86
N THR A 271 -7.43 -26.89 2.27
CA THR A 271 -7.40 -27.85 1.17
C THR A 271 -8.10 -27.24 -0.03
N LEU A 272 -7.45 -27.34 -1.19
CA LEU A 272 -7.98 -26.78 -2.42
C LEU A 272 -8.00 -27.86 -3.49
N ARG A 273 -9.00 -27.77 -4.37
CA ARG A 273 -9.05 -28.57 -5.58
C ARG A 273 -9.32 -27.64 -6.74
N TRP A 274 -9.11 -28.14 -7.95
CA TRP A 274 -9.37 -27.35 -9.14
C TRP A 274 -10.86 -27.41 -9.45
N LYS A 275 -11.58 -26.35 -9.09
CA LYS A 275 -12.95 -26.14 -9.52
C LYS A 275 -13.04 -24.81 -10.25
N PRO A 277 -13.35 -25.80 -13.01
CA PRO A 277 -13.32 -24.59 -13.83
C PRO A 277 -13.88 -23.36 -13.09
N MET B 1 38.13 -23.68 -4.96
CA MET B 1 37.16 -22.65 -5.32
C MET B 1 35.85 -23.28 -5.79
N ILE B 2 34.81 -23.16 -4.98
CA ILE B 2 33.52 -23.73 -5.35
C ILE B 2 32.83 -22.79 -6.34
N GLN B 3 31.95 -23.37 -7.15
CA GLN B 3 31.09 -22.60 -8.04
C GLN B 3 29.71 -23.22 -8.01
N ARG B 4 28.69 -22.38 -7.81
CA ARG B 4 27.30 -22.81 -7.84
C ARG B 4 26.54 -21.89 -8.79
N THR B 5 25.81 -22.49 -9.73
CA THR B 5 25.10 -21.70 -10.71
C THR B 5 23.79 -21.19 -10.13
N PRO B 6 23.37 -19.98 -10.50
CA PRO B 6 22.15 -19.41 -9.91
C PRO B 6 20.89 -20.12 -10.39
N LYS B 7 19.99 -20.37 -9.45
CA LYS B 7 18.61 -20.66 -9.78
C LYS B 7 17.90 -19.34 -10.05
N ILE B 8 17.00 -19.32 -11.03
CA ILE B 8 16.40 -18.09 -11.51
C ILE B 8 14.89 -18.25 -11.56
N GLN B 9 14.17 -17.31 -10.96
CA GLN B 9 12.72 -17.22 -11.10
C GLN B 9 12.34 -15.80 -11.51
N VAL B 10 11.52 -15.70 -12.55
CA VAL B 10 10.96 -14.43 -13.00
C VAL B 10 9.46 -14.46 -12.77
N TYR B 11 8.92 -13.42 -12.12
CA TYR B 11 7.54 -13.45 -11.68
C TYR B 11 7.13 -12.03 -11.28
N SER B 12 5.84 -11.85 -11.06
CA SER B 12 5.28 -10.58 -10.64
C SER B 12 4.90 -10.61 -9.17
N ARG B 13 4.84 -9.43 -8.56
CA ARG B 13 4.46 -9.34 -7.16
C ARG B 13 3.00 -9.74 -6.94
N HIS B 14 2.12 -9.31 -7.84
CA HIS B 14 0.70 -9.60 -7.77
C HIS B 14 0.27 -10.33 -9.04
N PRO B 15 -0.81 -11.10 -8.97
CA PRO B 15 -1.33 -11.75 -10.19
C PRO B 15 -1.53 -10.72 -11.30
N ALA B 16 -0.98 -11.04 -12.47
CA ALA B 16 -0.92 -10.07 -13.56
C ALA B 16 -2.31 -9.83 -14.14
N GLU B 17 -2.73 -8.58 -14.15
CA GLU B 17 -3.92 -8.14 -14.87
C GLU B 17 -3.49 -7.14 -15.92
N ASN B 18 -3.95 -7.34 -17.15
CA ASN B 18 -3.55 -6.49 -18.26
C ASN B 18 -3.95 -5.04 -17.99
N GLY B 19 -2.97 -4.14 -18.11
CA GLY B 19 -3.21 -2.72 -17.95
C GLY B 19 -3.10 -2.19 -16.52
N LYS B 20 -2.75 -3.04 -15.56
CA LYS B 20 -2.66 -2.61 -14.16
C LYS B 20 -1.20 -2.65 -13.71
N SER B 21 -0.80 -1.59 -13.00
CA SER B 21 0.57 -1.48 -12.51
C SER B 21 0.91 -2.65 -11.59
N ASN B 22 2.16 -3.11 -11.69
CA ASN B 22 2.60 -4.30 -10.97
C ASN B 22 4.11 -4.15 -10.75
N PHE B 23 4.74 -5.21 -10.25
CA PHE B 23 6.19 -5.23 -10.07
C PHE B 23 6.74 -6.51 -10.69
N LEU B 24 7.77 -6.36 -11.52
CA LEU B 24 8.44 -7.50 -12.12
C LEU B 24 9.65 -7.88 -11.27
N ASN B 25 9.71 -9.15 -10.87
CA ASN B 25 10.77 -9.65 -9.99
C ASN B 25 11.64 -10.65 -10.73
N CYS B 26 12.94 -10.60 -10.44
CA CYS B 26 13.87 -11.66 -10.83
C CYS B 26 14.65 -12.08 -9.59
N TYR B 27 14.39 -13.30 -9.12
CA TYR B 27 15.01 -13.81 -7.91
C TYR B 27 16.11 -14.80 -8.30
N VAL B 28 17.35 -14.47 -7.96
CA VAL B 28 18.49 -15.35 -8.21
C VAL B 28 19.00 -15.86 -6.87
N SER B 29 19.19 -17.18 -6.78
CA SER B 29 19.56 -17.78 -5.51
C SER B 29 20.48 -18.97 -5.75
N GLY B 30 21.06 -19.45 -4.66
CA GLY B 30 21.89 -20.64 -4.70
C GLY B 30 23.20 -20.52 -5.44
N PHE B 31 23.72 -19.30 -5.64
CA PHE B 31 24.92 -19.13 -6.45
C PHE B 31 26.12 -18.76 -5.61
N HIS B 32 27.30 -18.99 -6.19
CA HIS B 32 28.59 -18.71 -5.56
C HIS B 32 29.66 -18.79 -6.64
N PRO B 33 30.59 -17.81 -6.73
CA PRO B 33 30.74 -16.63 -5.88
C PRO B 33 29.65 -15.57 -6.09
N SER B 34 29.76 -14.48 -5.32
CA SER B 34 28.68 -13.50 -5.22
C SER B 34 28.59 -12.60 -6.43
N ASP B 35 29.66 -12.46 -7.22
CA ASP B 35 29.62 -11.58 -8.38
C ASP B 35 28.59 -12.09 -9.40
N ILE B 36 27.68 -11.22 -9.79
CA ILE B 36 26.57 -11.61 -10.66
C ILE B 36 25.98 -10.36 -11.30
N GLU B 37 25.55 -10.50 -12.55
CA GLU B 37 24.95 -9.42 -13.32
C GLU B 37 23.55 -9.83 -13.72
N VAL B 38 22.57 -8.99 -13.42
CA VAL B 38 21.16 -9.29 -13.66
C VAL B 38 20.49 -8.07 -14.28
N ASP B 39 19.84 -8.26 -15.42
CA ASP B 39 19.10 -7.20 -16.09
C ASP B 39 17.70 -7.69 -16.43
N LEU B 40 16.72 -6.80 -16.29
CA LEU B 40 15.36 -7.07 -16.70
C LEU B 40 15.13 -6.45 -18.07
N LEU B 41 14.46 -7.20 -18.95
CA LEU B 41 14.28 -6.81 -20.34
C LEU B 41 12.80 -6.65 -20.65
N LYS B 42 12.48 -5.61 -21.41
CA LYS B 42 11.16 -5.42 -21.98
C LYS B 42 11.29 -5.49 -23.49
N ASN B 43 10.71 -6.53 -24.09
CA ASN B 43 10.81 -6.77 -25.53
C ASN B 43 12.27 -6.83 -25.97
N GLY B 44 13.13 -7.37 -25.11
CA GLY B 44 14.53 -7.53 -25.41
C GLY B 44 15.41 -6.34 -25.06
N GLU B 45 14.83 -5.21 -24.66
CA GLU B 45 15.59 -4.02 -24.33
C GLU B 45 15.70 -3.87 -22.82
N ARG B 46 16.88 -3.46 -22.36
CA ARG B 46 17.16 -3.40 -20.93
C ARG B 46 16.32 -2.33 -20.26
N ILE B 47 15.64 -2.71 -19.19
CA ILE B 47 14.86 -1.78 -18.40
C ILE B 47 15.79 -1.01 -17.47
N GLU B 48 15.69 0.31 -17.49
CA GLU B 48 16.48 1.16 -16.61
C GLU B 48 15.79 1.31 -15.26
N LYS B 49 16.55 1.78 -14.27
CA LYS B 49 16.05 2.00 -12.91
C LYS B 49 15.56 0.70 -12.28
N VAL B 50 16.36 -0.35 -12.41
CA VAL B 50 16.10 -1.64 -11.78
C VAL B 50 16.90 -1.69 -10.48
N GLU B 51 16.20 -1.86 -9.37
CA GLU B 51 16.84 -1.97 -8.06
C GLU B 51 16.98 -3.43 -7.66
N HIS B 52 17.81 -3.66 -6.64
CA HIS B 52 18.01 -5.01 -6.12
C HIS B 52 18.21 -4.96 -4.61
N SER B 53 18.00 -6.11 -3.97
CA SER B 53 18.10 -6.23 -2.53
C SER B 53 19.56 -6.30 -2.08
N ASP B 54 19.75 -6.28 -0.77
CA ASP B 54 21.09 -6.35 -0.20
C ASP B 54 21.58 -7.79 -0.20
N LEU B 55 22.85 -7.97 -0.55
CA LEU B 55 23.42 -9.31 -0.66
C LEU B 55 23.31 -10.07 0.66
N SER B 56 22.68 -11.23 0.60
CA SER B 56 22.55 -12.12 1.74
C SER B 56 22.80 -13.55 1.25
N PHE B 57 22.83 -14.50 2.18
CA PHE B 57 23.13 -15.88 1.81
C PHE B 57 22.39 -16.85 2.70
N SER B 58 22.31 -18.11 2.24
CA SER B 58 21.57 -19.15 2.92
C SER B 58 22.48 -19.97 3.83
N LYS B 59 21.89 -20.97 4.47
CA LYS B 59 22.62 -21.82 5.41
C LYS B 59 23.79 -22.52 4.74
N ASP B 60 23.67 -22.88 3.47
CA ASP B 60 24.74 -23.55 2.73
C ASP B 60 25.74 -22.58 2.13
N TRP B 61 25.67 -21.30 2.52
CA TRP B 61 26.56 -20.20 2.14
C TRP B 61 26.29 -19.67 0.74
N SER B 62 25.30 -20.19 0.03
CA SER B 62 25.01 -19.68 -1.31
C SER B 62 24.23 -18.37 -1.21
N PHE B 63 24.48 -17.48 -2.17
CA PHE B 63 23.93 -16.13 -2.14
C PHE B 63 22.54 -16.07 -2.78
N TYR B 64 21.81 -15.02 -2.43
CA TYR B 64 20.53 -14.75 -3.09
C TYR B 64 20.32 -13.24 -3.17
N LEU B 65 19.64 -12.83 -4.24
CA LEU B 65 19.34 -11.43 -4.52
C LEU B 65 18.01 -11.35 -5.26
N LEU B 66 17.27 -10.28 -4.99
CA LEU B 66 16.03 -9.98 -5.70
C LEU B 66 16.23 -8.70 -6.50
N TYR B 67 15.98 -8.77 -7.80
CA TYR B 67 15.96 -7.61 -8.68
C TYR B 67 14.52 -7.30 -9.06
N TYR B 68 14.13 -6.03 -9.00
CA TYR B 68 12.72 -5.70 -9.18
C TYR B 68 12.58 -4.35 -9.86
N THR B 69 11.45 -4.19 -10.56
CA THR B 69 11.10 -2.93 -11.18
C THR B 69 9.59 -2.85 -11.34
N GLU B 70 9.06 -1.63 -11.25
CA GLU B 70 7.65 -1.43 -11.51
C GLU B 70 7.36 -1.66 -12.98
N PHE B 71 6.23 -2.29 -13.29
CA PHE B 71 5.84 -2.47 -14.67
C PHE B 71 4.34 -2.61 -14.76
N THR B 72 3.83 -2.53 -15.99
CA THR B 72 2.42 -2.73 -16.29
C THR B 72 2.33 -3.77 -17.40
N PRO B 73 1.92 -5.00 -17.08
CA PRO B 73 1.90 -6.04 -18.11
C PRO B 73 0.79 -5.81 -19.13
N THR B 74 1.11 -6.07 -20.38
CA THR B 74 0.15 -5.99 -21.48
C THR B 74 0.02 -7.36 -22.14
N GLU B 75 -0.82 -7.43 -23.18
CA GLU B 75 -1.05 -8.69 -23.86
C GLU B 75 0.18 -9.13 -24.66
N LYS B 76 0.88 -8.17 -25.30
CA LYS B 76 1.93 -8.51 -26.26
C LYS B 76 3.34 -8.16 -25.78
N ASP B 77 3.50 -7.38 -24.72
CA ASP B 77 4.83 -7.05 -24.24
C ASP B 77 5.49 -8.27 -23.60
N GLU B 78 6.72 -8.56 -23.99
CA GLU B 78 7.48 -9.68 -23.45
C GLU B 78 8.49 -9.16 -22.44
N TYR B 79 8.50 -9.76 -21.25
CA TYR B 79 9.45 -9.41 -20.22
C TYR B 79 10.33 -10.62 -19.91
N ALA B 80 11.57 -10.36 -19.51
CA ALA B 80 12.51 -11.43 -19.25
C ALA B 80 13.56 -10.94 -18.26
N CYS B 81 14.31 -11.90 -17.72
CA CYS B 81 15.47 -11.62 -16.88
C CYS B 81 16.70 -12.19 -17.56
N ARG B 82 17.77 -11.39 -17.60
CA ARG B 82 19.04 -11.80 -18.18
C ARG B 82 20.07 -11.84 -17.06
N VAL B 83 20.68 -13.01 -16.84
CA VAL B 83 21.57 -13.24 -15.72
C VAL B 83 22.93 -13.67 -16.26
N ASN B 84 23.99 -13.05 -15.75
CA ASN B 84 25.36 -13.44 -16.07
C ASN B 84 26.09 -13.79 -14.78
N HIS B 85 26.84 -14.90 -14.83
CA HIS B 85 27.56 -15.42 -13.68
C HIS B 85 28.77 -16.19 -14.21
N VAL B 86 29.75 -16.40 -13.33
CA VAL B 86 30.96 -17.12 -13.73
C VAL B 86 30.65 -18.52 -14.23
N THR B 87 29.59 -19.15 -13.69
CA THR B 87 29.22 -20.50 -14.09
C THR B 87 28.47 -20.56 -15.42
N LEU B 88 28.15 -19.41 -16.02
CA LEU B 88 27.37 -19.37 -17.25
C LEU B 88 28.29 -19.01 -18.41
N SER B 89 28.37 -19.90 -19.40
CA SER B 89 29.20 -19.62 -20.58
C SER B 89 28.76 -18.34 -21.27
N GLN B 90 27.46 -18.10 -21.33
CA GLN B 90 26.88 -16.88 -21.89
C GLN B 90 25.72 -16.46 -21.01
N PRO B 91 25.37 -15.17 -21.02
CA PRO B 91 24.25 -14.71 -20.20
C PRO B 91 22.97 -15.49 -20.49
N LYS B 92 22.35 -15.99 -19.42
CA LYS B 92 21.13 -16.79 -19.52
C LYS B 92 19.91 -15.89 -19.51
N ILE B 93 18.93 -16.23 -20.34
CA ILE B 93 17.70 -15.44 -20.49
C ILE B 93 16.52 -16.34 -20.11
N VAL B 94 15.67 -15.84 -19.22
CA VAL B 94 14.47 -16.54 -18.77
C VAL B 94 13.28 -15.62 -19.00
N LYS B 95 12.34 -16.05 -19.83
CA LYS B 95 11.17 -15.23 -20.15
C LYS B 95 10.16 -15.27 -19.00
N TRP B 96 9.48 -14.14 -18.81
CA TRP B 96 8.42 -14.08 -17.81
C TRP B 96 7.18 -14.83 -18.31
N ASP B 97 6.66 -15.72 -17.48
CA ASP B 97 5.44 -16.47 -17.74
C ASP B 97 4.47 -16.13 -16.62
N ARG B 98 3.36 -15.47 -16.99
CA ARG B 98 2.45 -14.95 -15.97
C ARG B 98 1.78 -16.04 -15.16
N ASP B 99 1.88 -17.30 -15.57
CA ASP B 99 1.30 -18.42 -14.84
C ASP B 99 2.35 -19.17 -14.02
N MET B 100 3.52 -18.60 -13.83
CA MET B 100 4.59 -19.25 -13.08
C MET B 100 5.30 -18.27 -12.14
N GLY C 1 -28.14 18.34 19.57
CA GLY C 1 -28.20 19.52 18.74
C GLY C 1 -28.97 19.29 17.46
N SER C 2 -28.79 20.19 16.49
CA SER C 2 -29.44 20.02 15.20
C SER C 2 -28.84 18.83 14.45
N HIS C 3 -29.67 18.20 13.62
CA HIS C 3 -29.25 17.02 12.87
C HIS C 3 -29.77 17.12 11.45
N SER C 4 -29.12 16.38 10.54
CA SER C 4 -29.55 16.36 9.15
C SER C 4 -29.39 14.98 8.55
N LEU C 5 -30.26 14.66 7.59
CA LEU C 5 -30.13 13.49 6.74
C LEU C 5 -30.05 14.01 5.31
N LYS C 6 -28.95 13.72 4.63
CA LYS C 6 -28.67 14.31 3.33
C LYS C 6 -28.17 13.24 2.36
N TYR C 7 -28.66 13.28 1.13
CA TYR C 7 -28.16 12.41 0.07
C TYR C 7 -27.54 13.24 -1.03
N PHE C 8 -26.47 12.71 -1.63
CA PHE C 8 -25.74 13.37 -2.70
C PHE C 8 -25.59 12.37 -3.85
N HIS C 9 -26.16 12.70 -5.01
CA HIS C 9 -26.16 11.81 -6.15
C HIS C 9 -25.40 12.45 -7.31
N THR C 10 -24.52 11.69 -7.96
CA THR C 10 -23.76 12.18 -9.10
C THR C 10 -23.90 11.17 -10.24
N SER C 11 -24.32 11.65 -11.41
CA SER C 11 -24.36 10.84 -12.63
C SER C 11 -23.50 11.51 -13.69
N VAL C 12 -22.62 10.74 -14.30
CA VAL C 12 -21.67 11.26 -15.29
C VAL C 12 -21.74 10.38 -16.53
N SER C 13 -22.11 10.96 -17.66
CA SER C 13 -22.20 10.18 -18.88
C SER C 13 -20.80 9.81 -19.38
N ARG C 14 -20.73 8.68 -20.09
CA ARG C 14 -19.47 8.13 -20.59
C ARG C 14 -19.68 7.77 -22.05
N PRO C 15 -19.40 8.70 -22.97
CA PRO C 15 -19.70 8.47 -24.38
C PRO C 15 -18.92 7.30 -24.94
N GLY C 16 -19.64 6.34 -25.53
CA GLY C 16 -19.03 5.16 -26.08
C GLY C 16 -18.47 4.18 -25.07
N ARG C 17 -18.76 4.37 -23.78
CA ARG C 17 -18.24 3.50 -22.73
C ARG C 17 -19.36 2.95 -21.86
N GLY C 18 -20.57 2.84 -22.40
CA GLY C 18 -21.68 2.27 -21.68
C GLY C 18 -22.55 3.30 -20.99
N GLU C 19 -23.29 2.82 -20.00
CA GLU C 19 -24.19 3.67 -19.23
C GLU C 19 -23.40 4.69 -18.42
N PRO C 20 -24.04 5.76 -17.96
CA PRO C 20 -23.34 6.72 -17.11
C PRO C 20 -22.91 6.10 -15.79
N ARG C 21 -21.83 6.64 -15.24
CA ARG C 21 -21.44 6.30 -13.88
C ARG C 21 -22.39 6.98 -12.90
N PHE C 22 -22.85 6.24 -11.89
CA PHE C 22 -23.79 6.78 -10.92
C PHE C 22 -23.31 6.45 -9.51
N ILE C 23 -23.25 7.47 -8.65
CA ILE C 23 -22.78 7.31 -7.28
C ILE C 23 -23.73 8.04 -6.35
N SER C 24 -24.23 7.34 -5.33
CA SER C 24 -25.08 7.90 -4.29
C SER C 24 -24.37 7.75 -2.96
N VAL C 25 -24.34 8.82 -2.17
CA VAL C 25 -23.86 8.75 -0.80
C VAL C 25 -24.88 9.38 0.13
N GLY C 26 -25.03 8.80 1.31
CA GLY C 26 -25.91 9.33 2.33
C GLY C 26 -25.12 9.73 3.56
N TYR C 27 -25.51 10.84 4.18
CA TYR C 27 -24.90 11.34 5.40
C TYR C 27 -25.96 11.57 6.46
N VAL C 28 -25.64 11.21 7.70
CA VAL C 28 -26.31 11.74 8.87
C VAL C 28 -25.32 12.67 9.53
N ASP C 29 -25.66 13.95 9.62
CA ASP C 29 -24.72 14.97 10.14
C ASP C 29 -23.46 14.89 9.29
N ASP C 30 -22.27 14.82 9.88
CA ASP C 30 -21.01 14.71 9.14
C ASP C 30 -20.54 13.27 8.99
N THR C 31 -21.43 12.29 9.10
CA THR C 31 -21.06 10.87 9.06
C THR C 31 -21.70 10.22 7.84
N GLN C 32 -20.88 9.76 6.90
CA GLN C 32 -21.42 8.98 5.80
C GLN C 32 -21.88 7.62 6.31
N PHE C 33 -23.07 7.19 5.87
CA PHE C 33 -23.58 5.92 6.36
C PHE C 33 -23.98 4.93 5.28
N VAL C 34 -24.20 5.36 4.03
CA VAL C 34 -24.50 4.44 2.94
C VAL C 34 -23.82 4.92 1.67
N ARG C 35 -23.59 3.99 0.76
CA ARG C 35 -23.09 4.29 -0.58
C ARG C 35 -23.72 3.36 -1.60
N PHE C 36 -23.99 3.87 -2.78
CA PHE C 36 -24.33 3.06 -3.95
C PHE C 36 -23.47 3.51 -5.12
N ASP C 37 -22.85 2.55 -5.79
CA ASP C 37 -21.98 2.82 -6.93
C ASP C 37 -22.28 1.79 -8.01
N ASN C 38 -22.73 2.26 -9.17
CA ASN C 38 -23.19 1.35 -10.22
C ASN C 38 -22.04 0.74 -11.02
N ASP C 39 -20.79 1.03 -10.68
CA ASP C 39 -19.64 0.48 -11.40
C ASP C 39 -19.35 -0.95 -10.92
N ALA C 40 -20.34 -1.81 -11.12
CA ALA C 40 -20.26 -3.20 -10.72
C ALA C 40 -21.30 -3.99 -11.50
N ALA C 41 -21.08 -5.31 -11.58
CA ALA C 41 -22.02 -6.16 -12.32
C ALA C 41 -23.38 -6.19 -11.63
N SER C 42 -23.38 -6.31 -10.30
CA SER C 42 -24.62 -6.33 -9.50
C SER C 42 -24.46 -5.32 -8.38
N PRO C 43 -24.62 -4.03 -8.66
CA PRO C 43 -24.35 -3.00 -7.65
C PRO C 43 -25.39 -3.00 -6.55
N ARG C 44 -24.93 -2.76 -5.32
CA ARG C 44 -25.79 -2.76 -4.15
C ARG C 44 -25.59 -1.49 -3.36
N MET C 45 -26.64 -1.07 -2.65
CA MET C 45 -26.46 -0.13 -1.56
C MET C 45 -25.77 -0.84 -0.41
N VAL C 46 -24.70 -0.24 0.12
CA VAL C 46 -23.90 -0.91 1.14
C VAL C 46 -23.71 0.01 2.34
N PRO C 47 -23.51 -0.52 3.54
CA PRO C 47 -23.27 0.33 4.70
C PRO C 47 -21.87 0.93 4.67
N ARG C 48 -21.76 2.18 5.11
CA ARG C 48 -20.48 2.85 5.23
C ARG C 48 -20.22 3.35 6.64
N ALA C 49 -21.09 3.00 7.59
CA ALA C 49 -20.91 3.23 9.01
C ALA C 49 -21.19 1.92 9.73
N PRO C 50 -20.42 1.59 10.77
CA PRO C 50 -20.59 0.28 11.42
C PRO C 50 -21.98 0.07 12.00
N TRP C 51 -22.65 1.14 12.44
CA TRP C 51 -23.97 0.98 13.04
C TRP C 51 -25.07 0.65 12.03
N MET C 52 -24.76 0.73 10.73
CA MET C 52 -25.72 0.32 9.71
C MET C 52 -25.63 -1.15 9.36
N GLU C 53 -24.63 -1.85 9.90
CA GLU C 53 -24.46 -3.27 9.59
C GLU C 53 -25.55 -4.13 10.23
N GLN C 54 -26.27 -3.60 11.22
CA GLN C 54 -27.35 -4.35 11.86
C GLN C 54 -28.64 -4.32 11.05
N GLU C 55 -28.73 -3.47 10.03
CA GLU C 55 -29.94 -3.43 9.20
C GLU C 55 -30.11 -4.72 8.42
N GLY C 56 -31.35 -5.21 8.38
CA GLY C 56 -31.64 -6.47 7.73
C GLY C 56 -31.70 -6.36 6.22
N SER C 57 -31.84 -7.52 5.58
CA SER C 57 -31.83 -7.59 4.13
C SER C 57 -32.98 -6.80 3.51
N GLU C 58 -34.08 -6.63 4.25
CA GLU C 58 -35.21 -5.87 3.73
C GLU C 58 -34.83 -4.42 3.49
N TYR C 59 -34.04 -3.83 4.38
CA TYR C 59 -33.55 -2.48 4.16
C TYR C 59 -32.66 -2.41 2.93
N TRP C 60 -31.68 -3.30 2.84
CA TRP C 60 -30.71 -3.23 1.75
C TRP C 60 -31.33 -3.55 0.40
N ASP C 61 -32.30 -4.46 0.35
CA ASP C 61 -33.00 -4.72 -0.91
C ASP C 61 -33.77 -3.48 -1.35
N ARG C 62 -34.49 -2.85 -0.42
CA ARG C 62 -35.26 -1.66 -0.75
C ARG C 62 -34.37 -0.54 -1.26
N GLU C 63 -33.28 -0.25 -0.53
CA GLU C 63 -32.42 0.86 -0.92
C GLU C 63 -31.65 0.57 -2.20
N THR C 64 -31.26 -0.69 -2.41
CA THR C 64 -30.62 -1.05 -3.67
C THR C 64 -31.57 -0.81 -4.85
N ARG C 65 -32.83 -1.21 -4.70
CA ARG C 65 -33.79 -1.04 -5.79
C ARG C 65 -34.06 0.43 -6.06
N SER C 66 -34.20 1.23 -5.00
CA SER C 66 -34.38 2.68 -5.18
C SER C 66 -33.19 3.30 -5.91
N ALA C 67 -31.98 2.92 -5.50
CA ALA C 67 -30.78 3.51 -6.10
C ALA C 67 -30.63 3.09 -7.55
N ARG C 68 -30.87 1.82 -7.86
CA ARG C 68 -30.82 1.39 -9.25
C ARG C 68 -31.87 2.09 -10.10
N ASP C 69 -33.07 2.26 -9.55
CA ASP C 69 -34.12 3.02 -10.26
C ASP C 69 -33.68 4.45 -10.50
N THR C 70 -33.07 5.08 -9.49
CA THR C 70 -32.63 6.46 -9.65
C THR C 70 -31.54 6.58 -10.71
N ALA C 71 -30.61 5.63 -10.72
CA ALA C 71 -29.56 5.63 -11.74
C ALA C 71 -30.18 5.61 -13.13
N GLN C 72 -31.23 4.81 -13.33
CA GLN C 72 -31.88 4.74 -14.62
C GLN C 72 -32.57 6.05 -14.98
N ILE C 73 -33.25 6.67 -14.02
CA ILE C 73 -33.89 7.97 -14.27
C ILE C 73 -32.85 9.01 -14.65
N PHE C 74 -31.69 9.00 -13.96
CA PHE C 74 -30.67 9.98 -14.24
C PHE C 74 -30.04 9.75 -15.61
N ARG C 75 -29.92 8.49 -16.04
CA ARG C 75 -29.49 8.23 -17.41
C ARG C 75 -30.45 8.83 -18.42
N VAL C 76 -31.76 8.67 -18.19
CA VAL C 76 -32.76 9.31 -19.04
C VAL C 76 -32.61 10.83 -18.97
N ASN C 77 -32.45 11.37 -17.76
CA ASN C 77 -32.34 12.82 -17.59
C ASN C 77 -31.15 13.38 -18.36
N LEU C 78 -30.00 12.69 -18.35
CA LEU C 78 -28.85 13.16 -19.10
C LEU C 78 -29.14 13.24 -20.59
N ARG C 79 -29.82 12.22 -21.14
N ARG C 79 -29.82 12.22 -21.14
CA ARG C 79 -30.23 12.27 -22.54
CA ARG C 79 -30.22 12.27 -22.53
C ARG C 79 -31.15 13.44 -22.80
C ARG C 79 -31.15 13.45 -22.81
N THR C 80 -32.11 13.68 -21.90
CA THR C 80 -33.05 14.79 -22.09
C THR C 80 -32.34 16.13 -22.08
N LEU C 81 -31.44 16.33 -21.11
CA LEU C 81 -30.73 17.60 -20.99
C LEU C 81 -29.84 17.85 -22.20
N ARG C 82 -29.16 16.80 -22.67
CA ARG C 82 -28.38 16.91 -23.90
C ARG C 82 -29.25 17.40 -25.05
N GLY C 83 -30.53 17.01 -25.07
CA GLY C 83 -31.43 17.50 -26.10
C GLY C 83 -31.83 18.95 -25.88
N TYR C 84 -32.12 19.32 -24.63
CA TYR C 84 -32.48 20.70 -24.33
C TYR C 84 -31.41 21.67 -24.79
N TYR C 85 -30.13 21.32 -24.61
CA TYR C 85 -29.03 22.22 -24.90
C TYR C 85 -28.37 21.92 -26.24
N ASN C 86 -28.94 21.02 -27.04
CA ASN C 86 -28.45 20.69 -28.37
C ASN C 86 -26.96 20.31 -28.32
N GLN C 87 -26.64 19.40 -27.41
CA GLN C 87 -25.27 18.97 -27.21
C GLN C 87 -25.02 17.62 -27.87
N SER C 88 -23.80 17.43 -28.36
CA SER C 88 -23.47 16.21 -29.07
C SER C 88 -23.34 15.03 -28.10
N GLU C 89 -23.46 13.83 -28.64
CA GLU C 89 -23.31 12.62 -27.84
C GLU C 89 -21.86 12.34 -27.47
N ALA C 90 -20.90 13.11 -28.00
CA ALA C 90 -19.50 12.84 -27.74
C ALA C 90 -19.00 13.42 -26.43
N GLY C 91 -19.71 14.39 -25.87
CA GLY C 91 -19.27 15.03 -24.64
C GLY C 91 -19.75 14.33 -23.39
N SER C 92 -18.95 14.42 -22.34
CA SER C 92 -19.32 13.91 -21.02
C SER C 92 -19.98 15.02 -20.23
N HIS C 93 -21.11 14.71 -19.60
CA HIS C 93 -21.88 15.69 -18.85
C HIS C 93 -22.22 15.13 -17.47
N THR C 94 -22.47 16.05 -16.54
CA THR C 94 -22.67 15.69 -15.15
C THR C 94 -24.04 16.18 -14.70
N LEU C 95 -24.78 15.32 -14.01
CA LEU C 95 -26.03 15.69 -13.37
C LEU C 95 -25.91 15.37 -11.89
N GLN C 96 -26.07 16.38 -11.05
CA GLN C 96 -26.02 16.18 -9.61
C GLN C 96 -27.36 16.51 -8.98
N TRP C 97 -27.65 15.82 -7.89
CA TRP C 97 -28.92 15.94 -7.19
C TRP C 97 -28.62 15.83 -5.71
N MET C 98 -29.04 16.81 -4.94
CA MET C 98 -28.90 16.70 -3.49
C MET C 98 -30.24 17.02 -2.86
N HIS C 99 -30.54 16.30 -1.79
CA HIS C 99 -31.77 16.51 -1.07
C HIS C 99 -31.56 16.07 0.36
N GLY C 100 -32.39 16.59 1.25
CA GLY C 100 -32.27 16.21 2.64
C GLY C 100 -33.16 17.07 3.50
N CYS C 101 -33.20 16.71 4.78
CA CYS C 101 -33.97 17.42 5.78
C CYS C 101 -33.06 17.79 6.93
N GLU C 102 -33.35 18.92 7.56
CA GLU C 102 -32.61 19.41 8.72
C GLU C 102 -33.59 19.61 9.87
N LEU C 103 -33.25 19.05 11.04
CA LEU C 103 -34.06 19.21 12.24
C LEU C 103 -33.37 20.17 13.20
N GLY C 104 -34.16 20.93 13.95
CA GLY C 104 -33.64 21.68 15.04
C GLY C 104 -33.25 20.79 16.20
N PRO C 105 -32.67 21.37 17.24
CA PRO C 105 -32.25 20.58 18.41
C PRO C 105 -33.40 19.88 19.12
N ASP C 106 -34.63 20.41 18.99
CA ASP C 106 -35.79 19.77 19.55
C ASP C 106 -36.48 18.83 18.57
N GLY C 107 -35.80 18.46 17.48
CA GLY C 107 -36.25 17.42 16.60
C GLY C 107 -37.33 17.81 15.60
N ARG C 108 -37.72 19.08 15.55
CA ARG C 108 -38.77 19.50 14.62
C ARG C 108 -38.16 20.00 13.32
N PHE C 109 -38.93 19.83 12.24
CA PHE C 109 -38.47 20.16 10.90
C PHE C 109 -38.06 21.62 10.80
N LEU C 110 -36.85 21.86 10.29
CA LEU C 110 -36.28 23.19 10.17
C LEU C 110 -36.11 23.63 8.72
N ARG C 111 -35.63 22.73 7.86
CA ARG C 111 -35.39 23.06 6.47
C ARG C 111 -35.40 21.77 5.66
N GLY C 112 -35.96 21.84 4.46
CA GLY C 112 -35.83 20.75 3.51
C GLY C 112 -35.34 21.31 2.20
N TYR C 113 -34.64 20.47 1.44
CA TYR C 113 -34.19 20.96 0.15
C TYR C 113 -34.11 19.83 -0.86
N GLU C 114 -34.25 20.22 -2.12
CA GLU C 114 -34.01 19.35 -3.25
C GLU C 114 -33.51 20.24 -4.36
N GLN C 115 -32.36 19.90 -4.93
CA GLN C 115 -31.78 20.75 -5.95
C GLN C 115 -31.04 19.88 -6.96
N PHE C 116 -31.11 20.28 -8.22
CA PHE C 116 -30.42 19.65 -9.32
C PHE C 116 -29.41 20.61 -9.92
N ALA C 117 -28.29 20.05 -10.37
CA ALA C 117 -27.27 20.81 -11.07
C ALA C 117 -26.86 20.07 -12.33
N TYR C 118 -26.70 20.81 -13.42
CA TYR C 118 -26.23 20.26 -14.68
C TYR C 118 -24.89 20.89 -15.00
N ASP C 119 -23.86 20.05 -15.15
CA ASP C 119 -22.51 20.49 -15.44
C ASP C 119 -22.02 21.55 -14.45
N GLY C 120 -22.27 21.28 -13.16
CA GLY C 120 -21.69 22.06 -12.09
C GLY C 120 -22.35 23.38 -11.78
N LYS C 121 -23.49 23.67 -12.40
CA LYS C 121 -24.21 24.91 -12.14
C LYS C 121 -25.65 24.56 -11.77
N ASP C 122 -26.23 25.38 -10.87
CA ASP C 122 -27.65 25.29 -10.55
C ASP C 122 -28.47 25.07 -11.80
N TYR C 123 -29.44 24.18 -11.70
CA TYR C 123 -30.40 23.95 -12.79
C TYR C 123 -31.83 24.17 -12.30
N LEU C 124 -32.29 23.37 -11.35
CA LEU C 124 -33.66 23.46 -10.84
C LEU C 124 -33.61 23.23 -9.34
N THR C 125 -34.19 24.15 -8.57
N THR C 125 -34.22 24.14 -8.58
CA THR C 125 -34.17 24.06 -7.12
CA THR C 125 -34.18 24.10 -7.12
C THR C 125 -35.58 24.26 -6.56
C THR C 125 -35.59 24.26 -6.57
N LEU C 126 -35.93 23.43 -5.59
CA LEU C 126 -37.17 23.60 -4.85
C LEU C 126 -36.95 24.66 -3.76
N ASN C 127 -37.84 25.65 -3.72
CA ASN C 127 -37.68 26.73 -2.76
C ASN C 127 -38.05 26.25 -1.35
N GLU C 128 -37.69 27.07 -0.36
CA GLU C 128 -37.91 26.70 1.03
C GLU C 128 -39.38 26.60 1.39
N ASP C 129 -40.28 27.22 0.61
CA ASP C 129 -41.70 27.01 0.84
C ASP C 129 -42.13 25.59 0.49
N LEU C 130 -41.27 24.82 -0.17
CA LEU C 130 -41.56 23.44 -0.59
C LEU C 130 -42.77 23.37 -1.52
N ARG C 131 -43.04 24.47 -2.24
CA ARG C 131 -44.13 24.43 -3.22
C ARG C 131 -43.84 25.20 -4.50
N SER C 132 -42.71 25.91 -4.62
CA SER C 132 -42.36 26.62 -5.84
C SER C 132 -40.90 26.34 -6.20
N TRP C 133 -40.56 26.61 -7.46
CA TRP C 133 -39.26 26.25 -8.01
C TRP C 133 -38.49 27.47 -8.49
N THR C 134 -37.17 27.35 -8.51
CA THR C 134 -36.28 28.28 -9.18
C THR C 134 -35.64 27.55 -10.35
N ALA C 135 -35.86 28.06 -11.57
CA ALA C 135 -35.35 27.47 -12.79
C ALA C 135 -34.39 28.44 -13.44
N VAL C 136 -33.16 28.00 -13.74
CA VAL C 136 -32.12 28.95 -14.12
C VAL C 136 -32.27 29.46 -15.55
N ASP C 137 -32.90 28.70 -16.45
CA ASP C 137 -32.99 29.11 -17.86
C ASP C 137 -34.22 28.46 -18.49
N THR C 138 -34.39 28.63 -19.81
CA THR C 138 -35.59 28.12 -20.46
C THR C 138 -35.63 26.60 -20.49
N ALA C 139 -34.48 25.92 -20.50
CA ALA C 139 -34.50 24.47 -20.39
C ALA C 139 -35.02 24.03 -19.03
N ALA C 140 -34.51 24.64 -17.97
CA ALA C 140 -34.99 24.32 -16.63
C ALA C 140 -36.46 24.70 -16.45
N GLN C 141 -36.95 25.69 -17.20
CA GLN C 141 -38.37 26.02 -17.12
C GLN C 141 -39.22 24.88 -17.66
N ILE C 142 -38.72 24.12 -18.63
CA ILE C 142 -39.43 22.94 -19.11
C ILE C 142 -39.48 21.88 -18.02
N SER C 143 -38.33 21.65 -17.35
CA SER C 143 -38.30 20.71 -16.24
C SER C 143 -39.22 21.16 -15.12
N GLU C 144 -39.25 22.47 -14.85
CA GLU C 144 -40.16 23.02 -13.85
C GLU C 144 -41.62 22.71 -14.20
N GLN C 145 -41.98 22.91 -15.46
CA GLN C 145 -43.37 22.66 -15.87
C GLN C 145 -43.71 21.18 -15.74
N LYS C 146 -42.77 20.30 -16.11
CA LYS C 146 -43.03 18.88 -15.97
C LYS C 146 -43.18 18.50 -14.51
N SER C 147 -42.38 19.11 -13.63
CA SER C 147 -42.52 18.85 -12.20
C SER C 147 -43.84 19.41 -11.67
N ASN C 148 -44.26 20.58 -12.17
CA ASN C 148 -45.55 21.11 -11.76
C ASN C 148 -46.68 20.21 -12.24
N ASP C 149 -46.60 19.74 -13.50
CA ASP C 149 -47.62 18.83 -14.02
C ASP C 149 -47.75 17.57 -13.19
N ALA C 150 -46.64 17.07 -12.63
CA ALA C 150 -46.64 15.84 -11.87
C ALA C 150 -46.78 16.07 -10.36
N SER C 151 -47.06 17.30 -9.94
CA SER C 151 -47.19 17.66 -8.52
C SER C 151 -45.96 17.23 -7.72
N GLU C 152 -44.79 17.40 -8.32
CA GLU C 152 -43.56 16.90 -7.69
C GLU C 152 -43.27 17.63 -6.38
N ALA C 153 -43.58 18.92 -6.30
CA ALA C 153 -43.33 19.64 -5.04
C ALA C 153 -44.17 19.06 -3.91
N GLU C 154 -45.40 18.65 -4.20
CA GLU C 154 -46.25 18.04 -3.19
C GLU C 154 -45.66 16.71 -2.70
N HIS C 155 -45.22 15.87 -3.65
CA HIS C 155 -44.62 14.60 -3.26
C HIS C 155 -43.29 14.79 -2.54
N GLN C 156 -42.48 15.74 -3.02
CA GLN C 156 -41.19 16.01 -2.37
C GLN C 156 -41.40 16.58 -0.98
N ARG C 157 -42.39 17.47 -0.82
CA ARG C 157 -42.70 18.00 0.51
C ARG C 157 -43.04 16.90 1.48
N ALA C 158 -43.87 15.93 1.06
CA ALA C 158 -44.22 14.82 1.93
C ALA C 158 -43.00 13.98 2.29
N TYR C 159 -42.11 13.74 1.32
CA TYR C 159 -40.90 13.00 1.63
C TYR C 159 -40.03 13.77 2.62
N LEU C 160 -39.83 15.07 2.37
CA LEU C 160 -38.91 15.83 3.21
C LEU C 160 -39.46 16.03 4.61
N GLU C 161 -40.76 16.26 4.75
CA GLU C 161 -41.35 16.55 6.06
C GLU C 161 -41.70 15.31 6.85
N ASP C 162 -42.01 14.20 6.18
CA ASP C 162 -42.45 12.98 6.86
C ASP C 162 -41.39 11.90 6.77
N THR C 163 -41.15 11.34 5.58
CA THR C 163 -40.26 10.20 5.43
C THR C 163 -38.84 10.54 5.90
N CYS C 164 -38.29 11.65 5.42
CA CYS C 164 -36.93 12.02 5.77
C CYS C 164 -36.78 12.22 7.28
N VAL C 165 -37.76 12.88 7.90
CA VAL C 165 -37.69 13.15 9.34
C VAL C 165 -37.79 11.84 10.12
N GLU C 166 -38.72 10.97 9.73
CA GLU C 166 -38.91 9.70 10.44
C GLU C 166 -37.63 8.86 10.40
N TRP C 167 -37.00 8.78 9.23
CA TRP C 167 -35.82 7.92 9.11
C TRP C 167 -34.59 8.55 9.74
N LEU C 168 -34.47 9.88 9.72
CA LEU C 168 -33.40 10.54 10.46
C LEU C 168 -33.45 10.17 11.93
N HIS C 169 -34.66 10.17 12.52
CA HIS C 169 -34.80 9.75 13.90
C HIS C 169 -34.39 8.29 14.08
N LYS C 170 -34.72 7.43 13.11
CA LYS C 170 -34.30 6.03 13.19
C LYS C 170 -32.79 5.90 13.14
N TYR C 171 -32.14 6.60 12.20
CA TYR C 171 -30.69 6.49 12.07
C TYR C 171 -29.99 7.02 13.31
N LEU C 172 -30.48 8.11 13.87
CA LEU C 172 -29.88 8.66 15.08
C LEU C 172 -29.95 7.67 16.24
N GLU C 173 -31.06 6.94 16.34
CA GLU C 173 -31.16 5.90 17.37
C GLU C 173 -30.16 4.77 17.11
N LYS C 174 -30.10 4.29 15.86
CA LYS C 174 -29.22 3.16 15.55
C LYS C 174 -27.76 3.50 15.76
N GLY C 175 -27.36 4.74 15.50
CA GLY C 175 -25.96 5.11 15.60
C GLY C 175 -25.64 6.02 16.76
N LYS C 176 -26.50 6.02 17.78
CA LYS C 176 -26.40 6.99 18.86
C LYS C 176 -25.06 6.90 19.58
N GLU C 177 -24.45 5.72 19.65
CA GLU C 177 -23.20 5.56 20.39
C GLU C 177 -22.08 6.39 19.76
N THR C 178 -22.12 6.61 18.45
CA THR C 178 -21.12 7.41 17.76
C THR C 178 -21.66 8.71 17.20
N LEU C 179 -22.87 8.70 16.63
CA LEU C 179 -23.44 9.92 16.08
C LEU C 179 -23.67 10.98 17.15
N LEU C 180 -24.08 10.56 18.35
CA LEU C 180 -24.43 11.49 19.42
C LEU C 180 -23.30 11.68 20.41
N HIS C 181 -22.18 10.99 20.22
CA HIS C 181 -21.00 11.19 21.05
C HIS C 181 -20.15 12.29 20.42
N LEU C 182 -20.02 13.41 21.12
CA LEU C 182 -19.18 14.48 20.65
C LEU C 182 -17.72 14.17 20.99
N GLU C 183 -16.85 14.32 20.02
CA GLU C 183 -15.43 14.05 20.21
C GLU C 183 -14.70 15.38 20.25
N PRO C 184 -14.21 15.81 21.41
CA PRO C 184 -13.53 17.11 21.48
C PRO C 184 -12.17 17.04 20.80
N PRO C 185 -11.67 18.16 20.33
CA PRO C 185 -10.34 18.17 19.70
C PRO C 185 -9.23 17.95 20.72
N LYS C 186 -8.20 17.21 20.31
CA LYS C 186 -6.92 17.22 20.99
C LYS C 186 -6.11 18.38 20.41
N THR C 187 -5.55 19.22 21.28
CA THR C 187 -4.98 20.47 20.85
C THR C 187 -3.54 20.60 21.34
N HIS C 188 -2.70 21.21 20.52
CA HIS C 188 -1.33 21.54 20.91
C HIS C 188 -0.80 22.64 19.99
N VAL C 189 0.26 23.30 20.44
CA VAL C 189 0.89 24.39 19.69
C VAL C 189 2.31 23.97 19.31
N THR C 190 2.69 24.22 18.06
CA THR C 190 4.04 24.00 17.60
C THR C 190 4.67 25.31 17.18
N HIS C 191 6.01 25.32 17.14
CA HIS C 191 6.81 26.52 16.98
C HIS C 191 7.85 26.27 15.90
N HIS C 192 7.94 27.19 14.94
CA HIS C 192 8.84 27.01 13.80
C HIS C 192 9.51 28.33 13.43
N PRO C 193 10.79 28.51 13.73
CA PRO C 193 11.48 29.74 13.31
C PRO C 193 11.51 29.83 11.79
N ILE C 194 11.27 31.03 11.28
CA ILE C 194 11.41 31.31 9.85
C ILE C 194 12.58 32.21 9.55
N SER C 195 13.19 32.81 10.56
CA SER C 195 14.33 33.70 10.42
C SER C 195 14.88 33.91 11.82
N ASP C 196 15.91 34.76 11.93
CA ASP C 196 16.49 35.03 13.24
C ASP C 196 15.56 35.87 14.13
N HIS C 197 14.52 36.48 13.56
CA HIS C 197 13.69 37.41 14.31
C HIS C 197 12.21 37.08 14.34
N GLU C 198 11.76 36.05 13.61
CA GLU C 198 10.35 35.71 13.58
C GLU C 198 10.18 34.20 13.62
N ALA C 199 9.00 33.76 14.06
CA ALA C 199 8.70 32.34 14.14
C ALA C 199 7.22 32.11 13.90
N THR C 200 6.91 30.93 13.39
CA THR C 200 5.52 30.53 13.19
C THR C 200 5.02 29.78 14.41
N LEU C 201 3.89 30.21 14.96
CA LEU C 201 3.15 29.44 15.95
C LEU C 201 1.94 28.81 15.25
N ARG C 202 1.80 27.50 15.38
CA ARG C 202 0.72 26.78 14.74
C ARG C 202 -0.09 26.05 15.79
N CYS C 203 -1.39 26.35 15.85
CA CYS C 203 -2.31 25.74 16.80
C CYS C 203 -3.06 24.62 16.10
N TRP C 204 -2.96 23.40 16.65
CA TRP C 204 -3.58 22.21 16.06
C TRP C 204 -4.83 21.80 16.82
N ALA C 205 -5.85 21.38 16.09
CA ALA C 205 -7.01 20.71 16.65
C ALA C 205 -7.20 19.41 15.88
N LEU C 206 -7.09 18.28 16.58
CA LEU C 206 -7.07 16.99 15.91
C LEU C 206 -8.13 16.04 16.48
N GLY C 207 -8.73 15.24 15.60
CA GLY C 207 -9.58 14.15 16.02
C GLY C 207 -10.94 14.54 16.56
N PHE C 208 -11.52 15.62 16.07
CA PHE C 208 -12.77 16.11 16.62
C PHE C 208 -13.95 15.76 15.72
N TYR C 209 -15.13 15.69 16.34
CA TYR C 209 -16.37 15.42 15.64
C TYR C 209 -17.46 16.11 16.44
N PRO C 210 -18.37 16.87 15.81
CA PRO C 210 -18.48 17.08 14.35
C PRO C 210 -17.46 18.06 13.77
N ALA C 211 -17.59 18.37 12.47
CA ALA C 211 -16.55 19.13 11.78
C ALA C 211 -16.51 20.59 12.19
N GLU C 212 -17.65 21.16 12.60
CA GLU C 212 -17.69 22.58 12.98
C GLU C 212 -16.73 22.87 14.13
N ILE C 213 -15.91 23.91 13.96
CA ILE C 213 -14.92 24.30 14.96
C ILE C 213 -14.47 25.71 14.66
N THR C 214 -13.98 26.42 15.68
CA THR C 214 -13.45 27.77 15.51
C THR C 214 -12.09 27.83 16.19
N LEU C 215 -11.06 28.16 15.42
CA LEU C 215 -9.70 28.37 15.93
C LEU C 215 -9.33 29.83 15.71
N THR C 216 -8.81 30.48 16.75
CA THR C 216 -8.36 31.86 16.63
C THR C 216 -7.06 32.02 17.39
N TRP C 217 -6.27 33.02 16.98
CA TRP C 217 -5.04 33.40 17.66
C TRP C 217 -5.25 34.78 18.26
N GLN C 218 -5.11 34.88 19.58
CA GLN C 218 -5.23 36.14 20.28
C GLN C 218 -3.85 36.71 20.52
N GLN C 219 -3.71 38.02 20.29
CA GLN C 219 -2.49 38.78 20.55
C GLN C 219 -2.89 39.91 21.49
N ASP C 220 -2.71 39.70 22.79
CA ASP C 220 -3.15 40.65 23.82
C ASP C 220 -4.62 41.02 23.63
N GLY C 221 -4.91 42.30 23.38
CA GLY C 221 -6.28 42.75 23.23
C GLY C 221 -6.94 42.41 21.91
N GLU C 222 -6.20 41.83 20.96
CA GLU C 222 -6.71 41.52 19.63
C GLU C 222 -7.03 40.04 19.55
N GLY C 223 -8.33 39.72 19.45
CA GLY C 223 -8.75 38.32 19.39
C GLY C 223 -8.52 37.64 18.06
N HIS C 224 -8.39 38.42 16.98
CA HIS C 224 -8.09 37.89 15.65
C HIS C 224 -6.77 38.52 15.20
N THR C 225 -5.67 37.86 15.53
CA THR C 225 -4.36 38.35 15.10
C THR C 225 -4.32 38.52 13.59
N GLN C 226 -3.73 39.63 13.16
CA GLN C 226 -3.65 39.94 11.73
C GLN C 226 -2.87 38.85 10.99
N ASP C 227 -3.40 38.44 9.84
CA ASP C 227 -2.79 37.44 8.99
C ASP C 227 -2.67 36.08 9.69
N THR C 228 -3.73 35.70 10.39
CA THR C 228 -3.87 34.30 10.83
C THR C 228 -4.13 33.44 9.60
N GLU C 229 -3.28 32.43 9.39
CA GLU C 229 -3.49 31.49 8.30
C GLU C 229 -4.26 30.30 8.83
N LEU C 230 -5.40 30.00 8.21
CA LEU C 230 -6.24 28.86 8.56
C LEU C 230 -6.33 27.92 7.36
N VAL C 231 -6.12 26.64 7.58
CA VAL C 231 -6.40 25.66 6.55
C VAL C 231 -7.86 25.25 6.66
N GLU C 232 -8.41 24.79 5.54
CA GLU C 232 -9.78 24.29 5.55
C GLU C 232 -9.84 22.99 6.35
N THR C 233 -10.94 22.82 7.10
CA THR C 233 -11.13 21.62 7.89
C THR C 233 -11.09 20.38 7.00
N ARG C 234 -10.38 19.35 7.47
CA ARG C 234 -10.08 18.20 6.64
C ARG C 234 -10.34 16.91 7.39
N PRO C 235 -10.75 15.85 6.69
CA PRO C 235 -11.02 14.58 7.38
C PRO C 235 -9.73 13.87 7.77
N ALA C 236 -9.72 13.32 8.99
CA ALA C 236 -8.59 12.53 9.44
C ALA C 236 -8.57 11.15 8.79
N GLY C 237 -9.70 10.69 8.28
CA GLY C 237 -9.82 9.38 7.67
C GLY C 237 -10.45 8.34 8.56
N ASP C 238 -10.66 8.64 9.84
CA ASP C 238 -11.27 7.71 10.79
C ASP C 238 -12.66 8.17 11.23
N GLY C 239 -13.26 9.13 10.52
CA GLY C 239 -14.53 9.69 10.90
C GLY C 239 -14.46 11.01 11.62
N THR C 240 -13.27 11.43 12.06
CA THR C 240 -13.06 12.71 12.73
C THR C 240 -12.35 13.69 11.80
N PHE C 241 -12.06 14.88 12.32
CA PHE C 241 -11.58 15.98 11.49
C PHE C 241 -10.36 16.66 12.13
N GLN C 242 -9.68 17.46 11.32
CA GLN C 242 -8.51 18.22 11.74
C GLN C 242 -8.62 19.65 11.23
N LYS C 243 -7.92 20.56 11.92
CA LYS C 243 -7.77 21.94 11.47
C LYS C 243 -6.57 22.53 12.20
N TRP C 244 -5.91 23.49 11.57
CA TRP C 244 -4.91 24.27 12.30
C TRP C 244 -4.95 25.73 11.86
N ALA C 245 -4.36 26.58 12.70
CA ALA C 245 -4.29 28.02 12.47
C ALA C 245 -2.88 28.46 12.83
N ALA C 246 -2.30 29.33 12.02
CA ALA C 246 -0.91 29.74 12.23
C ALA C 246 -0.77 31.26 12.17
N VAL C 247 0.20 31.78 12.93
CA VAL C 247 0.55 33.18 12.89
C VAL C 247 2.07 33.27 12.94
N VAL C 248 2.62 34.33 12.35
CA VAL C 248 4.05 34.62 12.43
C VAL C 248 4.25 35.73 13.46
N VAL C 249 5.11 35.46 14.45
CA VAL C 249 5.23 36.34 15.62
C VAL C 249 6.69 36.75 15.77
N PRO C 250 6.94 37.90 16.39
CA PRO C 250 8.32 38.27 16.71
C PRO C 250 8.90 37.29 17.71
N SER C 251 10.09 36.78 17.40
CA SER C 251 10.78 35.89 18.32
C SER C 251 11.00 36.57 19.66
N GLY C 252 10.61 35.88 20.73
CA GLY C 252 10.63 36.45 22.06
C GLY C 252 9.31 36.98 22.56
N GLU C 253 8.34 37.17 21.66
CA GLU C 253 7.01 37.66 22.03
C GLU C 253 5.96 36.55 21.96
N GLU C 254 6.38 35.29 21.95
CA GLU C 254 5.47 34.17 21.73
C GLU C 254 4.43 34.07 22.83
N GLN C 255 4.76 34.49 24.06
CA GLN C 255 3.82 34.33 25.16
C GLN C 255 2.71 35.37 25.15
N ARG C 256 2.78 36.36 24.27
CA ARG C 256 1.67 37.29 24.08
C ARG C 256 0.59 36.69 23.19
N TYR C 257 0.78 35.47 22.71
CA TYR C 257 -0.11 34.84 21.74
C TYR C 257 -0.78 33.63 22.37
N THR C 258 -2.11 33.59 22.28
CA THR C 258 -2.91 32.51 22.85
C THR C 258 -3.84 31.98 21.78
N CYS C 259 -3.87 30.67 21.59
CA CYS C 259 -4.81 30.04 20.67
C CYS C 259 -6.09 29.68 21.41
N HIS C 260 -7.23 30.00 20.81
CA HIS C 260 -8.55 29.72 21.36
C HIS C 260 -9.24 28.69 20.47
N VAL C 261 -9.76 27.64 21.08
CA VAL C 261 -10.44 26.56 20.37
C VAL C 261 -11.86 26.42 20.92
N GLN C 262 -12.85 26.63 20.04
CA GLN C 262 -14.24 26.38 20.40
C GLN C 262 -14.76 25.19 19.62
N HIS C 263 -15.37 24.24 20.33
CA HIS C 263 -15.95 23.05 19.71
C HIS C 263 -17.05 22.55 20.61
N GLU C 264 -18.12 22.02 19.99
CA GLU C 264 -19.28 21.59 20.77
C GLU C 264 -18.92 20.49 21.78
N GLY C 265 -17.89 19.71 21.50
CA GLY C 265 -17.46 18.66 22.39
C GLY C 265 -16.70 19.10 23.62
N LEU C 266 -16.38 20.39 23.74
CA LEU C 266 -15.64 20.91 24.88
C LEU C 266 -16.59 21.50 25.92
N PRO C 267 -16.37 21.21 27.20
CA PRO C 267 -17.21 21.84 28.25
C PRO C 267 -17.16 23.35 28.20
N GLU C 268 -15.99 23.91 27.86
CA GLU C 268 -15.82 25.34 27.63
C GLU C 268 -14.68 25.51 26.65
N PRO C 269 -14.58 26.67 25.99
CA PRO C 269 -13.48 26.88 25.05
C PRO C 269 -12.12 26.67 25.71
N VAL C 270 -11.18 26.11 24.94
CA VAL C 270 -9.84 25.82 25.40
C VAL C 270 -8.90 26.93 24.92
N THR C 271 -7.97 27.32 25.76
CA THR C 271 -6.89 28.22 25.37
C THR C 271 -5.56 27.53 25.58
N LEU C 272 -4.63 27.74 24.65
CA LEU C 272 -3.29 27.17 24.74
C LEU C 272 -2.26 28.20 24.32
N ARG C 273 -1.08 28.07 24.90
CA ARG C 273 0.10 28.80 24.45
C ARG C 273 1.20 27.81 24.15
N TRP C 274 2.26 28.29 23.52
CA TRP C 274 3.40 27.44 23.22
C TRP C 274 4.12 27.09 24.51
N LYS C 275 4.20 25.80 24.81
CA LYS C 275 4.84 25.26 26.01
C LYS C 275 6.10 24.50 25.57
N PRO C 276 7.27 25.17 25.51
CA PRO C 276 8.56 24.62 25.07
C PRO C 276 8.90 23.26 25.69
N MET D 1 -17.72 22.52 -20.37
CA MET D 1 -18.50 22.73 -19.16
C MET D 1 -17.80 23.74 -18.26
N ILE D 2 -18.22 23.81 -17.00
CA ILE D 2 -17.48 24.60 -16.02
C ILE D 2 -16.26 23.81 -15.55
N GLN D 3 -15.27 24.51 -15.05
CA GLN D 3 -14.14 23.82 -14.44
C GLN D 3 -13.71 24.53 -13.18
N ARG D 4 -13.43 23.73 -12.15
CA ARG D 4 -12.90 24.20 -10.88
C ARG D 4 -11.68 23.37 -10.54
N THR D 5 -10.58 24.02 -10.22
CA THR D 5 -9.37 23.26 -9.96
C THR D 5 -9.35 22.76 -8.52
N PRO D 6 -8.78 21.58 -8.27
CA PRO D 6 -8.82 21.03 -6.91
C PRO D 6 -7.96 21.81 -5.94
N LYS D 7 -8.50 22.02 -4.74
CA LYS D 7 -7.68 22.36 -3.58
C LYS D 7 -7.08 21.08 -3.04
N ILE D 8 -5.84 21.16 -2.55
CA ILE D 8 -5.09 19.96 -2.17
C ILE D 8 -4.47 20.16 -0.81
N GLN D 9 -4.66 19.19 0.09
CA GLN D 9 -3.95 19.12 1.35
C GLN D 9 -3.38 17.72 1.53
N VAL D 10 -2.09 17.65 1.89
CA VAL D 10 -1.42 16.40 2.19
C VAL D 10 -1.00 16.45 3.65
N TYR D 11 -1.30 15.37 4.40
CA TYR D 11 -1.14 15.39 5.84
C TYR D 11 -1.29 13.96 6.37
N SER D 12 -0.90 13.79 7.63
CA SER D 12 -1.03 12.50 8.27
C SER D 12 -2.25 12.48 9.21
N ARG D 13 -2.76 11.27 9.45
CA ARG D 13 -3.89 11.13 10.36
C ARG D 13 -3.51 11.48 11.80
N HIS D 14 -2.33 11.08 12.23
CA HIS D 14 -1.83 11.35 13.57
C HIS D 14 -0.54 12.15 13.51
N PRO D 15 -0.18 12.86 14.57
CA PRO D 15 1.11 13.55 14.60
C PRO D 15 2.24 12.59 14.28
N ALA D 16 3.13 13.00 13.39
CA ALA D 16 4.14 12.09 12.87
C ALA D 16 5.19 11.78 13.93
N GLU D 17 5.51 10.50 14.07
CA GLU D 17 6.62 10.04 14.89
C GLU D 17 7.44 9.08 14.05
N ASN D 18 8.72 9.36 13.89
CA ASN D 18 9.56 8.55 13.02
C ASN D 18 9.55 7.10 13.48
N GLY D 19 9.33 6.19 12.54
CA GLY D 19 9.32 4.78 12.82
C GLY D 19 8.00 4.22 13.31
N LYS D 20 6.98 5.06 13.51
CA LYS D 20 5.69 4.60 13.99
C LYS D 20 4.66 4.66 12.87
N SER D 21 3.88 3.58 12.73
CA SER D 21 2.92 3.48 11.65
C SER D 21 1.87 4.59 11.75
N ASN D 22 1.38 5.02 10.60
CA ASN D 22 0.51 6.18 10.49
C ASN D 22 -0.31 6.01 9.21
N PHE D 23 -1.07 7.04 8.85
CA PHE D 23 -1.79 7.09 7.59
C PHE D 23 -1.47 8.39 6.88
N LEU D 24 -1.13 8.30 5.60
CA LEU D 24 -0.88 9.46 4.77
C LEU D 24 -2.15 9.80 4.00
N ASN D 25 -2.61 11.04 4.12
CA ASN D 25 -3.86 11.49 3.53
C ASN D 25 -3.58 12.53 2.45
N CYS D 26 -4.36 12.45 1.37
CA CYS D 26 -4.40 13.51 0.37
C CYS D 26 -5.86 13.89 0.17
N TYR D 27 -6.23 15.08 0.61
CA TYR D 27 -7.60 15.55 0.53
C TYR D 27 -7.72 16.52 -0.64
N VAL D 28 -8.53 16.17 -1.64
CA VAL D 28 -8.76 17.02 -2.80
C VAL D 28 -10.21 17.48 -2.76
N SER D 29 -10.42 18.77 -2.95
CA SER D 29 -11.77 19.31 -2.80
C SER D 29 -11.95 20.49 -3.75
N GLY D 30 -13.20 20.93 -3.87
CA GLY D 30 -13.51 22.09 -4.67
C GLY D 30 -13.29 21.94 -6.16
N PHE D 31 -13.33 20.72 -6.69
CA PHE D 31 -13.04 20.52 -8.11
C PHE D 31 -14.28 20.11 -8.88
N HIS D 32 -14.21 20.33 -10.19
CA HIS D 32 -15.28 19.99 -11.13
C HIS D 32 -14.65 20.02 -12.52
N PRO D 33 -14.91 19.03 -13.38
CA PRO D 33 -15.74 17.85 -13.14
C PRO D 33 -15.08 16.81 -12.23
N SER D 34 -15.76 15.67 -12.06
CA SER D 34 -15.38 14.72 -11.00
C SER D 34 -14.20 13.85 -11.38
N ASP D 35 -13.87 13.74 -12.66
CA ASP D 35 -12.77 12.88 -13.08
C ASP D 35 -11.45 13.42 -12.54
N ILE D 36 -10.77 12.62 -11.71
CA ILE D 36 -9.54 13.06 -11.08
C ILE D 36 -8.66 11.85 -10.84
N GLU D 37 -7.35 12.07 -10.90
CA GLU D 37 -6.36 11.03 -10.61
C GLU D 37 -5.48 11.53 -9.47
N VAL D 38 -5.36 10.70 -8.43
CA VAL D 38 -4.57 11.03 -7.25
C VAL D 38 -3.69 9.83 -6.92
N ASP D 39 -2.39 10.04 -6.87
CA ASP D 39 -1.46 9.03 -6.43
C ASP D 39 -0.67 9.56 -5.24
N LEU D 40 -0.31 8.66 -4.34
CA LEU D 40 0.56 8.98 -3.23
C LEU D 40 1.95 8.44 -3.54
N LEU D 41 2.97 9.25 -3.29
CA LEU D 41 4.33 8.95 -3.71
C LEU D 41 5.24 8.79 -2.51
N LYS D 42 6.19 7.87 -2.62
CA LYS D 42 7.28 7.73 -1.67
C LYS D 42 8.58 7.92 -2.45
N ASN D 43 9.31 8.99 -2.13
CA ASN D 43 10.56 9.31 -2.83
C ASN D 43 10.33 9.38 -4.34
N GLY D 44 9.18 9.92 -4.74
CA GLY D 44 8.84 10.08 -6.13
C GLY D 44 8.22 8.88 -6.80
N GLU D 45 8.03 7.79 -6.07
CA GLU D 45 7.57 6.52 -6.63
C GLU D 45 6.17 6.20 -6.12
N ARG D 46 5.32 5.72 -7.04
CA ARG D 46 3.92 5.46 -6.70
C ARG D 46 3.79 4.42 -5.60
N ILE D 47 3.02 4.75 -4.57
CA ILE D 47 2.72 3.82 -3.49
C ILE D 47 1.54 2.95 -3.90
N GLU D 48 1.62 1.65 -3.64
CA GLU D 48 0.53 0.76 -4.00
C GLU D 48 -0.47 0.65 -2.84
N LYS D 49 -1.67 0.16 -3.18
CA LYS D 49 -2.75 -0.05 -2.20
C LYS D 49 -3.19 1.29 -1.59
N VAL D 50 -3.41 2.27 -2.46
CA VAL D 50 -4.00 3.53 -2.05
C VAL D 50 -5.51 3.43 -2.23
N GLU D 51 -6.26 3.81 -1.19
CA GLU D 51 -7.71 3.75 -1.22
C GLU D 51 -8.27 5.17 -1.21
N HIS D 52 -9.57 5.29 -1.47
CA HIS D 52 -10.19 6.61 -1.42
C HIS D 52 -11.65 6.50 -0.99
N SER D 53 -12.18 7.63 -0.53
CA SER D 53 -13.55 7.75 -0.07
C SER D 53 -14.52 7.77 -1.24
N ASP D 54 -15.82 7.72 -0.91
CA ASP D 54 -16.85 7.76 -1.93
C ASP D 54 -17.08 9.20 -2.38
N LEU D 55 -17.25 9.38 -3.69
CA LEU D 55 -17.41 10.71 -4.27
C LEU D 55 -18.63 11.41 -3.68
N SER D 56 -18.42 12.62 -3.17
CA SER D 56 -19.47 13.45 -2.64
C SER D 56 -19.19 14.88 -3.11
N PHE D 57 -20.08 15.81 -2.76
CA PHE D 57 -19.86 17.19 -3.19
C PHE D 57 -20.47 18.15 -2.20
N SER D 58 -20.09 19.42 -2.35
CA SER D 58 -20.45 20.48 -1.42
C SER D 58 -21.62 21.29 -1.97
N LYS D 59 -22.00 22.33 -1.22
CA LYS D 59 -23.18 23.12 -1.56
C LYS D 59 -23.04 23.81 -2.92
N ASP D 60 -21.81 24.14 -3.32
CA ASP D 60 -21.57 24.79 -4.60
C ASP D 60 -21.37 23.80 -5.73
N TRP D 61 -21.64 22.51 -5.48
CA TRP D 61 -21.62 21.38 -6.41
C TRP D 61 -20.20 20.86 -6.65
N SER D 62 -19.18 21.47 -6.05
CA SER D 62 -17.82 20.99 -6.24
C SER D 62 -17.57 19.72 -5.44
N PHE D 63 -16.74 18.85 -6.00
CA PHE D 63 -16.53 17.50 -5.48
C PHE D 63 -15.41 17.48 -4.45
N TYR D 64 -15.41 16.44 -3.61
CA TYR D 64 -14.28 16.22 -2.71
C TYR D 64 -14.08 14.72 -2.48
N LEU D 65 -12.83 14.35 -2.28
CA LEU D 65 -12.40 12.97 -2.06
C LEU D 65 -11.22 12.96 -1.10
N LEU D 66 -11.11 11.90 -0.31
CA LEU D 66 -9.92 11.63 0.49
C LEU D 66 -9.23 10.39 -0.04
N TYR D 67 -7.95 10.51 -0.37
CA TYR D 67 -7.09 9.40 -0.72
C TYR D 67 -6.14 9.12 0.43
N TYR D 68 -5.88 7.85 0.71
CA TYR D 68 -5.10 7.55 1.91
C TYR D 68 -4.43 6.18 1.79
N THR D 69 -3.36 6.02 2.56
CA THR D 69 -2.68 4.73 2.67
C THR D 69 -1.90 4.72 3.97
N GLU D 70 -1.61 3.51 4.45
CA GLU D 70 -0.72 3.38 5.59
C GLU D 70 0.69 3.80 5.19
N PHE D 71 1.41 4.41 6.13
CA PHE D 71 2.82 4.72 5.91
C PHE D 71 3.51 4.90 7.24
N THR D 72 4.83 4.86 7.20
CA THR D 72 5.67 5.10 8.38
C THR D 72 6.60 6.26 8.09
N PRO D 73 6.41 7.42 8.71
CA PRO D 73 7.30 8.54 8.44
C PRO D 73 8.72 8.28 8.92
N THR D 74 9.68 8.88 8.20
CA THR D 74 11.09 8.86 8.54
C THR D 74 11.67 10.24 8.29
N GLU D 75 12.89 10.47 8.76
CA GLU D 75 13.55 11.72 8.43
C GLU D 75 14.06 11.76 6.99
N LYS D 76 14.28 10.59 6.38
CA LYS D 76 14.90 10.51 5.07
C LYS D 76 13.89 10.54 3.92
N ASP D 77 12.76 9.87 4.09
CA ASP D 77 11.87 9.61 2.96
C ASP D 77 10.95 10.79 2.68
N GLU D 78 10.83 11.15 1.40
CA GLU D 78 9.94 12.21 0.97
C GLU D 78 8.61 11.61 0.55
N TYR D 79 7.53 12.08 1.14
CA TYR D 79 6.19 11.65 0.77
C TYR D 79 5.46 12.82 0.10
N ALA D 80 4.56 12.49 -0.83
CA ALA D 80 3.89 13.52 -1.60
C ALA D 80 2.62 12.96 -2.21
N CYS D 81 1.77 13.86 -2.66
CA CYS D 81 0.54 13.53 -3.40
C CYS D 81 0.67 14.14 -4.78
N ARG D 82 0.31 13.36 -5.81
CA ARG D 82 0.35 13.83 -7.20
C ARG D 82 -1.06 13.82 -7.75
N VAL D 83 -1.54 14.98 -8.20
CA VAL D 83 -2.93 15.17 -8.56
C VAL D 83 -3.02 15.57 -10.03
N ASN D 84 -3.87 14.87 -10.79
CA ASN D 84 -4.12 15.23 -12.17
C ASN D 84 -5.61 15.46 -12.37
N HIS D 85 -5.93 16.54 -13.08
CA HIS D 85 -7.30 16.97 -13.29
C HIS D 85 -7.31 17.78 -14.59
N VAL D 86 -8.48 17.87 -15.22
CA VAL D 86 -8.56 18.55 -16.51
C VAL D 86 -8.10 20.00 -16.41
N THR D 87 -8.19 20.60 -15.22
CA THR D 87 -7.80 22.00 -15.03
C THR D 87 -6.30 22.19 -14.88
N LEU D 88 -5.53 21.11 -14.77
CA LEU D 88 -4.09 21.19 -14.49
C LEU D 88 -3.33 20.90 -15.77
N SER D 89 -2.54 21.87 -16.24
CA SER D 89 -1.76 21.63 -17.44
C SER D 89 -0.67 20.59 -17.20
N GLN D 90 -0.17 20.49 -15.97
CA GLN D 90 0.71 19.43 -15.53
C GLN D 90 0.21 18.90 -14.20
N PRO D 91 0.46 17.62 -13.91
CA PRO D 91 0.08 17.10 -12.58
C PRO D 91 0.73 17.93 -11.49
N LYS D 92 -0.05 18.21 -10.44
CA LYS D 92 0.45 18.99 -9.33
C LYS D 92 0.96 18.05 -8.24
N ILE D 93 2.19 18.29 -7.80
CA ILE D 93 2.81 17.49 -6.76
C ILE D 93 2.91 18.37 -5.51
N VAL D 94 2.34 17.87 -4.41
CA VAL D 94 2.39 18.56 -3.13
C VAL D 94 3.12 17.66 -2.15
N LYS D 95 4.23 18.15 -1.61
CA LYS D 95 5.05 17.36 -0.70
C LYS D 95 4.45 17.37 0.71
N TRP D 96 4.52 16.23 1.38
CA TRP D 96 4.07 16.16 2.76
C TRP D 96 5.06 16.87 3.67
N ASP D 97 4.53 17.72 4.56
CA ASP D 97 5.30 18.40 5.58
C ASP D 97 4.69 18.02 6.92
N ARG D 98 5.49 17.36 7.77
CA ARG D 98 4.95 16.83 9.02
C ARG D 98 4.45 17.93 9.95
N ASP D 99 4.82 19.19 9.69
CA ASP D 99 4.38 20.32 10.49
C ASP D 99 3.17 21.03 9.89
N MET D 100 2.53 20.44 8.87
CA MET D 100 1.34 21.03 8.27
C MET D 100 0.28 19.98 7.96
N GLY E 1 59.01 -6.08 47.89
CA GLY E 1 58.75 -4.83 47.19
C GLY E 1 57.70 -4.96 46.11
N SER E 2 57.43 -3.85 45.42
CA SER E 2 56.44 -3.84 44.35
C SER E 2 57.03 -4.38 43.06
N HIS E 3 56.22 -5.11 42.29
CA HIS E 3 56.63 -5.70 41.04
C HIS E 3 55.58 -5.40 39.96
N SER E 4 56.00 -5.51 38.70
CA SER E 4 55.11 -5.17 37.59
C SER E 4 55.46 -6.00 36.36
N LEU E 5 54.43 -6.32 35.59
CA LEU E 5 54.57 -6.94 34.28
C LEU E 5 54.09 -5.94 33.24
N LYS E 6 54.97 -5.56 32.32
CA LYS E 6 54.70 -4.46 31.40
C LYS E 6 55.11 -4.84 29.98
N TYR E 7 54.33 -4.35 29.01
CA TYR E 7 54.64 -4.56 27.60
C TYR E 7 54.69 -3.22 26.89
N PHE E 8 55.61 -3.10 25.93
CA PHE E 8 55.83 -1.87 25.19
C PHE E 8 55.80 -2.21 23.70
N HIS E 9 54.84 -1.65 22.98
CA HIS E 9 54.63 -1.97 21.56
C HIS E 9 54.85 -0.72 20.72
N THR E 10 55.60 -0.87 19.63
CA THR E 10 55.88 0.22 18.71
C THR E 10 55.59 -0.23 17.29
N SER E 11 54.74 0.50 16.57
CA SER E 11 54.50 0.25 15.16
C SER E 11 54.79 1.53 14.37
N VAL E 12 55.56 1.40 13.29
CA VAL E 12 55.99 2.54 12.49
C VAL E 12 55.64 2.26 11.03
N SER E 13 54.79 3.10 10.45
CA SER E 13 54.45 2.92 9.04
C SER E 13 55.66 3.21 8.16
N ARG E 14 55.73 2.51 7.03
CA ARG E 14 56.79 2.69 6.05
C ARG E 14 56.13 2.96 4.70
N PRO E 15 56.09 4.22 4.27
CA PRO E 15 55.38 4.55 3.02
C PRO E 15 56.01 3.85 1.83
N GLY E 16 55.21 2.98 1.19
CA GLY E 16 55.63 2.30 -0.02
C GLY E 16 56.62 1.18 0.16
N ARG E 17 57.23 1.04 1.34
CA ARG E 17 58.21 0.00 1.59
C ARG E 17 57.63 -1.23 2.26
N GLY E 18 56.30 -1.35 2.32
CA GLY E 18 55.69 -2.56 2.88
C GLY E 18 54.88 -2.31 4.14
N GLU E 19 54.55 -3.38 4.86
CA GLU E 19 53.74 -3.25 6.07
C GLU E 19 54.54 -2.56 7.17
N PRO E 20 53.86 -2.00 8.17
CA PRO E 20 54.58 -1.29 9.24
C PRO E 20 55.53 -2.19 9.99
N ARG E 21 56.64 -1.58 10.44
CA ARG E 21 57.54 -2.26 11.37
C ARG E 21 56.88 -2.33 12.73
N PHE E 22 56.88 -3.53 13.33
CA PHE E 22 56.27 -3.73 14.64
C PHE E 22 57.26 -4.42 15.57
N ILE E 23 57.46 -3.84 16.75
CA ILE E 23 58.30 -4.41 17.79
C ILE E 23 57.54 -4.40 19.10
N SER E 24 57.54 -5.53 19.80
CA SER E 24 56.97 -5.65 21.13
C SER E 24 58.05 -6.16 22.08
N VAL E 25 58.13 -5.55 23.26
CA VAL E 25 59.04 -6.02 24.30
C VAL E 25 58.26 -6.15 25.61
N GLY E 26 58.58 -7.18 26.37
CA GLY E 26 57.99 -7.42 27.67
C GLY E 26 59.02 -7.20 28.77
N TYR E 27 58.58 -6.61 29.86
CA TYR E 27 59.43 -6.37 31.03
C TYR E 27 58.76 -6.92 32.27
N VAL E 28 59.57 -7.52 33.14
CA VAL E 28 59.21 -7.75 34.54
C VAL E 28 60.16 -6.87 35.35
N ASP E 29 59.60 -5.86 36.02
CA ASP E 29 60.37 -4.81 36.72
C ASP E 29 61.27 -4.14 35.70
N ASP E 30 62.59 -4.08 35.91
CA ASP E 30 63.51 -3.48 34.96
C ASP E 30 64.23 -4.51 34.11
N THR E 31 63.66 -5.70 33.97
CA THR E 31 64.29 -6.81 33.25
C THR E 31 63.46 -7.17 32.04
N GLN E 32 64.01 -6.95 30.85
CA GLN E 32 63.33 -7.42 29.64
C GLN E 32 63.41 -8.94 29.57
N PHE E 33 62.30 -9.57 29.19
CA PHE E 33 62.26 -11.02 29.14
C PHE E 33 61.72 -11.63 27.85
N VAL E 34 61.04 -10.86 27.00
CA VAL E 34 60.59 -11.35 25.70
C VAL E 34 60.70 -10.22 24.67
N ARG E 35 60.75 -10.60 23.40
CA ARG E 35 60.75 -9.67 22.30
C ARG E 35 60.03 -10.29 21.11
N PHE E 36 59.29 -9.47 20.36
CA PHE E 36 58.77 -9.82 19.05
C PHE E 36 59.13 -8.70 18.08
N ASP E 37 59.76 -9.08 16.96
CA ASP E 37 60.11 -8.12 15.91
C ASP E 37 59.60 -8.70 14.60
N ASN E 38 58.65 -8.00 13.97
CA ASN E 38 57.92 -8.54 12.82
C ASN E 38 58.70 -8.44 11.52
N ASP E 39 59.95 -8.00 11.55
CA ASP E 39 60.76 -7.89 10.34
C ASP E 39 61.28 -9.28 9.96
N ALA E 40 60.35 -10.11 9.48
CA ALA E 40 60.62 -11.49 9.10
C ALA E 40 59.44 -12.02 8.32
N ALA E 41 59.71 -13.00 7.44
CA ALA E 41 58.63 -13.68 6.75
C ALA E 41 57.75 -14.43 7.74
N SER E 42 58.36 -15.07 8.72
CA SER E 42 57.64 -15.76 9.81
C SER E 42 58.32 -15.40 11.12
N PRO E 43 58.05 -14.21 11.66
CA PRO E 43 58.68 -13.81 12.92
C PRO E 43 58.05 -14.55 14.10
N ARG E 44 58.81 -14.63 15.19
CA ARG E 44 58.33 -15.30 16.39
C ARG E 44 58.76 -14.55 17.63
N MET E 45 57.96 -14.69 18.68
CA MET E 45 58.36 -14.22 20.00
C MET E 45 59.51 -15.06 20.54
N VAL E 46 60.50 -14.41 21.14
CA VAL E 46 61.68 -15.10 21.63
C VAL E 46 62.03 -14.68 23.06
N PRO E 47 62.66 -15.56 23.83
CA PRO E 47 63.12 -15.16 25.17
C PRO E 47 64.27 -14.17 25.08
N ARG E 48 64.29 -13.25 26.04
CA ARG E 48 65.37 -12.27 26.18
C ARG E 48 65.97 -12.29 27.57
N ALA E 49 65.63 -13.28 28.38
CA ALA E 49 66.21 -13.49 29.69
C ALA E 49 66.48 -14.97 29.87
N PRO E 50 67.56 -15.33 30.57
CA PRO E 50 67.89 -16.77 30.70
C PRO E 50 66.79 -17.60 31.32
N TRP E 51 66.07 -17.06 32.32
CA TRP E 51 65.02 -17.83 32.98
C TRP E 51 63.82 -18.09 32.09
N MET E 52 63.77 -17.51 30.89
CA MET E 52 62.73 -17.81 29.92
C MET E 52 63.18 -18.81 28.85
N GLU E 53 64.43 -19.27 28.91
CA GLU E 53 64.97 -20.09 27.84
C GLU E 53 64.45 -21.52 27.85
N GLN E 54 63.85 -21.97 28.95
CA GLN E 54 63.36 -23.35 29.05
C GLN E 54 61.85 -23.45 28.89
N GLU E 55 61.18 -22.37 28.45
CA GLU E 55 59.76 -22.44 28.22
C GLU E 55 59.44 -23.33 27.03
N GLY E 56 58.37 -24.10 27.15
CA GLY E 56 57.97 -24.99 26.08
C GLY E 56 57.49 -24.24 24.86
N SER E 57 57.39 -24.98 23.75
CA SER E 57 56.95 -24.40 22.49
C SER E 57 55.49 -23.97 22.52
N GLU E 58 54.70 -24.51 23.44
CA GLU E 58 53.31 -24.06 23.59
C GLU E 58 53.26 -22.57 23.93
N TYR E 59 54.15 -22.12 24.82
CA TYR E 59 54.17 -20.72 25.20
C TYR E 59 54.55 -19.83 24.02
N TRP E 60 55.62 -20.20 23.32
CA TRP E 60 56.12 -19.34 22.24
C TRP E 60 55.17 -19.32 21.05
N ASP E 61 54.53 -20.45 20.75
CA ASP E 61 53.53 -20.45 19.68
C ASP E 61 52.35 -19.55 20.03
N ARG E 62 51.90 -19.57 21.28
CA ARG E 62 50.79 -18.71 21.69
C ARG E 62 51.17 -17.23 21.62
N GLU E 63 52.36 -16.88 22.09
CA GLU E 63 52.77 -15.48 22.08
C GLU E 63 53.08 -15.00 20.67
N THR E 64 53.61 -15.88 19.82
CA THR E 64 53.83 -15.50 18.42
C THR E 64 52.52 -15.19 17.72
N ARG E 65 51.50 -16.03 17.94
CA ARG E 65 50.18 -15.74 17.36
C ARG E 65 49.63 -14.43 17.89
N SER E 66 49.75 -14.19 19.18
CA SER E 66 49.25 -12.95 19.77
C SER E 66 49.97 -11.74 19.18
N ALA E 67 51.29 -11.81 19.05
CA ALA E 67 52.04 -10.65 18.58
C ALA E 67 51.77 -10.39 17.10
N ARG E 68 51.64 -11.45 16.30
CA ARG E 68 51.32 -11.27 14.89
C ARG E 68 49.94 -10.64 14.70
N ASP E 69 48.95 -11.08 15.49
CA ASP E 69 47.63 -10.47 15.43
C ASP E 69 47.69 -9.02 15.86
N THR E 70 48.46 -8.73 16.91
CA THR E 70 48.58 -7.35 17.39
C THR E 70 49.22 -6.45 16.34
N ALA E 71 50.24 -6.97 15.64
CA ALA E 71 50.85 -6.21 14.55
C ALA E 71 49.84 -5.89 13.46
N GLN E 72 48.94 -6.84 13.15
CA GLN E 72 47.93 -6.55 12.12
C GLN E 72 46.95 -5.50 12.59
N ILE E 73 46.55 -5.54 13.86
CA ILE E 73 45.63 -4.53 14.38
C ILE E 73 46.27 -3.15 14.38
N PHE E 74 47.57 -3.07 14.69
CA PHE E 74 48.25 -1.77 14.68
C PHE E 74 48.38 -1.23 13.26
N ARG E 75 48.56 -2.11 12.28
CA ARG E 75 48.50 -1.68 10.89
C ARG E 75 47.14 -1.06 10.57
N VAL E 76 46.07 -1.72 10.99
CA VAL E 76 44.73 -1.15 10.82
C VAL E 76 44.62 0.17 11.56
N ASN E 77 45.15 0.23 12.78
CA ASN E 77 45.06 1.46 13.57
C ASN E 77 45.84 2.60 12.93
N LEU E 78 46.99 2.30 12.32
CA LEU E 78 47.74 3.36 11.64
C LEU E 78 46.94 3.95 10.49
N ARG E 79 46.23 3.10 9.72
CA ARG E 79 45.41 3.63 8.63
C ARG E 79 44.23 4.43 9.17
N THR E 80 43.64 3.99 10.27
CA THR E 80 42.48 4.67 10.83
C THR E 80 42.85 6.06 11.35
N LEU E 81 43.95 6.15 12.12
CA LEU E 81 44.37 7.44 12.65
C LEU E 81 44.77 8.39 11.53
N ARG E 82 45.46 7.86 10.52
CA ARG E 82 45.81 8.65 9.34
C ARG E 82 44.57 9.23 8.68
N GLY E 83 43.44 8.50 8.72
CA GLY E 83 42.19 9.06 8.25
C GLY E 83 41.62 10.11 9.18
N TYR E 84 41.69 9.86 10.50
CA TYR E 84 41.17 10.81 11.48
C TYR E 84 41.81 12.19 11.31
N TYR E 85 43.10 12.23 11.04
CA TYR E 85 43.85 13.47 10.94
C TYR E 85 44.03 13.94 9.50
N ASN E 86 43.40 13.24 8.55
CA ASN E 86 43.47 13.59 7.12
C ASN E 86 44.92 13.78 6.67
N GLN E 87 45.75 12.80 7.02
CA GLN E 87 47.16 12.80 6.66
C GLN E 87 47.39 11.94 5.43
N SER E 88 48.38 12.33 4.63
CA SER E 88 48.71 11.58 3.43
C SER E 88 49.32 10.23 3.78
N GLU E 89 49.32 9.33 2.79
CA GLU E 89 49.86 8.00 2.95
C GLU E 89 51.35 7.90 2.64
N ALA E 90 51.99 9.02 2.34
CA ALA E 90 53.41 9.02 2.00
C ALA E 90 54.31 9.38 3.17
N GLY E 91 53.74 9.67 4.34
CA GLY E 91 54.50 10.01 5.53
C GLY E 91 54.53 8.85 6.51
N SER E 92 55.65 8.69 7.20
CA SER E 92 55.80 7.67 8.22
C SER E 92 55.24 8.17 9.54
N HIS E 93 54.45 7.34 10.21
CA HIS E 93 53.88 7.69 11.49
C HIS E 93 54.10 6.55 12.48
N THR E 94 54.02 6.88 13.77
CA THR E 94 54.37 5.96 14.84
C THR E 94 53.17 5.78 15.76
N LEU E 95 52.83 4.52 16.05
CA LEU E 95 51.82 4.20 17.04
C LEU E 95 52.48 3.43 18.17
N GLN E 96 52.29 3.88 19.41
CA GLN E 96 52.85 3.20 20.56
C GLN E 96 51.76 2.83 21.55
N TRP E 97 51.99 1.72 22.24
CA TRP E 97 51.04 1.15 23.17
C TRP E 97 51.82 0.56 24.34
N MET E 98 51.47 0.96 25.55
CA MET E 98 52.05 0.35 26.74
C MET E 98 50.92 -0.06 27.67
N HIS E 99 51.10 -1.21 28.32
CA HIS E 99 50.13 -1.69 29.29
C HIS E 99 50.85 -2.55 30.31
N GLY E 100 50.15 -2.84 31.39
CA GLY E 100 50.70 -3.74 32.38
C GLY E 100 50.06 -3.54 33.73
N CYS E 101 50.36 -4.48 34.63
CA CYS E 101 49.85 -4.50 35.98
C CYS E 101 51.00 -4.36 36.97
N GLU E 102 50.70 -3.81 38.15
CA GLU E 102 51.68 -3.65 39.21
C GLU E 102 51.13 -4.23 40.49
N LEU E 103 51.95 -5.04 41.16
CA LEU E 103 51.62 -5.60 42.46
C LEU E 103 52.28 -4.78 43.56
N GLY E 104 51.61 -4.68 44.70
CA GLY E 104 52.15 -3.99 45.84
C GLY E 104 53.13 -4.84 46.62
N PRO E 105 53.67 -4.26 47.69
CA PRO E 105 54.58 -5.03 48.55
C PRO E 105 53.93 -6.26 49.16
N ASP E 106 52.62 -6.24 49.36
CA ASP E 106 51.88 -7.40 49.86
C ASP E 106 51.60 -8.44 48.79
N GLY E 107 52.06 -8.22 47.56
CA GLY E 107 51.82 -9.16 46.49
C GLY E 107 50.46 -9.07 45.84
N ARG E 108 49.67 -8.05 46.17
CA ARG E 108 48.32 -7.90 45.64
C ARG E 108 48.28 -6.77 44.61
N PHE E 109 47.23 -6.80 43.80
CA PHE E 109 47.09 -5.84 42.71
C PHE E 109 47.03 -4.41 43.23
N LEU E 110 47.93 -3.56 42.74
CA LEU E 110 47.99 -2.17 43.12
C LEU E 110 47.38 -1.24 42.08
N ARG E 111 47.81 -1.37 40.83
CA ARG E 111 47.26 -0.56 39.76
C ARG E 111 47.56 -1.22 38.43
N GLY E 112 46.73 -0.89 37.43
CA GLY E 112 46.98 -1.25 36.05
C GLY E 112 47.03 0.02 35.22
N TYR E 113 47.53 -0.13 34.00
CA TYR E 113 47.55 1.01 33.09
C TYR E 113 47.53 0.50 31.65
N GLU E 114 47.00 1.35 30.77
CA GLU E 114 46.98 1.10 29.33
C GLU E 114 46.93 2.45 28.65
N GLN E 115 47.88 2.71 27.75
CA GLN E 115 48.03 4.03 27.16
C GLN E 115 48.47 3.89 25.71
N PHE E 116 47.90 4.73 24.84
CA PHE E 116 48.26 4.79 23.44
C PHE E 116 48.86 6.15 23.12
N ALA E 117 49.82 6.18 22.20
CA ALA E 117 50.40 7.42 21.72
C ALA E 117 50.52 7.39 20.20
N TYR E 118 50.23 8.52 19.58
CA TYR E 118 50.37 8.68 18.14
C TYR E 118 51.37 9.79 17.86
N ASP E 119 52.42 9.46 17.11
CA ASP E 119 53.48 10.39 16.75
C ASP E 119 54.07 11.09 17.98
N GLY E 120 54.37 10.30 19.01
CA GLY E 120 55.12 10.76 20.16
C GLY E 120 54.30 11.47 21.22
N LYS E 121 52.98 11.53 21.07
CA LYS E 121 52.11 12.31 21.95
C LYS E 121 51.01 11.43 22.50
N ASP E 122 50.60 11.69 23.74
CA ASP E 122 49.44 11.02 24.31
C ASP E 122 48.27 11.05 23.33
N TYR E 123 47.59 9.90 23.20
CA TYR E 123 46.40 9.81 22.37
C TYR E 123 45.20 9.35 23.19
N LEU E 124 45.22 8.12 23.72
CA LEU E 124 44.12 7.59 24.50
C LEU E 124 44.71 6.90 25.72
N THR E 125 44.14 7.20 26.90
CA THR E 125 44.68 6.71 28.17
C THR E 125 43.56 6.13 29.02
N LEU E 126 43.76 4.90 29.48
CA LEU E 126 42.85 4.31 30.45
C LEU E 126 43.10 4.94 31.82
N ASN E 127 42.05 5.46 32.44
CA ASN E 127 42.19 6.14 33.72
C ASN E 127 42.46 5.13 34.84
N GLU E 128 42.89 5.67 35.98
CA GLU E 128 43.32 4.82 37.10
C GLU E 128 42.19 3.91 37.58
N ASP E 129 40.94 4.38 37.50
CA ASP E 129 39.82 3.54 37.93
C ASP E 129 39.60 2.34 37.02
N LEU E 130 40.30 2.27 35.89
CA LEU E 130 40.16 1.17 34.92
C LEU E 130 38.72 1.06 34.42
N ARG E 131 37.99 2.17 34.43
CA ARG E 131 36.60 2.18 34.00
C ARG E 131 36.25 3.35 33.09
N SER E 132 37.20 4.26 32.83
CA SER E 132 36.96 5.42 31.97
C SER E 132 38.22 5.69 31.16
N TRP E 133 38.14 6.66 30.26
CA TRP E 133 39.23 6.97 29.35
C TRP E 133 39.51 8.48 29.36
N THR E 134 40.74 8.83 28.97
CA THR E 134 41.11 10.21 28.72
C THR E 134 41.55 10.33 27.26
N ALA E 135 40.80 11.11 26.48
CA ALA E 135 41.12 11.35 25.09
C ALA E 135 41.70 12.74 24.94
N VAL E 136 42.73 12.87 24.09
CA VAL E 136 43.40 14.16 23.95
C VAL E 136 42.73 15.08 22.93
N ASP E 137 41.95 14.55 22.00
CA ASP E 137 41.30 15.38 20.99
C ASP E 137 40.04 14.68 20.51
N THR E 138 39.40 15.26 19.49
CA THR E 138 38.18 14.66 18.97
C THR E 138 38.45 13.34 18.25
N ALA E 139 39.62 13.21 17.62
CA ALA E 139 39.99 11.94 17.02
C ALA E 139 40.03 10.83 18.06
N ALA E 140 40.71 11.08 19.18
CA ALA E 140 40.77 10.10 20.26
C ALA E 140 39.41 9.93 20.95
N GLN E 141 38.51 10.91 20.82
CA GLN E 141 37.16 10.74 21.35
C GLN E 141 36.38 9.69 20.58
N ILE E 142 36.65 9.55 19.29
CA ILE E 142 36.07 8.46 18.51
C ILE E 142 36.58 7.12 19.02
N SER E 143 37.90 7.02 19.20
CA SER E 143 38.50 5.80 19.72
C SER E 143 37.95 5.47 21.11
N GLU E 144 37.69 6.50 21.92
CA GLU E 144 37.09 6.29 23.23
C GLU E 144 35.70 5.68 23.11
N GLN E 145 34.89 6.18 22.18
CA GLN E 145 33.53 5.68 22.03
C GLN E 145 33.52 4.24 21.53
N LYS E 146 34.48 3.86 20.69
CA LYS E 146 34.62 2.46 20.29
C LYS E 146 34.90 1.57 21.50
N SER E 147 35.86 1.97 22.33
CA SER E 147 36.17 1.19 23.53
C SER E 147 34.99 1.15 24.48
N ASN E 148 34.20 2.23 24.55
CA ASN E 148 32.98 2.20 25.34
C ASN E 148 31.96 1.23 24.72
N ASP E 149 31.80 1.28 23.40
CA ASP E 149 30.86 0.37 22.74
C ASP E 149 31.20 -1.09 23.01
N ALA E 150 32.49 -1.41 23.05
CA ALA E 150 32.95 -2.79 23.15
C ALA E 150 33.30 -3.20 24.57
N SER E 151 33.01 -2.34 25.55
CA SER E 151 33.33 -2.62 26.96
C SER E 151 34.81 -2.98 27.12
N GLU E 152 35.66 -2.27 26.37
CA GLU E 152 37.09 -2.56 26.40
C GLU E 152 37.68 -2.33 27.79
N ALA E 153 37.17 -1.34 28.53
CA ALA E 153 37.63 -1.12 29.90
C ALA E 153 37.34 -2.34 30.77
N GLU E 154 36.19 -2.98 30.56
CA GLU E 154 35.87 -4.18 31.32
C GLU E 154 36.79 -5.34 30.93
N HIS E 155 37.06 -5.48 29.63
CA HIS E 155 37.94 -6.56 29.18
C HIS E 155 39.39 -6.28 29.58
N GLN E 156 39.82 -5.02 29.52
CA GLN E 156 41.16 -4.66 29.97
C GLN E 156 41.29 -4.88 31.47
N ARG E 157 40.24 -4.57 32.24
CA ARG E 157 40.29 -4.80 33.68
C ARG E 157 40.41 -6.28 33.99
N ALA E 158 39.77 -7.14 33.20
CA ALA E 158 39.89 -8.58 33.40
C ALA E 158 41.31 -9.06 33.12
N TYR E 159 41.96 -8.47 32.11
CA TYR E 159 43.35 -8.83 31.82
C TYR E 159 44.28 -8.30 32.90
N LEU E 160 44.19 -7.00 33.20
CA LEU E 160 45.13 -6.38 34.12
C LEU E 160 45.02 -6.92 35.54
N GLU E 161 43.81 -7.33 35.95
CA GLU E 161 43.60 -7.79 37.32
C GLU E 161 43.68 -9.30 37.48
N ASP E 162 43.51 -10.06 36.40
CA ASP E 162 43.51 -11.52 36.49
C ASP E 162 44.61 -12.13 35.64
N THR E 163 44.53 -12.02 34.31
CA THR E 163 45.53 -12.64 33.45
C THR E 163 46.92 -12.08 33.72
N CYS E 164 47.03 -10.75 33.80
CA CYS E 164 48.33 -10.12 34.02
C CYS E 164 48.91 -10.53 35.37
N VAL E 165 48.07 -10.62 36.39
CA VAL E 165 48.55 -10.97 37.72
C VAL E 165 48.90 -12.46 37.80
N GLU E 166 48.08 -13.31 37.18
CA GLU E 166 48.37 -14.74 37.17
C GLU E 166 49.69 -15.03 36.49
N TRP E 167 50.01 -14.31 35.42
CA TRP E 167 51.24 -14.58 34.68
C TRP E 167 52.44 -13.84 35.26
N LEU E 168 52.23 -12.68 35.89
CA LEU E 168 53.33 -12.03 36.59
C LEU E 168 53.84 -12.90 37.74
N HIS E 169 52.93 -13.63 38.39
CA HIS E 169 53.36 -14.59 39.40
C HIS E 169 54.13 -15.74 38.77
N LYS E 170 53.68 -16.21 37.60
CA LYS E 170 54.41 -17.27 36.91
C LYS E 170 55.82 -16.81 36.54
N TYR E 171 55.98 -15.53 36.18
CA TYR E 171 57.28 -15.02 35.77
C TYR E 171 58.21 -14.80 36.96
N LEU E 172 57.70 -14.21 38.04
CA LEU E 172 58.53 -14.01 39.23
C LEU E 172 58.99 -15.34 39.81
N GLU E 173 58.23 -16.41 39.58
CA GLU E 173 58.66 -17.74 40.01
C GLU E 173 59.77 -18.26 39.12
N LYS E 174 59.66 -18.07 37.80
CA LYS E 174 60.65 -18.60 36.87
C LYS E 174 62.01 -17.93 37.02
N GLY E 175 62.04 -16.66 37.40
CA GLY E 175 63.31 -15.95 37.53
C GLY E 175 63.53 -15.36 38.90
N LYS E 176 63.11 -16.07 39.95
CA LYS E 176 63.16 -15.50 41.30
C LYS E 176 64.59 -15.23 41.75
N GLU E 177 65.56 -15.98 41.22
CA GLU E 177 66.95 -15.80 41.64
C GLU E 177 67.53 -14.48 41.19
N THR E 178 66.94 -13.85 40.17
CA THR E 178 67.39 -12.53 39.72
C THR E 178 66.31 -11.47 39.86
N LEU E 179 65.07 -11.79 39.49
CA LEU E 179 63.97 -10.82 39.63
C LEU E 179 63.70 -10.50 41.09
N LEU E 180 63.55 -11.53 41.93
CA LEU E 180 63.27 -11.34 43.34
C LEU E 180 64.54 -11.13 44.16
N HIS E 181 65.68 -10.95 43.53
CA HIS E 181 66.93 -10.72 44.23
C HIS E 181 67.30 -9.25 44.13
N LEU E 182 67.49 -8.60 45.27
CA LEU E 182 67.92 -7.21 45.30
C LEU E 182 69.43 -7.14 45.15
N GLU E 183 69.88 -6.33 44.20
CA GLU E 183 71.31 -6.15 43.97
C GLU E 183 71.72 -4.78 44.48
N PRO E 184 72.50 -4.70 45.55
CA PRO E 184 72.83 -3.41 46.14
C PRO E 184 73.89 -2.68 45.33
N PRO E 185 73.91 -1.36 45.37
CA PRO E 185 74.93 -0.60 44.64
C PRO E 185 76.29 -0.62 45.33
N LYS E 186 77.33 -0.55 44.51
CA LYS E 186 78.72 -0.42 44.94
C LYS E 186 79.21 0.98 44.62
N THR E 187 79.92 1.61 45.57
CA THR E 187 80.17 3.05 45.53
C THR E 187 81.66 3.38 45.72
N HIS E 188 82.09 4.46 45.06
CA HIS E 188 83.39 5.08 45.30
C HIS E 188 83.33 6.52 44.85
N VAL E 189 84.23 7.35 45.41
CA VAL E 189 84.28 8.77 45.13
C VAL E 189 85.65 9.10 44.54
N THR E 190 85.65 9.69 43.34
CA THR E 190 86.90 10.10 42.70
C THR E 190 87.10 11.60 42.86
N THR E 200 85.99 16.94 41.00
CA THR E 200 84.93 17.29 41.94
C THR E 200 84.63 16.08 42.83
N LEU E 201 83.50 16.12 43.55
CA LEU E 201 83.05 14.98 44.35
C LEU E 201 81.94 14.27 43.58
N ARG E 202 82.29 13.12 43.00
CA ARG E 202 81.38 12.32 42.17
C ARG E 202 81.12 11.01 42.91
N CYS E 203 79.92 10.86 43.45
CA CYS E 203 79.52 9.65 44.17
C CYS E 203 78.98 8.64 43.16
N TRP E 204 79.69 7.53 42.98
CA TRP E 204 79.32 6.50 42.02
C TRP E 204 78.40 5.47 42.66
N ALA E 205 77.44 4.97 41.88
CA ALA E 205 76.62 3.84 42.28
C ALA E 205 76.64 2.86 41.12
N LEU E 206 77.31 1.71 41.32
CA LEU E 206 77.55 0.77 40.25
C LEU E 206 76.93 -0.59 40.57
N GLY E 207 76.37 -1.23 39.54
CA GLY E 207 75.91 -2.60 39.65
C GLY E 207 74.75 -2.83 40.59
N PHE E 208 73.73 -1.97 40.55
CA PHE E 208 72.57 -2.13 41.39
C PHE E 208 71.34 -2.52 40.55
N TYR E 209 70.39 -3.18 41.22
CA TYR E 209 69.13 -3.61 40.63
C TYR E 209 68.12 -3.77 41.75
N PRO E 210 66.87 -3.27 41.58
CA PRO E 210 66.33 -2.59 40.40
C PRO E 210 66.91 -1.21 40.16
N ALA E 211 66.48 -0.55 39.08
CA ALA E 211 67.07 0.72 38.69
C ALA E 211 66.66 1.86 39.61
N GLU E 212 65.56 1.73 40.35
CA GLU E 212 65.14 2.80 41.24
C GLU E 212 66.19 3.02 42.34
N ILE E 213 66.88 4.15 42.27
CA ILE E 213 67.89 4.52 43.25
C ILE E 213 67.77 6.01 43.50
N THR E 214 68.19 6.44 44.69
CA THR E 214 68.16 7.85 45.06
C THR E 214 69.53 8.23 45.61
N LEU E 215 70.22 9.10 44.88
CA LEU E 215 71.51 9.64 45.30
C LEU E 215 71.32 11.10 45.68
N THR E 216 71.69 11.46 46.92
CA THR E 216 71.56 12.84 47.39
C THR E 216 72.83 13.26 48.09
N TRP E 217 73.45 14.34 47.60
CA TRP E 217 74.56 14.94 48.31
C TRP E 217 74.04 15.91 49.36
N GLN E 218 74.64 15.87 50.55
CA GLN E 218 74.27 16.76 51.64
C GLN E 218 75.54 17.22 52.35
N GLN E 219 75.49 18.44 52.90
CA GLN E 219 76.59 18.97 53.69
C GLN E 219 76.11 19.30 55.10
N ASP E 220 77.05 19.26 56.04
CA ASP E 220 76.76 19.48 57.45
C ASP E 220 76.20 20.88 57.69
N GLN E 226 74.63 20.73 47.67
CA GLN E 226 75.08 21.58 46.58
C GLN E 226 74.18 21.45 45.36
N ASP E 227 74.57 22.12 44.28
CA ASP E 227 73.91 21.94 43.00
C ASP E 227 74.32 20.59 42.42
N THR E 228 73.59 19.54 42.78
CA THR E 228 73.97 18.18 42.41
C THR E 228 73.77 17.96 40.92
N GLU E 229 74.84 17.57 40.22
CA GLU E 229 74.75 17.14 38.85
C GLU E 229 74.50 15.63 38.82
N LEU E 230 73.36 15.24 38.27
CA LEU E 230 72.92 13.85 38.24
C LEU E 230 72.88 13.40 36.78
N VAL E 231 73.40 12.20 36.52
CA VAL E 231 73.21 11.61 35.20
C VAL E 231 72.02 10.67 35.26
N GLU E 232 71.34 10.53 34.13
CA GLU E 232 70.29 9.55 34.01
C GLU E 232 70.85 8.17 34.36
N THR E 233 70.12 7.43 35.17
CA THR E 233 70.47 6.04 35.44
C THR E 233 70.63 5.30 34.12
N ARG E 234 71.73 4.57 33.99
CA ARG E 234 72.08 3.96 32.72
C ARG E 234 72.35 2.47 32.90
N PRO E 235 72.03 1.65 31.90
CA PRO E 235 72.28 0.21 32.02
C PRO E 235 73.75 -0.12 31.85
N ALA E 236 74.23 -1.06 32.67
CA ALA E 236 75.60 -1.53 32.54
C ALA E 236 75.77 -2.51 31.39
N GLY E 237 74.69 -3.15 30.95
CA GLY E 237 74.74 -4.17 29.93
C GLY E 237 74.69 -5.58 30.46
N ASP E 238 74.80 -5.77 31.77
CA ASP E 238 74.77 -7.08 32.40
C ASP E 238 73.52 -7.29 33.25
N GLY E 239 72.55 -6.39 33.15
CA GLY E 239 71.32 -6.47 33.92
C GLY E 239 71.24 -5.49 35.07
N THR E 240 72.36 -4.92 35.49
CA THR E 240 72.40 -3.93 36.55
C THR E 240 72.53 -2.54 35.95
N PHE E 241 72.54 -1.53 36.83
CA PHE E 241 72.48 -0.14 36.40
C PHE E 241 73.59 0.67 37.08
N GLN E 242 73.85 1.84 36.51
CA GLN E 242 74.86 2.77 37.01
C GLN E 242 74.23 4.14 37.15
N LYS E 243 74.81 4.94 38.04
CA LYS E 243 74.40 6.32 38.23
C LYS E 243 75.48 7.00 39.04
N TRP E 244 75.75 8.26 38.73
CA TRP E 244 76.54 9.07 39.64
C TRP E 244 75.84 10.38 39.96
N ALA E 245 76.20 10.93 41.11
CA ALA E 245 75.72 12.22 41.60
C ALA E 245 76.95 13.05 41.91
N ALA E 246 77.03 14.23 41.33
CA ALA E 246 78.23 15.06 41.43
C ALA E 246 77.88 16.42 42.02
N VAL E 247 78.82 16.95 42.82
CA VAL E 247 78.71 18.27 43.41
C VAL E 247 80.09 18.92 43.40
N VAL E 248 80.13 20.24 43.20
CA VAL E 248 81.37 20.99 43.24
C VAL E 248 81.53 21.58 44.64
N VAL E 249 82.64 21.29 45.29
CA VAL E 249 82.85 21.70 46.68
C VAL E 249 84.12 22.55 46.78
N PRO E 250 84.22 23.43 47.77
CA PRO E 250 85.47 24.18 47.96
C PRO E 250 86.63 23.24 48.22
N SER E 251 87.84 23.72 47.88
CA SER E 251 89.02 22.87 47.84
C SER E 251 89.32 22.27 49.21
N GLY E 252 90.26 21.32 49.21
CA GLY E 252 90.46 20.46 50.35
C GLY E 252 89.58 19.24 50.37
N GLU E 253 88.64 19.12 49.43
CA GLU E 253 87.71 17.99 49.39
C GLU E 253 87.04 17.82 50.75
N GLU E 254 86.21 18.82 51.05
CA GLU E 254 85.55 18.91 52.35
C GLU E 254 84.92 17.60 52.77
N GLN E 255 85.29 17.14 53.96
CA GLN E 255 84.60 16.02 54.58
C GLN E 255 83.25 16.43 55.13
N ARG E 256 82.89 17.68 54.84
CA ARG E 256 81.59 18.22 55.20
C ARG E 256 80.46 17.67 54.34
N TYR E 257 80.77 17.00 53.24
CA TYR E 257 79.78 16.56 52.26
C TYR E 257 79.62 15.05 52.31
N THR E 258 78.38 14.59 52.45
CA THR E 258 78.06 13.18 52.56
C THR E 258 77.15 12.76 51.42
N CYS E 259 77.51 11.68 50.74
CA CYS E 259 76.63 11.08 49.75
C CYS E 259 75.71 10.09 50.42
N HIS E 260 74.41 10.20 50.15
CA HIS E 260 73.39 9.34 50.74
C HIS E 260 72.76 8.49 49.64
N VAL E 261 73.01 7.19 49.68
CA VAL E 261 72.51 6.28 48.66
C VAL E 261 71.30 5.55 49.25
N GLN E 262 70.12 5.82 48.71
CA GLN E 262 68.89 5.19 49.16
C GLN E 262 68.40 4.23 48.08
N HIS E 263 69.09 3.11 47.97
CA HIS E 263 68.65 2.00 47.14
C HIS E 263 67.94 0.97 48.00
N GLU E 264 67.02 0.24 47.39
CA GLU E 264 66.23 -0.75 48.12
C GLU E 264 67.11 -1.89 48.64
N GLY E 265 68.21 -2.18 47.96
CA GLY E 265 69.12 -3.24 48.37
C GLY E 265 70.02 -2.92 49.54
N LEU E 266 70.09 -1.64 49.93
CA LEU E 266 70.85 -1.25 51.11
C LEU E 266 69.93 -1.39 52.32
N PRO E 267 70.15 -2.37 53.20
CA PRO E 267 69.19 -2.61 54.31
C PRO E 267 68.99 -1.39 55.18
N GLU E 268 70.05 -0.60 55.37
CA GLU E 268 70.00 0.72 55.94
C GLU E 268 70.61 1.71 54.95
N PRO E 269 70.07 2.92 54.84
CA PRO E 269 70.63 3.90 53.89
C PRO E 269 72.12 4.08 54.11
N VAL E 270 72.87 4.04 53.03
CA VAL E 270 74.32 4.12 53.07
C VAL E 270 74.75 5.57 52.93
N THR E 271 75.69 5.99 53.77
CA THR E 271 76.32 7.29 53.68
C THR E 271 77.82 7.09 53.43
N LEU E 272 78.39 7.92 52.57
CA LEU E 272 79.82 7.80 52.26
C LEU E 272 80.40 9.19 51.97
N ARG E 273 81.72 9.30 52.12
CA ARG E 273 82.47 10.52 51.85
C ARG E 273 83.66 10.16 50.98
N TRP E 274 84.55 11.13 50.76
CA TRP E 274 85.75 10.86 49.97
C TRP E 274 86.74 10.03 50.78
N MET F 1 53.51 16.82 14.46
CA MET F 1 54.35 15.72 14.92
C MET F 1 55.54 16.22 15.73
N ILE F 2 55.75 15.62 16.90
CA ILE F 2 56.87 15.98 17.77
C ILE F 2 58.06 15.11 17.42
N GLN F 3 59.25 15.70 17.50
CA GLN F 3 60.49 14.96 17.40
C GLN F 3 61.40 15.38 18.55
N ARG F 4 62.22 14.45 19.01
CA ARG F 4 63.12 14.72 20.12
C ARG F 4 64.52 14.24 19.78
N THR F 5 65.51 15.07 20.12
CA THR F 5 66.91 14.72 19.89
C THR F 5 67.36 13.64 20.88
N PRO F 6 68.31 12.80 20.48
CA PRO F 6 68.82 11.79 21.41
C PRO F 6 69.77 12.38 22.44
N LYS F 7 69.63 11.90 23.68
CA LYS F 7 70.65 12.05 24.71
C LYS F 7 71.63 10.89 24.57
N ILE F 8 72.89 11.16 24.85
CA ILE F 8 73.96 10.20 24.60
C ILE F 8 74.86 10.11 25.82
N GLN F 9 75.07 8.89 26.32
CA GLN F 9 76.09 8.60 27.32
C GLN F 9 77.00 7.51 26.78
N VAL F 10 78.31 7.71 26.93
CA VAL F 10 79.32 6.74 26.53
C VAL F 10 80.15 6.41 27.76
N TYR F 11 80.28 5.12 28.05
CA TYR F 11 80.84 4.69 29.33
C TYR F 11 81.20 3.22 29.21
N SER F 12 81.88 2.70 30.24
CA SER F 12 82.28 1.30 30.28
C SER F 12 81.42 0.54 31.29
N ARG F 13 81.29 -0.77 31.07
CA ARG F 13 80.54 -1.61 32.00
C ARG F 13 81.20 -1.63 33.37
N HIS F 14 82.51 -1.76 33.40
CA HIS F 14 83.32 -1.78 34.61
C HIS F 14 84.28 -0.60 34.61
N PRO F 15 84.74 -0.17 35.77
CA PRO F 15 85.76 0.89 35.82
C PRO F 15 86.97 0.51 34.96
N ALA F 16 87.41 1.46 34.14
CA ALA F 16 88.43 1.17 33.14
C ALA F 16 89.77 0.90 33.80
N GLU F 17 90.35 -0.26 33.50
CA GLU F 17 91.72 -0.57 33.85
C GLU F 17 92.46 -0.88 32.56
N ASN F 18 93.53 -0.13 32.30
CA ASN F 18 94.27 -0.31 31.06
C ASN F 18 94.74 -1.75 30.91
N GLY F 19 94.42 -2.35 29.75
CA GLY F 19 94.83 -3.71 29.47
C GLY F 19 93.86 -4.79 29.88
N LYS F 20 92.76 -4.46 30.56
CA LYS F 20 91.79 -5.43 31.04
C LYS F 20 90.54 -5.37 30.18
N SER F 21 90.10 -6.51 29.66
CA SER F 21 88.92 -6.56 28.81
C SER F 21 87.70 -6.02 29.56
N ASN F 22 86.88 -5.28 28.83
CA ASN F 22 85.76 -4.52 29.39
C ASN F 22 84.67 -4.50 28.33
N PHE F 23 83.65 -3.67 28.55
CA PHE F 23 82.65 -3.42 27.53
C PHE F 23 82.46 -1.91 27.38
N LEU F 24 82.38 -1.46 26.14
CA LEU F 24 82.13 -0.05 25.84
C LEU F 24 80.65 0.12 25.52
N ASN F 25 79.99 1.02 26.24
CA ASN F 25 78.55 1.23 26.12
C ASN F 25 78.24 2.59 25.52
N CYS F 26 77.27 2.63 24.61
CA CYS F 26 76.69 3.89 24.15
C CYS F 26 75.18 3.80 24.39
N TYR F 27 74.70 4.59 25.35
CA TYR F 27 73.30 4.58 25.74
C TYR F 27 72.63 5.81 25.12
N VAL F 28 71.69 5.57 24.20
CA VAL F 28 70.98 6.65 23.52
C VAL F 28 69.53 6.61 23.98
N SER F 29 69.01 7.75 24.42
CA SER F 29 67.68 7.76 25.01
C SER F 29 67.00 9.08 24.69
N GLY F 30 65.70 9.13 24.98
CA GLY F 30 64.96 10.37 24.85
C GLY F 30 64.68 10.82 23.45
N PHE F 31 64.82 9.95 22.45
CA PHE F 31 64.67 10.37 21.06
C PHE F 31 63.34 9.90 20.47
N HIS F 32 62.96 10.53 19.37
CA HIS F 32 61.72 10.26 18.64
C HIS F 32 61.84 10.97 17.29
N PRO F 33 61.57 10.29 16.18
CA PRO F 33 61.07 8.90 16.07
C PRO F 33 62.14 7.84 16.33
N SER F 34 61.77 6.58 16.17
CA SER F 34 62.62 5.48 16.64
C SER F 34 63.78 5.18 15.70
N ASP F 35 63.72 5.61 14.44
CA ASP F 35 64.82 5.34 13.52
C ASP F 35 66.07 6.08 13.97
N ILE F 36 67.18 5.35 14.11
CA ILE F 36 68.42 5.94 14.61
C ILE F 36 69.59 5.08 14.15
N GLU F 37 70.73 5.73 13.92
CA GLU F 37 71.96 5.04 13.56
C GLU F 37 73.00 5.32 14.64
N VAL F 38 73.62 4.27 15.15
CA VAL F 38 74.60 4.38 16.23
C VAL F 38 75.81 3.53 15.86
N ASP F 39 76.97 4.16 15.79
CA ASP F 39 78.23 3.47 15.55
C ASP F 39 79.14 3.68 16.75
N LEU F 40 79.96 2.67 17.03
CA LEU F 40 81.03 2.77 18.02
C LEU F 40 82.36 2.88 17.29
N LEU F 41 83.21 3.81 17.74
CA LEU F 41 84.44 4.15 17.05
C LEU F 41 85.65 3.79 17.90
N LYS F 42 86.69 3.28 17.26
CA LYS F 42 88.01 3.09 17.87
C LYS F 42 89.01 3.87 17.03
N ASN F 43 89.50 4.99 17.57
CA ASN F 43 90.39 5.90 16.84
C ASN F 43 89.78 6.32 15.51
N GLY F 44 88.52 6.73 15.56
CA GLY F 44 87.83 7.26 14.40
C GLY F 44 87.24 6.24 13.44
N GLU F 45 87.55 4.96 13.61
CA GLU F 45 87.08 3.92 12.70
C GLU F 45 85.97 3.11 13.34
N ARG F 46 84.99 2.72 12.53
CA ARG F 46 83.83 1.99 13.04
C ARG F 46 84.22 0.61 13.52
N ILE F 47 83.78 0.27 14.73
CA ILE F 47 83.95 -1.08 15.26
C ILE F 47 82.93 -2.00 14.59
N GLU F 48 83.42 -3.13 14.06
CA GLU F 48 82.62 -3.96 13.18
C GLU F 48 81.54 -4.74 13.93
N LYS F 49 81.86 -5.31 15.08
CA LYS F 49 80.92 -6.16 15.82
C LYS F 49 80.37 -5.35 17.00
N VAL F 50 79.13 -4.90 16.86
CA VAL F 50 78.47 -4.09 17.88
C VAL F 50 77.09 -4.68 18.14
N GLU F 51 76.78 -4.93 19.40
CA GLU F 51 75.47 -5.41 19.81
C GLU F 51 74.58 -4.23 20.20
N HIS F 52 73.27 -4.46 20.17
CA HIS F 52 72.34 -3.43 20.63
C HIS F 52 71.10 -4.08 21.23
N SER F 53 70.49 -3.38 22.18
CA SER F 53 69.32 -3.85 22.87
C SER F 53 68.07 -3.71 22.00
N ASP F 54 66.95 -4.21 22.50
CA ASP F 54 65.69 -4.11 21.79
C ASP F 54 65.03 -2.77 22.07
N LEU F 55 64.36 -2.24 21.05
CA LEU F 55 63.73 -0.93 21.15
C LEU F 55 62.67 -0.92 22.24
N SER F 56 62.81 -0.01 23.20
CA SER F 56 61.77 0.22 24.20
C SER F 56 61.60 1.72 24.36
N PHE F 57 60.67 2.13 25.23
CA PHE F 57 60.43 3.55 25.39
C PHE F 57 60.00 3.87 26.81
N SER F 58 60.08 5.16 27.15
CA SER F 58 59.83 5.66 28.50
C SER F 58 58.41 6.20 28.59
N LYS F 59 58.07 6.73 29.77
CA LYS F 59 56.70 7.23 30.00
C LYS F 59 56.36 8.38 29.07
N ASP F 60 57.33 9.22 28.72
CA ASP F 60 57.07 10.31 27.79
C ASP F 60 57.09 9.86 26.33
N TRP F 61 57.08 8.54 26.10
CA TRP F 61 57.05 7.87 24.81
C TRP F 61 58.36 7.93 24.05
N SER F 62 59.39 8.56 24.60
CA SER F 62 60.68 8.62 23.91
C SER F 62 61.39 7.27 24.01
N PHE F 63 62.21 6.99 22.99
CA PHE F 63 62.84 5.69 22.86
C PHE F 63 64.22 5.66 23.50
N TYR F 64 64.70 4.45 23.80
CA TYR F 64 66.05 4.28 24.29
C TYR F 64 66.61 2.93 23.82
N LEU F 65 67.93 2.91 23.64
CA LEU F 65 68.67 1.76 23.16
C LEU F 65 70.05 1.77 23.79
N LEU F 66 70.61 0.59 24.01
CA LEU F 66 72.01 0.43 24.42
C LEU F 66 72.77 -0.28 23.31
N TYR F 67 73.84 0.35 22.83
CA TYR F 67 74.79 -0.27 21.92
C TYR F 67 76.07 -0.57 22.70
N TYR F 68 76.65 -1.74 22.46
CA TYR F 68 77.82 -2.12 23.25
C TYR F 68 78.70 -3.08 22.46
N THR F 69 79.98 -3.09 22.83
CA THR F 69 80.95 -4.01 22.26
C THR F 69 82.05 -4.27 23.28
N GLU F 70 82.66 -5.43 23.18
CA GLU F 70 83.85 -5.72 23.99
C GLU F 70 84.98 -4.79 23.58
N PHE F 71 85.73 -4.31 24.56
CA PHE F 71 86.93 -3.54 24.26
C PHE F 71 87.91 -3.65 25.42
N THR F 72 89.17 -3.35 25.12
CA THR F 72 90.21 -3.29 26.13
C THR F 72 90.75 -1.87 26.17
N PRO F 73 90.38 -1.08 27.17
CA PRO F 73 90.89 0.29 27.24
C PRO F 73 92.40 0.30 27.41
N THR F 74 93.05 1.19 26.66
CA THR F 74 94.50 1.37 26.78
C THR F 74 94.81 2.85 26.97
N GLU F 75 96.10 3.18 26.92
CA GLU F 75 96.52 4.57 27.10
C GLU F 75 96.38 5.38 25.82
N LYS F 76 96.62 4.76 24.67
CA LYS F 76 96.67 5.48 23.41
C LYS F 76 95.33 5.50 22.68
N ASP F 77 94.50 4.48 22.87
CA ASP F 77 93.30 4.31 22.05
C ASP F 77 92.20 5.28 22.48
N GLU F 78 91.55 5.88 21.49
CA GLU F 78 90.45 6.82 21.69
C GLU F 78 89.16 6.19 21.22
N TYR F 79 88.16 6.17 22.10
CA TYR F 79 86.86 5.56 21.79
C TYR F 79 85.77 6.61 21.83
N ALA F 80 84.73 6.39 21.03
CA ALA F 80 83.64 7.35 20.91
C ALA F 80 82.43 6.64 20.31
N CYS F 81 81.29 7.34 20.35
CA CYS F 81 80.03 6.87 19.78
C CYS F 81 79.53 7.92 18.79
N ARG F 82 79.10 7.47 17.63
CA ARG F 82 78.59 8.35 16.58
C ARG F 82 77.12 8.06 16.37
N VAL F 83 76.28 9.09 16.53
CA VAL F 83 74.82 8.94 16.49
C VAL F 83 74.26 9.84 15.41
N ASN F 84 73.48 9.25 14.51
CA ASN F 84 72.76 9.99 13.48
C ASN F 84 71.26 9.79 13.67
N HIS F 85 70.51 10.88 13.55
CA HIS F 85 69.08 10.88 13.80
C HIS F 85 68.47 12.01 12.97
N VAL F 86 67.17 11.90 12.67
CA VAL F 86 66.53 12.88 11.81
C VAL F 86 66.59 14.28 12.43
N THR F 87 66.68 14.37 13.75
CA THR F 87 66.72 15.65 14.45
C THR F 87 68.10 16.29 14.46
N LEU F 88 69.11 15.62 13.92
CA LEU F 88 70.49 16.10 13.97
C LEU F 88 70.89 16.65 12.61
N SER F 89 71.42 17.87 12.59
CA SER F 89 71.90 18.46 11.35
C SER F 89 73.15 17.74 10.83
N GLN F 90 73.90 17.10 11.72
CA GLN F 90 75.06 16.30 11.36
C GLN F 90 75.22 15.22 12.41
N PRO F 91 75.88 14.11 12.07
CA PRO F 91 76.10 13.06 13.08
C PRO F 91 76.85 13.60 14.29
N LYS F 92 76.39 13.19 15.47
CA LYS F 92 76.95 13.62 16.73
C LYS F 92 77.94 12.57 17.24
N ILE F 93 79.14 13.01 17.58
CA ILE F 93 80.20 12.15 18.10
C ILE F 93 80.46 12.52 19.55
N VAL F 94 80.39 11.54 20.44
CA VAL F 94 80.63 11.74 21.87
C VAL F 94 81.78 10.84 22.26
N LYS F 95 82.90 11.44 22.66
CA LYS F 95 84.08 10.67 23.01
C LYS F 95 83.94 10.04 24.39
N TRP F 96 84.55 8.86 24.54
CA TRP F 96 84.52 8.17 25.83
C TRP F 96 85.49 8.83 26.80
N ASP F 97 85.02 9.06 28.03
CA ASP F 97 85.84 9.60 29.11
C ASP F 97 85.77 8.60 30.25
N ARG F 98 86.89 7.96 30.57
CA ARG F 98 86.89 6.87 31.53
C ARG F 98 86.49 7.32 32.94
N ASP F 99 86.42 8.62 33.20
CA ASP F 99 85.98 9.13 34.49
C ASP F 99 84.54 9.62 34.47
N MET F 100 83.77 9.30 33.44
CA MET F 100 82.38 9.72 33.36
C MET F 100 81.43 8.59 32.97
N GLY G 1 -76.21 7.04 -18.19
CA GLY G 1 -75.52 5.77 -18.05
C GLY G 1 -74.07 5.93 -17.61
N SER G 2 -73.34 4.82 -17.61
CA SER G 2 -71.95 4.82 -17.19
C SER G 2 -71.05 5.37 -18.29
N HIS G 3 -69.86 5.81 -17.88
CA HIS G 3 -68.85 6.28 -18.82
C HIS G 3 -67.48 5.90 -18.27
N SER G 4 -66.51 5.84 -19.18
CA SER G 4 -65.15 5.48 -18.79
C SER G 4 -64.14 6.31 -19.56
N LEU G 5 -63.03 6.61 -18.89
CA LEU G 5 -61.83 7.14 -19.51
C LEU G 5 -60.73 6.10 -19.35
N LYS G 6 -60.17 5.66 -20.48
CA LYS G 6 -59.23 4.54 -20.47
C LYS G 6 -58.05 4.84 -21.38
N TYR G 7 -56.86 4.46 -20.94
CA TYR G 7 -55.65 4.54 -21.75
C TYR G 7 -55.04 3.16 -21.94
N PHE G 8 -54.44 2.95 -23.11
CA PHE G 8 -53.87 1.67 -23.50
C PHE G 8 -52.48 1.93 -24.06
N HIS G 9 -51.45 1.42 -23.38
CA HIS G 9 -50.06 1.68 -23.75
C HIS G 9 -49.37 0.38 -24.12
N THR G 10 -48.63 0.41 -25.22
CA THR G 10 -47.88 -0.74 -25.69
C THR G 10 -46.44 -0.34 -25.96
N SER G 11 -45.50 -1.09 -25.38
CA SER G 11 -44.07 -0.90 -25.65
C SER G 11 -43.49 -2.23 -26.16
N VAL G 12 -42.81 -2.19 -27.30
CA VAL G 12 -42.23 -3.38 -27.90
C VAL G 12 -40.75 -3.15 -28.16
N SER G 13 -39.89 -3.97 -27.56
CA SER G 13 -38.46 -3.83 -27.78
C SER G 13 -38.09 -4.22 -29.21
N ARG G 14 -37.05 -3.56 -29.72
CA ARG G 14 -36.58 -3.74 -31.10
C ARG G 14 -35.10 -4.07 -31.07
N PRO G 15 -34.74 -5.35 -31.13
CA PRO G 15 -33.31 -5.73 -31.00
C PRO G 15 -32.49 -5.20 -32.16
N GLY G 16 -31.41 -4.48 -31.84
CA GLY G 16 -30.49 -4.00 -32.85
C GLY G 16 -31.01 -2.89 -33.74
N ARG G 17 -32.19 -2.33 -33.45
CA ARG G 17 -32.74 -1.25 -34.24
C ARG G 17 -32.86 0.08 -33.48
N GLY G 18 -32.82 0.05 -32.15
CA GLY G 18 -32.94 1.27 -31.38
C GLY G 18 -33.88 1.15 -30.21
N GLU G 19 -34.45 2.27 -29.77
CA GLU G 19 -35.35 2.26 -28.63
C GLU G 19 -36.64 1.51 -28.98
N PRO G 20 -37.35 1.01 -27.96
CA PRO G 20 -38.59 0.28 -28.23
C PRO G 20 -39.64 1.16 -28.88
N ARG G 21 -40.49 0.54 -29.69
CA ARG G 21 -41.68 1.21 -30.18
C ARG G 21 -42.67 1.41 -29.03
N PHE G 22 -43.23 2.61 -28.92
CA PHE G 22 -44.18 2.91 -27.86
C PHE G 22 -45.39 3.61 -28.45
N ILE G 23 -46.58 3.08 -28.15
CA ILE G 23 -47.83 3.62 -28.65
C ILE G 23 -48.81 3.70 -27.50
N SER G 24 -49.44 4.87 -27.34
CA SER G 24 -50.47 5.11 -26.34
C SER G 24 -51.73 5.60 -27.05
N VAL G 25 -52.88 5.05 -26.65
CA VAL G 25 -54.16 5.54 -27.13
C VAL G 25 -55.07 5.78 -25.94
N GLY G 26 -55.89 6.83 -26.03
CA GLY G 26 -56.87 7.14 -25.01
C GLY G 26 -58.27 7.04 -25.57
N TYR G 27 -59.20 6.52 -24.76
CA TYR G 27 -60.59 6.36 -25.15
C TYR G 27 -61.52 6.97 -24.10
N VAL G 28 -62.57 7.63 -24.56
CA VAL G 28 -63.75 7.90 -23.74
C VAL G 28 -64.86 7.02 -24.26
N ASP G 29 -65.35 6.10 -23.42
CA ASP G 29 -66.32 5.07 -23.82
C ASP G 29 -65.73 4.33 -25.02
N ASP G 30 -66.44 4.23 -26.15
CA ASP G 30 -65.94 3.54 -27.33
C ASP G 30 -65.35 4.48 -28.36
N THR G 31 -64.92 5.67 -27.95
CA THR G 31 -64.45 6.69 -28.89
C THR G 31 -63.00 7.02 -28.58
N GLN G 32 -62.11 6.74 -29.53
CA GLN G 32 -60.72 7.14 -29.35
C GLN G 32 -60.59 8.65 -29.47
N PHE G 33 -59.77 9.26 -28.61
CA PHE G 33 -59.66 10.71 -28.68
C PHE G 33 -58.24 11.26 -28.71
N VAL G 34 -57.22 10.47 -28.32
CA VAL G 34 -55.83 10.89 -28.42
C VAL G 34 -54.96 9.69 -28.81
N ARG G 35 -53.79 10.00 -29.34
CA ARG G 35 -52.78 8.99 -29.65
C ARG G 35 -51.40 9.61 -29.49
N PHE G 36 -50.46 8.78 -29.03
CA PHE G 36 -49.03 9.11 -29.03
C PHE G 36 -48.28 7.92 -29.62
N ASP G 37 -47.42 8.19 -30.59
CA ASP G 37 -46.60 7.17 -31.23
C ASP G 37 -45.17 7.69 -31.29
N ASN G 38 -44.25 7.01 -30.60
CA ASN G 38 -42.90 7.54 -30.45
C ASN G 38 -42.04 7.38 -31.69
N ASP G 39 -42.58 6.82 -32.77
CA ASP G 39 -41.83 6.63 -34.01
C ASP G 39 -41.76 7.95 -34.76
N ALA G 40 -40.94 8.86 -34.22
CA ALA G 40 -40.71 10.18 -34.80
C ALA G 40 -39.50 10.79 -34.12
N ALA G 41 -38.98 11.85 -34.73
CA ALA G 41 -37.84 12.56 -34.14
C ALA G 41 -38.26 13.28 -32.85
N SER G 42 -39.41 13.94 -32.88
CA SER G 42 -39.95 14.62 -31.71
C SER G 42 -41.44 14.30 -31.63
N PRO G 43 -41.79 13.11 -31.15
CA PRO G 43 -43.19 12.66 -31.22
C PRO G 43 -44.10 13.45 -30.31
N ARG G 44 -45.36 13.59 -30.73
CA ARG G 44 -46.34 14.42 -30.04
C ARG G 44 -47.61 13.65 -29.78
N MET G 45 -48.24 13.95 -28.64
CA MET G 45 -49.64 13.55 -28.46
C MET G 45 -50.51 14.35 -29.42
N VAL G 46 -51.42 13.68 -30.12
CA VAL G 46 -52.24 14.36 -31.12
C VAL G 46 -53.71 14.01 -30.92
N PRO G 47 -54.62 14.90 -31.29
CA PRO G 47 -56.05 14.55 -31.21
C PRO G 47 -56.45 13.50 -32.21
N ARG G 48 -57.38 12.63 -31.80
CA ARG G 48 -57.96 11.64 -32.70
C ARG G 48 -59.47 11.73 -32.75
N ALA G 49 -60.05 12.77 -32.17
CA ALA G 49 -61.48 13.06 -32.27
C ALA G 49 -61.64 14.54 -32.59
N PRO G 50 -62.63 14.91 -33.38
CA PRO G 50 -62.74 16.33 -33.76
C PRO G 50 -62.98 17.25 -32.59
N TRP G 51 -63.63 16.77 -31.53
CA TRP G 51 -63.90 17.62 -30.37
C TRP G 51 -62.67 17.86 -29.50
N MET G 52 -61.54 17.20 -29.79
CA MET G 52 -60.29 17.54 -29.13
C MET G 52 -59.48 18.59 -29.88
N GLU G 53 -59.90 18.99 -31.07
CA GLU G 53 -59.07 19.84 -31.90
C GLU G 53 -59.01 21.28 -31.41
N GLN G 54 -59.88 21.67 -30.49
CA GLN G 54 -59.87 23.04 -29.97
C GLN G 54 -59.02 23.18 -28.71
N GLU G 55 -58.36 22.11 -28.26
CA GLU G 55 -57.48 22.22 -27.10
C GLU G 55 -56.25 23.04 -27.44
N GLY G 56 -55.82 23.86 -26.49
CA GLY G 56 -54.67 24.71 -26.70
C GLY G 56 -53.35 23.99 -26.47
N SER G 57 -52.27 24.75 -26.66
CA SER G 57 -50.93 24.19 -26.59
C SER G 57 -50.60 23.69 -25.18
N GLU G 58 -51.20 24.31 -24.15
CA GLU G 58 -50.96 23.85 -22.79
C GLU G 58 -51.31 22.38 -22.64
N TYR G 59 -52.45 21.97 -23.20
CA TYR G 59 -52.87 20.57 -23.10
C TYR G 59 -51.91 19.65 -23.86
N TRP G 60 -51.62 19.97 -25.12
CA TRP G 60 -50.85 19.06 -25.95
C TRP G 60 -49.39 18.97 -25.48
N ASP G 61 -48.82 20.08 -25.03
CA ASP G 61 -47.47 20.03 -24.50
C ASP G 61 -47.40 19.14 -23.26
N ARG G 62 -48.36 19.30 -22.35
CA ARG G 62 -48.36 18.49 -21.14
C ARG G 62 -48.52 17.01 -21.45
N GLU G 63 -49.44 16.68 -22.34
CA GLU G 63 -49.64 15.26 -22.64
C GLU G 63 -48.46 14.68 -23.41
N THR G 64 -47.86 15.48 -24.30
CA THR G 64 -46.67 15.02 -25.02
C THR G 64 -45.54 14.71 -24.06
N ARG G 65 -45.29 15.60 -23.09
N ARG G 65 -45.30 15.60 -23.10
CA ARG G 65 -44.22 15.36 -22.14
CA ARG G 65 -44.23 15.38 -22.13
C ARG G 65 -44.53 14.17 -21.25
C ARG G 65 -44.53 14.16 -21.26
N SER G 66 -45.80 13.98 -20.87
CA SER G 66 -46.16 12.81 -20.07
C SER G 66 -45.92 11.52 -20.84
N ALA G 67 -46.32 11.50 -22.12
CA ALA G 67 -46.16 10.30 -22.94
C ALA G 67 -44.70 10.01 -23.25
N ARG G 68 -43.91 11.05 -23.56
CA ARG G 68 -42.47 10.85 -23.76
C ARG G 68 -41.82 10.26 -22.52
N ASP G 69 -42.17 10.79 -21.33
CA ASP G 69 -41.63 10.26 -20.09
C ASP G 69 -42.04 8.81 -19.88
N THR G 70 -43.32 8.51 -20.15
CA THR G 70 -43.80 7.15 -19.96
C THR G 70 -43.10 6.17 -20.89
N ALA G 71 -42.84 6.58 -22.14
CA ALA G 71 -42.09 5.74 -23.05
C ALA G 71 -40.70 5.43 -22.51
N GLN G 72 -40.04 6.43 -21.91
CA GLN G 72 -38.72 6.20 -21.32
C GLN G 72 -38.82 5.24 -20.13
N ILE G 73 -39.84 5.40 -19.29
CA ILE G 73 -40.04 4.49 -18.17
C ILE G 73 -40.25 3.07 -18.68
N PHE G 74 -41.02 2.91 -19.75
CA PHE G 74 -41.29 1.57 -20.25
C PHE G 74 -40.06 0.94 -20.90
N ARG G 75 -39.22 1.76 -21.53
CA ARG G 75 -37.93 1.24 -22.01
C ARG G 75 -37.11 0.69 -20.86
N VAL G 76 -37.02 1.44 -19.75
CA VAL G 76 -36.33 0.94 -18.56
C VAL G 76 -36.99 -0.33 -18.04
N ASN G 77 -38.33 -0.37 -18.03
CA ASN G 77 -39.04 -1.55 -17.54
C ASN G 77 -38.74 -2.77 -18.40
N LEU G 78 -38.65 -2.58 -19.73
CA LEU G 78 -38.35 -3.72 -20.60
C LEU G 78 -36.99 -4.31 -20.30
N ARG G 79 -36.00 -3.44 -20.01
CA ARG G 79 -34.68 -3.93 -19.62
C ARG G 79 -34.73 -4.65 -18.28
N THR G 80 -35.48 -4.11 -17.32
CA THR G 80 -35.58 -4.74 -16.00
C THR G 80 -36.19 -6.13 -16.10
N LEU G 81 -37.32 -6.26 -16.80
CA LEU G 81 -38.00 -7.55 -16.87
C LEU G 81 -37.19 -8.57 -17.66
N ARG G 82 -36.47 -8.12 -18.69
CA ARG G 82 -35.57 -9.03 -19.39
C ARG G 82 -34.50 -9.57 -18.44
N GLY G 83 -34.06 -8.75 -17.47
CA GLY G 83 -33.14 -9.25 -16.47
C GLY G 83 -33.80 -10.18 -15.47
N TYR G 84 -35.04 -9.85 -15.05
CA TYR G 84 -35.78 -10.74 -14.14
C TYR G 84 -35.89 -12.14 -14.71
N TYR G 85 -36.17 -12.26 -16.00
CA TYR G 85 -36.43 -13.54 -16.63
C TYR G 85 -35.21 -14.12 -17.34
N ASN G 86 -34.04 -13.49 -17.18
CA ASN G 86 -32.79 -13.98 -17.75
C ASN G 86 -32.91 -14.16 -19.27
N GLN G 87 -33.49 -13.15 -19.91
CA GLN G 87 -33.74 -13.20 -21.35
C GLN G 87 -32.67 -12.42 -22.10
N SER G 88 -32.35 -12.89 -23.31
CA SER G 88 -31.32 -12.27 -24.12
C SER G 88 -31.80 -10.93 -24.69
N GLU G 89 -30.84 -10.11 -25.10
CA GLU G 89 -31.14 -8.87 -25.81
C GLU G 89 -31.63 -9.11 -27.23
N ALA G 90 -31.47 -10.33 -27.75
CA ALA G 90 -31.77 -10.60 -29.16
C ALA G 90 -33.27 -10.71 -29.43
N GLY G 91 -34.07 -11.01 -28.42
CA GLY G 91 -35.49 -11.23 -28.63
C GLY G 91 -36.34 -10.00 -28.39
N SER G 92 -37.47 -9.93 -29.07
CA SER G 92 -38.43 -8.85 -28.91
C SER G 92 -39.48 -9.23 -27.86
N HIS G 93 -39.78 -8.29 -26.98
CA HIS G 93 -40.71 -8.52 -25.87
C HIS G 93 -41.66 -7.33 -25.77
N THR G 94 -42.85 -7.58 -25.22
N THR G 94 -42.83 -7.57 -25.19
CA THR G 94 -43.93 -6.60 -25.20
CA THR G 94 -43.90 -6.58 -25.18
C THR G 94 -44.36 -6.32 -23.76
C THR G 94 -44.36 -6.32 -23.76
N LEU G 95 -44.43 -5.04 -23.41
CA LEU G 95 -44.98 -4.61 -22.13
C LEU G 95 -46.22 -3.78 -22.41
N GLN G 96 -47.34 -4.15 -21.80
CA GLN G 96 -48.58 -3.43 -21.98
C GLN G 96 -49.08 -2.93 -20.63
N TRP G 97 -49.76 -1.79 -20.67
CA TRP G 97 -50.27 -1.13 -19.48
C TRP G 97 -51.61 -0.53 -19.84
N MET G 98 -52.63 -0.83 -19.05
CA MET G 98 -53.94 -0.22 -19.24
C MET G 98 -54.44 0.28 -17.91
N HIS G 99 -55.10 1.43 -17.93
CA HIS G 99 -55.68 1.97 -16.72
C HIS G 99 -56.86 2.82 -17.12
N GLY G 100 -57.76 3.04 -16.18
CA GLY G 100 -58.92 3.85 -16.46
C GLY G 100 -59.81 3.94 -15.25
N CYS G 101 -60.78 4.86 -15.35
CA CYS G 101 -61.79 5.03 -14.34
C CYS G 101 -63.15 4.94 -14.99
N GLU G 102 -64.12 4.45 -14.23
CA GLU G 102 -65.49 4.30 -14.68
C GLU G 102 -66.41 5.06 -13.75
N LEU G 103 -67.39 5.73 -14.32
CA LEU G 103 -68.42 6.42 -13.56
C LEU G 103 -69.69 5.58 -13.55
N GLY G 104 -70.48 5.75 -12.49
CA GLY G 104 -71.77 5.12 -12.39
C GLY G 104 -72.84 6.00 -13.00
N PRO G 105 -74.07 5.49 -13.04
CA PRO G 105 -75.20 6.27 -13.59
C PRO G 105 -75.34 7.66 -12.99
N ASP G 106 -74.95 7.87 -11.73
CA ASP G 106 -75.08 9.17 -11.11
C ASP G 106 -73.94 10.12 -11.46
N GLY G 107 -73.00 9.69 -12.29
CA GLY G 107 -71.90 10.54 -12.67
C GLY G 107 -70.75 10.57 -11.69
N ARG G 108 -70.77 9.73 -10.67
CA ARG G 108 -69.70 9.68 -9.68
C ARG G 108 -68.85 8.43 -9.88
N PHE G 109 -67.65 8.46 -9.30
CA PHE G 109 -66.68 7.38 -9.45
C PHE G 109 -67.28 6.05 -9.04
N LEU G 110 -67.09 5.04 -9.89
CA LEU G 110 -67.58 3.69 -9.64
C LEU G 110 -66.44 2.70 -9.41
N ARG G 111 -65.50 2.61 -10.34
CA ARG G 111 -64.35 1.73 -10.17
C ARG G 111 -63.19 2.25 -11.01
N GLY G 112 -62.00 1.78 -10.66
CA GLY G 112 -60.82 2.08 -11.44
C GLY G 112 -60.01 0.82 -11.62
N TYR G 113 -59.08 0.87 -12.58
CA TYR G 113 -58.22 -0.29 -12.77
C TYR G 113 -56.87 0.17 -13.30
N GLU G 114 -55.88 -0.67 -13.05
CA GLU G 114 -54.52 -0.47 -13.55
C GLU G 114 -53.85 -1.82 -13.61
N GLN G 115 -53.35 -2.18 -14.79
CA GLN G 115 -52.82 -3.53 -14.99
C GLN G 115 -51.65 -3.48 -15.96
N PHE G 116 -50.65 -4.31 -15.69
CA PHE G 116 -49.51 -4.49 -16.57
C PHE G 116 -49.51 -5.91 -17.12
N ALA G 117 -49.05 -6.05 -18.36
CA ALA G 117 -48.87 -7.36 -18.97
C ALA G 117 -47.52 -7.46 -19.65
N TYR G 118 -46.88 -8.60 -19.51
CA TYR G 118 -45.60 -8.88 -20.16
C TYR G 118 -45.75 -10.07 -21.08
N ASP G 119 -45.38 -9.89 -22.34
CA ASP G 119 -45.44 -10.92 -23.38
C ASP G 119 -46.79 -11.63 -23.40
N GLY G 120 -47.87 -10.84 -23.37
CA GLY G 120 -49.21 -11.33 -23.63
C GLY G 120 -49.96 -11.89 -22.44
N LYS G 121 -49.41 -11.81 -21.23
CA LYS G 121 -50.02 -12.37 -20.04
C LYS G 121 -49.99 -11.35 -18.92
N ASP G 122 -50.98 -11.41 -18.03
CA ASP G 122 -50.97 -10.55 -16.84
C ASP G 122 -49.62 -10.62 -16.14
N TYR G 123 -49.16 -9.47 -15.67
CA TYR G 123 -47.94 -9.39 -14.89
C TYR G 123 -48.20 -8.85 -13.49
N LEU G 124 -48.66 -7.61 -13.38
CA LEU G 124 -48.95 -6.98 -12.09
C LEU G 124 -50.26 -6.24 -12.21
N THR G 125 -51.18 -6.53 -11.28
CA THR G 125 -52.53 -5.98 -11.31
C THR G 125 -52.86 -5.31 -10.00
N LEU G 126 -53.32 -4.05 -10.08
CA LEU G 126 -53.89 -3.40 -8.92
C LEU G 126 -55.25 -4.01 -8.62
N ASN G 127 -55.46 -4.39 -7.37
CA ASN G 127 -56.70 -5.06 -7.00
C ASN G 127 -57.86 -4.06 -6.97
N GLU G 128 -59.07 -4.62 -6.92
CA GLU G 128 -60.28 -3.80 -7.01
C GLU G 128 -60.35 -2.78 -5.88
N ASP G 129 -59.81 -3.11 -4.70
CA ASP G 129 -59.82 -2.16 -3.60
C ASP G 129 -58.84 -1.00 -3.79
N LEU G 130 -58.01 -1.05 -4.84
CA LEU G 130 -57.03 0.00 -5.16
C LEU G 130 -56.03 0.19 -4.02
N ARG G 131 -55.82 -0.86 -3.22
CA ARG G 131 -54.86 -0.81 -2.12
C ARG G 131 -53.82 -1.93 -2.15
N SER G 132 -54.04 -3.00 -2.91
CA SER G 132 -53.15 -4.14 -2.93
C SER G 132 -52.95 -4.60 -4.38
N TRP G 133 -51.95 -5.46 -4.57
CA TRP G 133 -51.56 -5.92 -5.89
C TRP G 133 -51.73 -7.42 -6.01
N THR G 134 -51.80 -7.90 -7.25
CA THR G 134 -51.72 -9.32 -7.56
C THR G 134 -50.57 -9.53 -8.53
N ALA G 135 -49.59 -10.32 -8.11
CA ALA G 135 -48.40 -10.58 -8.91
C ALA G 135 -48.48 -11.98 -9.52
N VAL G 136 -48.09 -12.09 -10.79
CA VAL G 136 -48.29 -13.36 -11.51
C VAL G 136 -47.22 -14.39 -11.12
N ASP G 137 -46.02 -13.95 -10.75
CA ASP G 137 -44.94 -14.87 -10.41
C ASP G 137 -43.95 -14.14 -9.49
N THR G 138 -42.79 -14.76 -9.26
CA THR G 138 -41.83 -14.18 -8.33
C THR G 138 -41.20 -12.91 -8.88
N ALA G 139 -41.04 -12.81 -10.20
CA ALA G 139 -40.56 -11.56 -10.79
C ALA G 139 -41.53 -10.42 -10.50
N ALA G 140 -42.82 -10.65 -10.77
CA ALA G 140 -43.82 -9.63 -10.49
C ALA G 140 -43.91 -9.32 -9.00
N GLN G 141 -43.50 -10.25 -8.13
CA GLN G 141 -43.50 -9.95 -6.70
C GLN G 141 -42.40 -8.96 -6.33
N ILE G 142 -41.28 -8.96 -7.05
CA ILE G 142 -40.30 -7.89 -6.90
C ILE G 142 -40.94 -6.56 -7.30
N SER G 143 -41.55 -6.52 -8.48
CA SER G 143 -42.22 -5.30 -8.91
C SER G 143 -43.27 -4.86 -7.91
N GLU G 144 -44.01 -5.81 -7.34
CA GLU G 144 -45.01 -5.49 -6.32
C GLU G 144 -44.35 -4.86 -5.10
N GLN G 145 -43.21 -5.41 -4.67
CA GLN G 145 -42.52 -4.84 -3.52
C GLN G 145 -42.05 -3.43 -3.82
N LYS G 146 -41.50 -3.21 -5.01
CA LYS G 146 -41.04 -1.86 -5.38
C LYS G 146 -42.21 -0.88 -5.42
N SER G 147 -43.39 -1.34 -5.87
CA SER G 147 -44.55 -0.47 -5.88
C SER G 147 -45.04 -0.20 -4.46
N ASN G 148 -45.01 -1.21 -3.59
CA ASN G 148 -45.36 -0.99 -2.20
C ASN G 148 -44.37 -0.05 -1.54
N ASP G 149 -43.08 -0.22 -1.82
CA ASP G 149 -42.06 0.69 -1.28
C ASP G 149 -42.36 2.13 -1.64
N ALA G 150 -42.87 2.36 -2.84
CA ALA G 150 -43.11 3.70 -3.36
C ALA G 150 -44.50 4.22 -3.07
N SER G 151 -45.34 3.45 -2.35
CA SER G 151 -46.73 3.82 -2.11
C SER G 151 -47.45 4.07 -3.44
N GLU G 152 -47.15 3.24 -4.43
CA GLU G 152 -47.71 3.44 -5.76
C GLU G 152 -49.23 3.30 -5.74
N ALA G 153 -49.76 2.34 -4.98
CA ALA G 153 -51.21 2.14 -4.96
C ALA G 153 -51.92 3.38 -4.44
N GLU G 154 -51.33 4.08 -3.47
CA GLU G 154 -51.91 5.34 -2.99
C GLU G 154 -51.94 6.39 -4.09
N HIS G 155 -50.85 6.49 -4.86
CA HIS G 155 -50.79 7.51 -5.91
C HIS G 155 -51.70 7.15 -7.08
N GLN G 156 -51.76 5.88 -7.43
CA GLN G 156 -52.69 5.45 -8.47
C GLN G 156 -54.13 5.69 -8.04
N ARG G 157 -54.46 5.38 -6.79
CA ARG G 157 -55.82 5.61 -6.30
C ARG G 157 -56.21 7.07 -6.41
N ALA G 158 -55.29 7.97 -6.05
CA ALA G 158 -55.57 9.40 -6.16
C ALA G 158 -55.84 9.81 -7.60
N TYR G 159 -55.06 9.29 -8.54
CA TYR G 159 -55.31 9.59 -9.95
C TYR G 159 -56.65 9.02 -10.39
N LEU G 160 -56.93 7.76 -10.05
CA LEU G 160 -58.12 7.09 -10.57
C LEU G 160 -59.40 7.69 -9.99
N GLU G 161 -59.37 8.10 -8.72
CA GLU G 161 -60.56 8.60 -8.07
C GLU G 161 -60.73 10.11 -8.20
N ASP G 162 -59.66 10.86 -8.46
CA ASP G 162 -59.72 12.32 -8.53
C ASP G 162 -59.42 12.81 -9.95
N THR G 163 -58.18 12.69 -10.39
CA THR G 163 -57.76 13.27 -11.67
C THR G 163 -58.52 12.65 -12.83
N CYS G 164 -58.60 11.32 -12.87
CA CYS G 164 -59.27 10.63 -13.96
C CYS G 164 -60.73 11.03 -14.04
N VAL G 165 -61.41 11.12 -12.89
CA VAL G 165 -62.83 11.46 -12.89
C VAL G 165 -63.05 12.89 -13.35
N GLU G 166 -62.21 13.82 -12.85
CA GLU G 166 -62.35 15.22 -13.25
C GLU G 166 -62.19 15.38 -14.76
N TRP G 167 -61.19 14.71 -15.33
CA TRP G 167 -60.94 14.87 -16.75
C TRP G 167 -61.96 14.10 -17.59
N LEU G 168 -62.43 12.95 -17.13
CA LEU G 168 -63.54 12.28 -17.81
C LEU G 168 -64.74 13.21 -17.94
N HIS G 169 -65.07 13.94 -16.87
CA HIS G 169 -66.17 14.91 -16.96
C HIS G 169 -65.87 16.00 -17.98
N LYS G 170 -64.64 16.51 -18.00
CA LYS G 170 -64.28 17.53 -18.98
C LYS G 170 -64.42 17.01 -20.41
N TYR G 171 -63.91 15.81 -20.67
CA TYR G 171 -64.00 15.24 -22.02
C TYR G 171 -65.45 15.00 -22.41
N LEU G 172 -66.28 14.57 -21.47
CA LEU G 172 -67.67 14.31 -21.79
C LEU G 172 -68.40 15.58 -22.18
N GLU G 173 -68.03 16.70 -21.56
CA GLU G 173 -68.58 17.99 -21.96
C GLU G 173 -68.04 18.41 -23.32
N LYS G 174 -66.73 18.31 -23.52
CA LYS G 174 -66.13 18.70 -24.79
C LYS G 174 -66.70 17.91 -25.95
N GLY G 175 -66.91 16.61 -25.77
CA GLY G 175 -67.38 15.78 -26.86
C GLY G 175 -68.83 15.39 -26.75
N LYS G 176 -69.64 16.19 -26.04
CA LYS G 176 -71.00 15.77 -25.73
C LYS G 176 -71.83 15.53 -26.98
N GLU G 177 -71.56 16.26 -28.07
CA GLU G 177 -72.40 16.14 -29.26
C GLU G 177 -72.28 14.76 -29.92
N THR G 178 -71.19 14.05 -29.69
CA THR G 178 -71.04 12.70 -30.21
C THR G 178 -70.98 11.65 -29.12
N LEU G 179 -70.31 11.93 -27.99
CA LEU G 179 -70.21 10.95 -26.92
C LEU G 179 -71.54 10.68 -26.25
N LEU G 180 -72.41 11.67 -26.15
CA LEU G 180 -73.67 11.54 -25.43
C LEU G 180 -74.86 11.39 -26.37
N HIS G 181 -74.62 11.28 -27.67
CA HIS G 181 -75.68 11.06 -28.64
C HIS G 181 -75.72 9.59 -29.02
N LEU G 182 -76.74 8.87 -28.51
CA LEU G 182 -76.88 7.47 -28.85
C LEU G 182 -77.31 7.34 -30.30
N GLU G 183 -76.66 6.46 -31.04
CA GLU G 183 -77.07 6.18 -32.42
C GLU G 183 -77.59 4.75 -32.48
N PRO G 184 -78.91 4.55 -32.55
CA PRO G 184 -79.44 3.19 -32.58
C PRO G 184 -79.11 2.49 -33.88
N PRO G 185 -79.15 1.17 -33.91
CA PRO G 185 -78.79 0.45 -35.14
C PRO G 185 -79.87 0.61 -36.20
N LYS G 186 -79.42 0.73 -37.45
CA LYS G 186 -80.30 0.56 -38.59
C LYS G 186 -80.28 -0.91 -38.97
N THR G 187 -81.47 -1.52 -39.08
CA THR G 187 -81.54 -2.97 -39.16
C THR G 187 -82.30 -3.42 -40.40
N HIS G 188 -81.90 -4.57 -40.94
CA HIS G 188 -82.64 -5.23 -42.02
C HIS G 188 -82.22 -6.69 -42.09
N VAL G 189 -83.03 -7.50 -42.78
CA VAL G 189 -82.77 -8.92 -42.96
C VAL G 189 -82.59 -9.19 -44.44
N THR G 190 -81.52 -9.92 -44.79
CA THR G 190 -81.32 -10.38 -46.16
C THR G 190 -81.56 -11.88 -46.24
N HIS G 191 -81.77 -12.36 -47.46
CA HIS G 191 -82.18 -13.73 -47.73
C HIS G 191 -81.25 -14.31 -48.78
N HIS G 192 -80.69 -15.49 -48.50
CA HIS G 192 -79.72 -16.10 -49.39
C HIS G 192 -80.04 -17.58 -49.53
N PRO G 193 -80.61 -18.00 -50.65
CA PRO G 193 -80.87 -19.43 -50.84
C PRO G 193 -79.57 -20.20 -50.98
N ILE G 194 -79.52 -21.36 -50.34
CA ILE G 194 -78.43 -22.30 -50.55
C ILE G 194 -78.85 -23.50 -51.38
N SER G 195 -80.15 -23.76 -51.50
CA SER G 195 -80.68 -24.83 -52.33
C SER G 195 -82.17 -24.53 -52.53
N ASP G 196 -82.88 -25.47 -53.15
CA ASP G 196 -84.32 -25.31 -53.27
C ASP G 196 -85.05 -25.53 -51.95
N HIS G 197 -84.37 -26.06 -50.93
CA HIS G 197 -85.03 -26.42 -49.68
C HIS G 197 -84.57 -25.62 -48.47
N GLU G 198 -83.48 -24.87 -48.57
CA GLU G 198 -82.95 -24.15 -47.42
C GLU G 198 -82.47 -22.76 -47.84
N ALA G 199 -82.44 -21.85 -46.86
CA ALA G 199 -82.00 -20.49 -47.11
C ALA G 199 -81.35 -19.93 -45.86
N THR G 200 -80.46 -18.97 -46.06
CA THR G 200 -79.83 -18.24 -44.96
C THR G 200 -80.52 -16.90 -44.78
N LEU G 201 -80.95 -16.62 -43.55
CA LEU G 201 -81.44 -15.30 -43.18
C LEU G 201 -80.33 -14.60 -42.39
N ARG G 202 -79.99 -13.38 -42.80
CA ARG G 202 -78.92 -12.64 -42.14
C ARG G 202 -79.50 -11.33 -41.62
N CYS G 203 -79.45 -11.14 -40.31
CA CYS G 203 -79.96 -9.93 -39.66
C CYS G 203 -78.80 -8.97 -39.46
N TRP G 204 -78.94 -7.76 -40.00
CA TRP G 204 -77.89 -6.74 -40.00
C TRP G 204 -78.23 -5.66 -38.98
N ALA G 205 -77.22 -5.23 -38.22
CA ALA G 205 -77.31 -4.02 -37.41
C ALA G 205 -76.16 -3.11 -37.83
N LEU G 206 -76.48 -1.90 -38.28
CA LEU G 206 -75.48 -1.04 -38.89
C LEU G 206 -75.54 0.35 -38.29
N GLY G 207 -74.37 0.97 -38.18
CA GLY G 207 -74.27 2.37 -37.84
C GLY G 207 -74.61 2.74 -36.41
N PHE G 208 -74.38 1.85 -35.45
CA PHE G 208 -74.81 2.10 -34.09
C PHE G 208 -73.63 2.51 -33.21
N TYR G 209 -73.96 3.23 -32.14
CA TYR G 209 -73.00 3.71 -31.15
C TYR G 209 -73.78 3.87 -29.85
N PRO G 210 -73.29 3.33 -28.72
CA PRO G 210 -71.99 2.64 -28.59
C PRO G 210 -72.00 1.20 -29.11
N ALA G 211 -70.88 0.49 -28.90
CA ALA G 211 -70.66 -0.80 -29.54
C ALA G 211 -71.50 -1.93 -28.94
N GLU G 212 -71.92 -1.82 -27.69
CA GLU G 212 -72.68 -2.89 -27.05
C GLU G 212 -74.00 -3.11 -27.77
N ILE G 213 -74.29 -4.37 -28.10
CA ILE G 213 -75.52 -4.71 -28.82
C ILE G 213 -75.77 -6.20 -28.64
N THR G 214 -77.03 -6.61 -28.79
CA THR G 214 -77.39 -8.02 -28.72
C THR G 214 -78.30 -8.32 -29.90
N LEU G 215 -77.91 -9.28 -30.73
CA LEU G 215 -78.74 -9.77 -31.83
C LEU G 215 -79.13 -11.20 -31.54
N THR G 216 -80.42 -11.50 -31.70
CA THR G 216 -80.94 -12.84 -31.40
C THR G 216 -81.96 -13.22 -32.45
N TRP G 217 -81.87 -14.45 -32.95
CA TRP G 217 -82.92 -15.02 -33.79
C TRP G 217 -83.86 -15.85 -32.92
N GLN G 218 -85.16 -15.72 -33.17
CA GLN G 218 -86.17 -16.52 -32.49
C GLN G 218 -86.98 -17.27 -33.53
N GLN G 219 -87.42 -18.47 -33.17
CA GLN G 219 -88.35 -19.25 -33.99
C GLN G 219 -89.69 -19.31 -33.26
N ASP G 220 -90.76 -18.95 -33.96
CA ASP G 220 -92.10 -18.95 -33.41
C ASP G 220 -92.21 -18.09 -32.15
N GLY G 221 -91.45 -16.98 -32.13
CA GLY G 221 -91.58 -15.98 -31.09
C GLY G 221 -91.20 -16.41 -29.69
N GLU G 222 -90.49 -17.53 -29.54
CA GLU G 222 -90.11 -18.03 -28.24
C GLU G 222 -88.72 -18.65 -28.31
N GLY G 223 -87.98 -18.53 -27.21
CA GLY G 223 -86.65 -19.10 -27.13
C GLY G 223 -85.65 -18.37 -28.03
N HIS G 224 -84.58 -19.10 -28.37
CA HIS G 224 -83.56 -18.60 -29.26
C HIS G 224 -83.10 -19.73 -30.17
N THR G 225 -82.75 -19.38 -31.41
CA THR G 225 -82.34 -20.39 -32.37
C THR G 225 -80.96 -20.91 -32.04
N GLN G 226 -80.75 -22.20 -32.28
CA GLN G 226 -79.55 -22.90 -31.82
C GLN G 226 -78.37 -22.68 -32.75
N ASP G 227 -78.57 -22.86 -34.06
CA ASP G 227 -77.49 -22.79 -35.03
C ASP G 227 -77.42 -21.39 -35.64
N THR G 228 -76.94 -20.45 -34.83
CA THR G 228 -76.85 -19.05 -35.22
C THR G 228 -75.39 -18.66 -35.36
N GLU G 229 -75.00 -18.24 -36.57
CA GLU G 229 -73.67 -17.68 -36.76
C GLU G 229 -73.69 -16.21 -36.40
N LEU G 230 -72.77 -15.78 -35.55
CA LEU G 230 -72.73 -14.42 -35.05
C LEU G 230 -71.31 -13.90 -35.21
N VAL G 231 -71.15 -12.79 -35.95
CA VAL G 231 -69.81 -12.22 -36.13
C VAL G 231 -69.53 -11.26 -34.98
N GLU G 232 -68.25 -11.12 -34.66
CA GLU G 232 -67.84 -10.15 -33.66
C GLU G 232 -68.19 -8.75 -34.14
N THR G 233 -68.62 -7.90 -33.20
CA THR G 233 -68.91 -6.51 -33.52
C THR G 233 -67.66 -5.84 -34.08
N ARG G 234 -67.85 -5.05 -35.13
CA ARG G 234 -66.74 -4.52 -35.89
C ARG G 234 -66.94 -3.03 -36.19
N PRO G 235 -65.86 -2.26 -36.24
CA PRO G 235 -66.02 -0.82 -36.50
C PRO G 235 -66.27 -0.55 -37.97
N ALA G 236 -67.19 0.39 -38.23
CA ALA G 236 -67.46 0.81 -39.60
C ALA G 236 -66.35 1.69 -40.16
N GLY G 237 -65.57 2.34 -39.28
CA GLY G 237 -64.54 3.28 -39.70
C GLY G 237 -64.91 4.73 -39.49
N ASP G 238 -66.19 5.01 -39.23
CA ASP G 238 -66.67 6.37 -39.05
C ASP G 238 -67.10 6.65 -37.61
N GLY G 239 -66.70 5.81 -36.67
CA GLY G 239 -67.09 5.94 -35.29
C GLY G 239 -68.22 5.03 -34.85
N THR G 240 -68.99 4.47 -35.79
CA THR G 240 -70.07 3.55 -35.47
C THR G 240 -69.64 2.11 -35.72
N PHE G 241 -70.53 1.18 -35.42
CA PHE G 241 -70.20 -0.24 -35.39
C PHE G 241 -71.22 -1.04 -36.19
N GLN G 242 -70.86 -2.29 -36.47
CA GLN G 242 -71.67 -3.18 -37.29
C GLN G 242 -71.71 -4.56 -36.66
N LYS G 243 -72.76 -5.31 -36.96
CA LYS G 243 -72.84 -6.70 -36.50
C LYS G 243 -73.94 -7.39 -37.30
N TRP G 244 -73.79 -8.70 -37.49
CA TRP G 244 -74.88 -9.45 -38.08
C TRP G 244 -74.95 -10.84 -37.45
N ALA G 245 -76.13 -11.45 -37.59
CA ALA G 245 -76.40 -12.80 -37.10
C ALA G 245 -77.17 -13.54 -38.19
N ALA G 246 -76.80 -14.79 -38.44
CA ALA G 246 -77.41 -15.54 -39.52
C ALA G 246 -77.92 -16.88 -39.00
N VAL G 247 -79.00 -17.37 -39.64
CA VAL G 247 -79.52 -18.70 -39.36
C VAL G 247 -79.90 -19.34 -40.67
N VAL G 248 -79.84 -20.66 -40.71
CA VAL G 248 -80.28 -21.44 -41.87
C VAL G 248 -81.67 -21.96 -41.58
N VAL G 249 -82.60 -21.70 -42.51
CA VAL G 249 -84.00 -22.03 -42.28
C VAL G 249 -84.50 -22.82 -43.48
N PRO G 250 -85.59 -23.57 -43.30
CA PRO G 250 -86.22 -24.23 -44.45
C PRO G 250 -86.91 -23.22 -45.34
N SER G 251 -86.71 -23.36 -46.65
CA SER G 251 -87.40 -22.50 -47.60
C SER G 251 -88.91 -22.64 -47.42
N GLY G 252 -89.61 -21.51 -47.42
CA GLY G 252 -91.03 -21.48 -47.17
C GLY G 252 -91.43 -21.31 -45.72
N GLU G 253 -90.48 -21.41 -44.79
CA GLU G 253 -90.74 -21.20 -43.37
C GLU G 253 -90.09 -19.93 -42.83
N GLU G 254 -89.66 -19.02 -43.72
CA GLU G 254 -88.92 -17.85 -43.29
C GLU G 254 -89.71 -16.99 -42.31
N GLN G 255 -91.04 -16.97 -42.42
CA GLN G 255 -91.83 -16.10 -41.56
C GLN G 255 -91.93 -16.60 -40.13
N ARG G 256 -91.45 -17.81 -39.85
CA ARG G 256 -91.38 -18.29 -38.47
C ARG G 256 -90.23 -17.67 -37.69
N TYR G 257 -89.36 -16.91 -38.35
CA TYR G 257 -88.11 -16.47 -37.74
C TYR G 257 -88.12 -14.95 -37.62
N THR G 258 -87.77 -14.46 -36.42
N THR G 258 -87.81 -14.47 -36.41
CA THR G 258 -87.74 -13.03 -36.14
CA THR G 258 -87.74 -13.04 -36.12
C THR G 258 -86.42 -12.68 -35.48
C THR G 258 -86.36 -12.74 -35.54
N CYS G 259 -85.79 -11.62 -35.96
CA CYS G 259 -84.57 -11.11 -35.38
C CYS G 259 -84.92 -10.09 -34.30
N HIS G 260 -84.24 -10.17 -33.17
N HIS G 260 -84.20 -10.16 -33.18
CA HIS G 260 -84.47 -9.28 -32.04
CA HIS G 260 -84.44 -9.32 -32.01
C HIS G 260 -83.18 -8.52 -31.77
C HIS G 260 -83.17 -8.51 -31.76
N VAL G 261 -83.28 -7.18 -31.74
CA VAL G 261 -82.12 -6.30 -31.60
C VAL G 261 -82.28 -5.46 -30.35
N GLN G 262 -81.28 -5.52 -29.45
CA GLN G 262 -81.26 -4.73 -28.24
C GLN G 262 -80.07 -3.77 -28.29
N HIS G 263 -80.34 -2.49 -28.03
CA HIS G 263 -79.29 -1.47 -28.03
C HIS G 263 -79.73 -0.31 -27.14
N GLU G 264 -78.75 0.34 -26.52
CA GLU G 264 -79.05 1.44 -25.60
C GLU G 264 -79.80 2.57 -26.30
N GLY G 265 -79.56 2.77 -27.60
CA GLY G 265 -80.25 3.79 -28.35
C GLY G 265 -81.68 3.45 -28.72
N LEU G 266 -82.12 2.24 -28.43
CA LEU G 266 -83.49 1.83 -28.74
C LEU G 266 -84.33 1.88 -27.47
N PRO G 267 -85.45 2.62 -27.46
CA PRO G 267 -86.29 2.63 -26.25
C PRO G 267 -86.79 1.26 -25.87
N GLU G 268 -87.19 0.47 -26.86
CA GLU G 268 -87.57 -0.93 -26.70
C GLU G 268 -86.85 -1.74 -27.76
N PRO G 269 -86.56 -3.01 -27.49
CA PRO G 269 -85.92 -3.85 -28.50
C PRO G 269 -86.73 -3.85 -29.79
N VAL G 270 -86.02 -3.94 -30.91
CA VAL G 270 -86.62 -3.95 -32.23
C VAL G 270 -86.70 -5.38 -32.73
N THR G 271 -87.82 -5.73 -33.37
CA THR G 271 -87.98 -7.04 -33.99
C THR G 271 -88.20 -6.84 -35.49
N LEU G 272 -87.57 -7.70 -36.29
CA LEU G 272 -87.76 -7.63 -37.73
C LEU G 272 -87.76 -9.03 -38.33
N ARG G 273 -88.39 -9.14 -39.49
CA ARG G 273 -88.41 -10.37 -40.27
C ARG G 273 -87.97 -10.06 -41.70
N TRP G 274 -87.66 -11.11 -42.45
CA TRP G 274 -87.38 -10.94 -43.87
C TRP G 274 -88.65 -10.54 -44.60
N LYS G 275 -88.54 -9.50 -45.42
CA LYS G 275 -89.67 -9.03 -46.22
C LYS G 275 -89.42 -9.33 -47.69
N PRO G 276 -90.04 -10.37 -48.26
CA PRO G 276 -89.85 -10.72 -49.68
C PRO G 276 -90.43 -9.66 -50.61
N MET H 1 -43.95 -16.92 -23.14
CA MET H 1 -44.58 -15.92 -23.99
C MET H 1 -45.82 -16.49 -24.65
N ILE H 2 -46.88 -15.69 -24.71
CA ILE H 2 -48.13 -16.11 -25.33
C ILE H 2 -48.25 -15.39 -26.67
N GLN H 3 -48.74 -16.12 -27.68
CA GLN H 3 -49.04 -15.52 -28.98
C GLN H 3 -50.45 -15.91 -29.35
N ARG H 4 -51.09 -15.08 -30.20
CA ARG H 4 -52.46 -15.34 -30.61
C ARG H 4 -52.62 -15.07 -32.10
N THR H 5 -53.36 -15.95 -32.78
CA THR H 5 -53.61 -15.77 -34.20
C THR H 5 -54.62 -14.66 -34.43
N PRO H 6 -54.50 -13.93 -35.54
CA PRO H 6 -55.47 -12.86 -35.83
C PRO H 6 -56.80 -13.40 -36.30
N LYS H 7 -57.87 -12.77 -35.83
CA LYS H 7 -59.18 -12.93 -36.43
C LYS H 7 -59.35 -11.86 -37.50
N ILE H 8 -59.99 -12.21 -38.62
CA ILE H 8 -60.04 -11.33 -39.78
C ILE H 8 -61.48 -11.19 -40.25
N GLN H 9 -61.94 -9.95 -40.44
CA GLN H 9 -63.16 -9.66 -41.17
C GLN H 9 -62.89 -8.63 -42.26
N VAL H 10 -63.44 -8.87 -43.44
CA VAL H 10 -63.38 -7.94 -44.56
C VAL H 10 -64.80 -7.54 -44.91
N TYR H 11 -65.02 -6.25 -45.10
CA TYR H 11 -66.36 -5.72 -45.24
C TYR H 11 -66.26 -4.25 -45.66
N SER H 12 -67.38 -3.70 -46.10
CA SER H 12 -67.45 -2.31 -46.52
C SER H 12 -68.09 -1.46 -45.43
N ARG H 13 -67.71 -0.18 -45.40
CA ARG H 13 -68.29 0.74 -44.42
C ARG H 13 -69.79 0.87 -44.62
N HIS H 14 -70.21 1.08 -45.86
CA HIS H 14 -71.61 1.16 -46.23
C HIS H 14 -71.98 -0.01 -47.13
N PRO H 15 -73.26 -0.39 -47.17
CA PRO H 15 -73.69 -1.43 -48.10
C PRO H 15 -73.23 -1.12 -49.52
N ALA H 16 -72.63 -2.12 -50.15
CA ALA H 16 -71.98 -1.89 -51.44
C ALA H 16 -72.99 -1.51 -52.50
N GLU H 17 -72.67 -0.49 -53.29
CA GLU H 17 -73.43 -0.09 -54.46
C GLU H 17 -72.45 0.05 -55.62
N ASN H 18 -72.60 -0.78 -56.65
CA ASN H 18 -71.66 -0.77 -57.76
C ASN H 18 -71.57 0.61 -58.39
N GLY H 19 -70.35 1.11 -58.52
CA GLY H 19 -70.12 2.43 -59.09
C GLY H 19 -70.18 3.58 -58.10
N LYS H 20 -70.34 3.31 -56.82
CA LYS H 20 -70.46 4.35 -55.80
C LYS H 20 -69.31 4.25 -54.81
N SER H 21 -68.81 5.41 -54.40
CA SER H 21 -67.65 5.46 -53.51
C SER H 21 -67.99 4.88 -52.15
N ASN H 22 -67.06 4.09 -51.61
CA ASN H 22 -67.26 3.40 -50.34
C ASN H 22 -65.89 3.32 -49.65
N PHE H 23 -65.83 2.56 -48.57
CA PHE H 23 -64.57 2.26 -47.90
C PHE H 23 -64.46 0.76 -47.73
N LEU H 24 -63.31 0.20 -48.09
CA LEU H 24 -63.05 -1.22 -47.90
C LEU H 24 -62.30 -1.39 -46.58
N ASN H 25 -62.84 -2.23 -45.70
CA ASN H 25 -62.29 -2.44 -44.37
C ASN H 25 -61.72 -3.83 -44.21
N CYS H 26 -60.58 -3.93 -43.54
CA CYS H 26 -60.07 -5.20 -43.04
C CYS H 26 -59.81 -5.02 -41.55
N TYR H 27 -60.64 -5.66 -40.73
CA TYR H 27 -60.53 -5.58 -39.28
C TYR H 27 -59.82 -6.83 -38.77
N VAL H 28 -58.65 -6.63 -38.17
CA VAL H 28 -57.85 -7.73 -37.62
C VAL H 28 -57.80 -7.56 -36.11
N SER H 29 -58.09 -8.63 -35.38
CA SER H 29 -58.23 -8.51 -33.95
C SER H 29 -57.81 -9.79 -33.26
N GLY H 30 -57.66 -9.71 -31.94
CA GLY H 30 -57.34 -10.86 -31.15
C GLY H 30 -55.94 -11.42 -31.31
N PHE H 31 -55.01 -10.65 -31.89
CA PHE H 31 -53.68 -11.18 -32.17
C PHE H 31 -52.64 -10.66 -31.18
N HIS H 32 -51.53 -11.37 -31.11
CA HIS H 32 -50.39 -11.05 -30.25
C HIS H 32 -49.20 -11.83 -30.79
N PRO H 33 -48.03 -11.20 -31.02
CA PRO H 33 -47.70 -9.81 -30.72
C PRO H 33 -48.26 -8.81 -31.73
N SER H 34 -47.90 -7.53 -31.57
CA SER H 34 -48.55 -6.46 -32.32
C SER H 34 -48.07 -6.35 -33.77
N ASP H 35 -46.87 -6.84 -34.06
CA ASP H 35 -46.35 -6.75 -35.42
C ASP H 35 -47.21 -7.58 -36.37
N ILE H 36 -47.68 -6.96 -37.45
CA ILE H 36 -48.61 -7.62 -38.36
C ILE H 36 -48.55 -6.90 -39.70
N GLU H 37 -48.75 -7.66 -40.77
CA GLU H 37 -48.74 -7.13 -42.13
C GLU H 37 -50.13 -7.35 -42.73
N VAL H 38 -50.75 -6.27 -43.17
CA VAL H 38 -52.09 -6.30 -43.74
C VAL H 38 -52.08 -5.50 -45.02
N ASP H 39 -52.45 -6.14 -46.12
CA ASP H 39 -52.63 -5.47 -47.40
C ASP H 39 -54.05 -5.67 -47.89
N LEU H 40 -54.60 -4.65 -48.52
CA LEU H 40 -55.87 -4.76 -49.23
C LEU H 40 -55.58 -5.01 -50.71
N LEU H 41 -56.34 -5.91 -51.32
CA LEU H 41 -56.07 -6.37 -52.66
C LEU H 41 -57.24 -6.03 -53.60
N LYS H 42 -56.92 -5.54 -54.78
CA LYS H 42 -57.89 -5.36 -55.86
C LYS H 42 -57.47 -6.27 -57.00
N ASN H 43 -58.29 -7.29 -57.27
CA ASN H 43 -58.03 -8.26 -58.34
C ASN H 43 -56.64 -8.87 -58.19
N GLY H 44 -56.25 -9.15 -56.96
CA GLY H 44 -54.98 -9.75 -56.66
C GLY H 44 -53.83 -8.79 -56.44
N GLU H 45 -53.98 -7.52 -56.84
CA GLU H 45 -52.92 -6.53 -56.74
C GLU H 45 -53.04 -5.72 -55.47
N ARG H 46 -51.91 -5.47 -54.82
CA ARG H 46 -51.89 -4.69 -53.60
C ARG H 46 -52.39 -3.28 -53.85
N ILE H 47 -53.31 -2.81 -53.00
CA ILE H 47 -53.87 -1.47 -53.10
C ILE H 47 -52.94 -0.50 -52.38
N GLU H 48 -52.63 0.62 -53.04
CA GLU H 48 -51.87 1.68 -52.41
C GLU H 48 -52.81 2.67 -51.74
N LYS H 49 -52.23 3.50 -50.87
CA LYS H 49 -52.98 4.48 -50.08
C LYS H 49 -53.94 3.79 -49.10
N VAL H 50 -53.43 2.79 -48.40
CA VAL H 50 -54.18 2.08 -47.37
C VAL H 50 -53.75 2.63 -46.01
N GLU H 51 -54.72 3.01 -45.19
CA GLU H 51 -54.49 3.55 -43.86
C GLU H 51 -54.91 2.54 -42.80
N HIS H 52 -54.51 2.80 -41.56
CA HIS H 52 -54.92 1.94 -40.46
C HIS H 52 -55.08 2.75 -39.19
N SER H 53 -55.92 2.22 -38.29
CA SER H 53 -56.17 2.86 -37.01
C SER H 53 -54.95 2.72 -36.10
N ASP H 54 -55.00 3.41 -34.96
CA ASP H 54 -53.92 3.33 -33.99
C ASP H 54 -54.04 2.05 -33.17
N LEU H 55 -52.90 1.41 -32.93
CA LEU H 55 -52.86 0.15 -32.20
C LEU H 55 -53.48 0.27 -30.82
N SER H 56 -54.51 -0.55 -30.56
CA SER H 56 -55.11 -0.67 -29.24
C SER H 56 -55.24 -2.15 -28.90
N PHE H 57 -55.77 -2.45 -27.72
CA PHE H 57 -55.90 -3.85 -27.34
C PHE H 57 -57.08 -4.01 -26.37
N SER H 58 -57.47 -5.26 -26.18
CA SER H 58 -58.66 -5.62 -25.43
C SER H 58 -58.29 -6.06 -24.02
N LYS H 59 -59.33 -6.45 -23.26
CA LYS H 59 -59.14 -6.84 -21.87
C LYS H 59 -58.19 -8.03 -21.73
N ASP H 60 -58.15 -8.93 -22.72
CA ASP H 60 -57.27 -10.08 -22.68
C ASP H 60 -55.89 -9.79 -23.26
N TRP H 61 -55.58 -8.51 -23.52
CA TRP H 61 -54.31 -7.97 -24.00
C TRP H 61 -54.09 -8.18 -25.50
N SER H 62 -55.02 -8.80 -26.22
CA SER H 62 -54.82 -9.00 -27.64
C SER H 62 -55.14 -7.71 -28.40
N PHE H 63 -54.42 -7.51 -29.50
CA PHE H 63 -54.45 -6.27 -30.25
C PHE H 63 -55.55 -6.28 -31.30
N TYR H 64 -55.95 -5.08 -31.74
CA TYR H 64 -56.85 -4.96 -32.87
C TYR H 64 -56.49 -3.72 -33.67
N LEU H 65 -56.71 -3.81 -34.99
CA LEU H 65 -56.43 -2.74 -35.94
C LEU H 65 -57.48 -2.78 -37.03
N LEU H 66 -57.82 -1.61 -37.55
CA LEU H 66 -58.68 -1.47 -38.71
C LEU H 66 -57.86 -0.90 -39.86
N TYR H 67 -57.74 -1.66 -40.94
CA TYR H 67 -57.14 -1.18 -42.18
C TYR H 67 -58.24 -0.79 -43.16
N TYR H 68 -58.03 0.30 -43.90
CA TYR H 68 -59.11 0.80 -44.72
C TYR H 68 -58.57 1.64 -45.87
N THR H 69 -59.34 1.68 -46.95
CA THR H 69 -59.04 2.52 -48.09
C THR H 69 -60.36 2.84 -48.79
N GLU H 70 -60.40 3.99 -49.45
CA GLU H 70 -61.57 4.30 -50.28
C GLU H 70 -61.52 3.44 -51.54
N PHE H 71 -62.66 2.86 -51.89
CA PHE H 71 -62.74 2.08 -53.12
C PHE H 71 -64.12 2.27 -53.74
N THR H 72 -64.25 1.79 -54.98
CA THR H 72 -65.51 1.82 -55.71
C THR H 72 -65.80 0.42 -56.20
N PRO H 73 -66.76 -0.29 -55.61
CA PRO H 73 -67.03 -1.66 -56.05
C PRO H 73 -67.65 -1.68 -57.45
N THR H 74 -67.27 -2.70 -58.22
CA THR H 74 -67.86 -2.94 -59.53
C THR H 74 -68.24 -4.40 -59.67
N GLU H 75 -68.62 -4.82 -60.88
CA GLU H 75 -69.06 -6.20 -61.07
C GLU H 75 -67.89 -7.17 -61.21
N LYS H 76 -66.86 -6.78 -61.97
CA LYS H 76 -65.73 -7.66 -62.24
C LYS H 76 -64.66 -7.60 -61.16
N ASP H 77 -64.59 -6.52 -60.39
CA ASP H 77 -63.49 -6.32 -59.46
C ASP H 77 -63.67 -7.18 -58.21
N GLU H 78 -62.68 -8.01 -57.92
CA GLU H 78 -62.62 -8.78 -56.68
C GLU H 78 -61.71 -8.07 -55.69
N TYR H 79 -62.13 -8.04 -54.43
CA TYR H 79 -61.35 -7.42 -53.38
C TYR H 79 -61.09 -8.44 -52.27
N ALA H 80 -59.97 -8.27 -51.58
CA ALA H 80 -59.57 -9.19 -50.54
C ALA H 80 -58.65 -8.48 -49.55
N CYS H 81 -58.41 -9.15 -48.43
CA CYS H 81 -57.41 -8.72 -47.44
C CYS H 81 -56.40 -9.83 -47.29
N ARG H 82 -55.12 -9.48 -47.28
CA ARG H 82 -54.04 -10.43 -47.08
C ARG H 82 -53.34 -10.09 -45.78
N VAL H 83 -53.28 -11.06 -44.86
CA VAL H 83 -52.76 -10.85 -43.52
C VAL H 83 -51.60 -11.80 -43.30
N ASN H 84 -50.48 -11.27 -42.83
CA ASN H 84 -49.36 -12.10 -42.40
C ASN H 84 -48.98 -11.72 -40.98
N HIS H 85 -48.67 -12.74 -40.18
CA HIS H 85 -48.41 -12.60 -38.76
C HIS H 85 -47.55 -13.79 -38.35
N VAL H 86 -46.74 -13.62 -37.31
CA VAL H 86 -45.80 -14.67 -36.93
C VAL H 86 -46.51 -15.96 -36.52
N THR H 87 -47.79 -15.89 -36.16
CA THR H 87 -48.53 -17.09 -35.78
C THR H 87 -49.13 -17.82 -36.98
N LEU H 88 -48.97 -17.31 -38.18
CA LEU H 88 -49.55 -17.91 -39.38
C LEU H 88 -48.48 -18.66 -40.17
N SER H 89 -48.82 -19.86 -40.63
CA SER H 89 -47.89 -20.63 -41.44
C SER H 89 -47.65 -20.00 -42.80
N GLN H 90 -48.62 -19.25 -43.30
CA GLN H 90 -48.51 -18.56 -44.58
C GLN H 90 -49.47 -17.39 -44.57
N PRO H 91 -49.26 -16.41 -45.45
CA PRO H 91 -50.20 -15.28 -45.53
C PRO H 91 -51.64 -15.76 -45.77
N LYS H 92 -52.56 -15.22 -44.99
CA LYS H 92 -53.96 -15.60 -45.05
C LYS H 92 -54.74 -14.60 -45.89
N ILE H 93 -55.44 -15.08 -46.91
CA ILE H 93 -56.21 -14.22 -47.80
C ILE H 93 -57.69 -14.46 -47.54
N VAL H 94 -58.43 -13.37 -47.32
CA VAL H 94 -59.87 -13.41 -47.10
C VAL H 94 -60.53 -12.54 -48.16
N LYS H 95 -61.38 -13.15 -48.98
CA LYS H 95 -62.05 -12.39 -50.03
C LYS H 95 -63.20 -11.57 -49.45
N TRP H 96 -63.41 -10.41 -50.04
CA TRP H 96 -64.55 -9.58 -49.66
C TRP H 96 -65.82 -10.19 -50.25
N ASP H 97 -66.79 -10.48 -49.38
CA ASP H 97 -68.14 -10.89 -49.77
C ASP H 97 -69.08 -9.77 -49.38
N ARG H 98 -69.70 -9.13 -50.37
CA ARG H 98 -70.54 -7.96 -50.08
C ARG H 98 -71.76 -8.31 -49.24
N ASP H 99 -72.07 -9.59 -49.05
CA ASP H 99 -73.18 -9.99 -48.20
C ASP H 99 -72.73 -10.38 -46.79
N MET H 100 -71.47 -10.15 -46.45
CA MET H 100 -70.99 -10.51 -45.10
C MET H 100 -70.16 -9.40 -44.47
N ILE I 1 21.97 -5.80 17.98
CA ILE I 1 23.21 -5.12 17.63
C ILE I 1 24.27 -6.15 17.24
N MET I 2 25.25 -5.68 16.47
CA MET I 2 26.36 -6.53 16.05
C MET I 2 27.29 -6.85 17.22
N TYR I 3 27.92 -8.01 17.12
CA TYR I 3 28.95 -8.40 18.07
C TYR I 3 30.23 -7.60 17.82
N ASN I 4 30.89 -7.21 18.90
CA ASN I 4 32.13 -6.44 18.79
C ASN I 4 33.33 -7.37 18.84
N TYR I 5 34.21 -7.24 17.86
CA TYR I 5 35.52 -7.87 17.82
C TYR I 5 35.42 -9.39 17.77
N PRO I 6 35.05 -9.97 16.62
CA PRO I 6 35.30 -11.41 16.44
C PRO I 6 36.79 -11.67 16.40
N ALA I 7 37.22 -12.64 17.21
CA ALA I 7 38.65 -12.95 17.30
C ALA I 7 39.20 -13.29 15.91
N MET I 8 40.39 -12.75 15.64
CA MET I 8 41.00 -12.90 14.32
C MET I 8 41.28 -14.37 14.01
N LEU I 9 41.08 -14.74 12.76
CA LEU I 9 41.31 -16.09 12.28
C LEU I 9 42.80 -16.34 12.07
N ILE J 1 -33.90 6.83 4.30
CA ILE J 1 -33.99 6.13 3.03
C ILE J 1 -34.12 7.11 1.86
N MET J 2 -33.85 6.60 0.66
CA MET J 2 -33.92 7.40 -0.55
C MET J 2 -35.37 7.64 -0.97
N TYR J 3 -35.55 8.70 -1.75
CA TYR J 3 -36.82 9.08 -2.34
C TYR J 3 -37.11 8.24 -3.58
N ASN J 4 -38.40 7.95 -3.82
CA ASN J 4 -38.74 6.96 -4.83
C ASN J 4 -39.23 7.50 -6.16
N TYR J 5 -39.50 8.80 -6.29
CA TYR J 5 -39.93 9.38 -7.56
C TYR J 5 -39.04 10.55 -7.97
N PRO J 6 -37.75 10.33 -8.17
CA PRO J 6 -36.91 11.43 -8.65
C PRO J 6 -37.45 11.97 -9.96
N ALA J 7 -37.58 13.30 -10.01
CA ALA J 7 -38.27 13.93 -11.12
C ALA J 7 -37.59 13.60 -12.43
N MET J 8 -38.41 13.40 -13.46
CA MET J 8 -37.91 13.31 -14.83
C MET J 8 -37.85 14.72 -15.38
N LEU J 9 -36.64 15.19 -15.63
CA LEU J 9 -36.41 16.57 -16.05
C LEU J 9 -36.88 16.79 -17.49
N ILE K 1 51.82 -12.86 29.76
CA ILE K 1 51.52 -13.02 28.33
C ILE K 1 50.82 -11.77 27.80
N MET K 2 50.76 -11.68 26.48
CA MET K 2 50.17 -10.51 25.83
C MET K 2 48.64 -10.59 25.86
N TYR K 3 48.03 -9.41 25.71
CA TYR K 3 46.58 -9.29 25.61
C TYR K 3 46.11 -9.76 24.24
N ASN K 4 44.90 -10.34 24.20
CA ASN K 4 44.42 -10.98 22.98
C ASN K 4 43.56 -10.08 22.09
N TYR K 5 42.96 -9.03 22.64
CA TYR K 5 42.06 -8.16 21.88
C TYR K 5 42.54 -6.72 21.95
N PRO K 6 43.69 -6.40 21.36
CA PRO K 6 44.17 -5.01 21.36
C PRO K 6 43.12 -4.10 20.73
N ALA K 7 42.91 -2.94 21.36
CA ALA K 7 41.82 -2.07 20.97
C ALA K 7 41.97 -1.62 19.52
N MET K 8 40.84 -1.55 18.83
CA MET K 8 40.78 -0.92 17.51
C MET K 8 40.40 0.54 17.71
N LEU K 9 41.32 1.43 17.35
CA LEU K 9 41.12 2.86 17.56
C LEU K 9 40.26 3.47 16.47
N ILE L 1 -56.50 13.07 -18.93
CA ILE L 1 -55.07 13.19 -19.13
C ILE L 1 -54.35 11.97 -18.58
N MET L 2 -53.11 11.77 -19.04
CA MET L 2 -52.32 10.62 -18.64
C MET L 2 -51.83 10.75 -17.19
N TYR L 3 -51.57 9.59 -16.59
CA TYR L 3 -51.04 9.50 -15.24
C TYR L 3 -49.56 9.87 -15.23
N ASN L 4 -49.13 10.54 -14.16
CA ASN L 4 -47.74 10.98 -14.05
C ASN L 4 -46.96 9.94 -13.25
N TYR L 5 -45.96 9.34 -13.90
CA TYR L 5 -44.96 8.52 -13.24
C TYR L 5 -45.52 7.20 -12.71
N PRO L 6 -45.79 6.23 -13.58
CA PRO L 6 -45.94 4.85 -13.09
C PRO L 6 -44.61 4.39 -12.52
N ALA L 7 -44.63 3.94 -11.26
CA ALA L 7 -43.41 3.50 -10.61
C ALA L 7 -42.79 2.33 -11.37
N MET L 8 -41.47 2.33 -11.43
CA MET L 8 -40.75 1.34 -12.24
C MET L 8 -40.95 -0.07 -11.70
N LEU L 9 -41.08 -1.02 -12.63
CA LEU L 9 -41.24 -2.44 -12.30
C LEU L 9 -39.91 -3.07 -11.87
C1 GOL M . 17.41 -15.05 7.43
O1 GOL M . 17.90 -16.33 7.20
C2 GOL M . 15.93 -15.06 7.02
O2 GOL M . 15.29 -16.23 7.43
C3 GOL M . 15.93 -14.90 5.49
O3 GOL M . 14.60 -14.74 5.11
S SO4 N . 45.92 -19.59 -6.30
O1 SO4 N . 44.82 -18.73 -5.85
O2 SO4 N . 47.20 -19.04 -5.86
O3 SO4 N . 45.74 -20.93 -5.72
O4 SO4 N . 45.90 -19.67 -7.75
S SO4 O . 26.65 -3.19 -6.51
O1 SO4 O . 25.42 -3.24 -7.29
O2 SO4 O . 27.01 -1.80 -6.26
O3 SO4 O . 26.45 -3.88 -5.24
O4 SO4 O . 27.73 -3.84 -7.26
S SO4 P . 46.05 -6.54 1.87
O1 SO4 P . 45.82 -6.21 0.47
O2 SO4 P . 46.94 -5.56 2.47
O3 SO4 P . 44.77 -6.53 2.57
O4 SO4 P . 46.66 -7.86 1.96
C1 GOL Q . -20.16 16.28 4.95
O1 GOL Q . -19.29 16.07 6.02
C2 GOL Q . -21.60 16.28 5.53
O2 GOL Q . -21.81 17.37 6.39
C3 GOL Q . -22.53 16.33 4.29
O3 GOL Q . -22.60 17.66 3.89
C1 GOL R . -18.85 9.77 14.23
O1 GOL R . -20.11 9.44 13.70
C2 GOL R . -17.88 8.64 13.81
O2 GOL R . -17.53 8.73 12.46
C3 GOL R . -16.66 8.76 14.75
O3 GOL R . -16.37 10.11 14.86
S SO4 S . -12.90 5.03 -9.62
O1 SO4 S . -13.47 5.83 -10.70
O2 SO4 S . -13.75 5.15 -8.44
O3 SO4 S . -11.56 5.53 -9.32
O4 SO4 S . -12.84 3.63 -10.01
S SO4 T . -47.98 26.37 3.66
O1 SO4 T . -48.24 27.77 3.99
O2 SO4 T . -48.20 26.14 2.24
O3 SO4 T . -48.89 25.51 4.42
O4 SO4 T . -46.60 26.04 4.01
S SO4 U . -41.55 4.45 5.12
O1 SO4 U . -41.53 4.71 3.69
O2 SO4 U . -40.88 5.55 5.82
O3 SO4 U . -42.93 4.35 5.59
O4 SO4 U . -40.84 3.20 5.40
C1 GOL V . -19.97 -9.96 -4.53
O1 GOL V . -19.76 -11.33 -4.50
C2 GOL V . -18.72 -9.30 -3.93
O2 GOL V . -18.60 -9.58 -2.56
C3 GOL V . -17.55 -9.88 -4.75
O3 GOL V . -16.41 -9.16 -4.41
C1 GOL W . -1.59 22.32 4.73
O1 GOL W . -2.87 22.53 4.20
C2 GOL W . -1.03 21.03 4.09
O2 GOL W . -1.78 19.92 4.42
C3 GOL W . -1.02 21.32 2.56
O3 GOL W . -0.54 20.17 1.94
C1 GOL X . 0.31 24.11 -13.92
O1 GOL X . -0.26 22.88 -14.21
C2 GOL X . -0.83 25.01 -13.40
O2 GOL X . -1.52 24.43 -12.34
C3 GOL X . -1.75 25.27 -14.61
O3 GOL X . -2.57 24.15 -14.75
C1 GOL Y . 8.85 16.05 7.20
O1 GOL Y . 8.00 17.13 7.12
C2 GOL Y . 8.82 15.36 5.83
O2 GOL Y . 8.92 16.28 4.79
C3 GOL Y . 10.02 14.39 5.88
O3 GOL Y . 10.12 13.85 4.61
C1 GOL Z . -16.69 19.49 3.49
O1 GOL Z . -17.60 18.50 3.84
C2 GOL Z . -17.17 20.08 2.15
O2 GOL Z . -16.23 20.95 1.60
C3 GOL Z . -18.51 20.77 2.46
O3 GOL Z . -19.52 19.85 2.18
S SO4 AA . -5.96 4.23 13.87
O1 SO4 AA . -7.29 4.06 14.45
O2 SO4 AA . -5.88 5.54 13.23
O3 SO4 AA . -4.95 4.13 14.91
O4 SO4 AA . -5.74 3.19 12.87
ZN ZN BA . 73.46 -10.02 44.32
S SO4 CA . 60.61 6.61 32.88
O1 SO4 CA . 61.45 7.39 31.97
O2 SO4 CA . 59.76 7.53 33.64
O3 SO4 CA . 61.46 5.86 33.79
O4 SO4 CA . 59.78 5.69 32.12
S SO4 DA . 76.24 19.34 21.85
O1 SO4 DA . 75.28 20.35 22.30
O2 SO4 DA . 77.13 19.92 20.86
O3 SO4 DA . 77.01 18.88 23.00
O4 SO4 DA . 75.51 18.22 21.26
P PO4 EA . 88.97 -14.80 20.00
O1 PO4 EA . 89.26 -13.33 20.19
O2 PO4 EA . 88.79 -15.11 18.54
O3 PO4 EA . 87.71 -15.18 20.74
O4 PO4 EA . 90.13 -15.59 20.55
C1 GOL FA . -62.90 0.25 -27.68
O1 GOL FA . -64.08 0.48 -28.40
C2 GOL FA . -63.14 0.85 -26.24
O2 GOL FA . -64.15 0.22 -25.55
C3 GOL FA . -61.80 0.71 -25.49
O3 GOL FA . -62.03 1.00 -24.13
ZN ZN GA . -78.16 10.48 -34.58
S SO4 HA . -68.26 -9.06 -29.25
O1 SO4 HA . -68.57 -8.90 -30.66
O2 SO4 HA . -69.14 -8.18 -28.47
O3 SO4 HA . -68.47 -10.44 -28.84
O4 SO4 HA . -66.86 -8.68 -29.02
S SO4 IA . -41.88 19.55 -29.58
O1 SO4 IA . -42.93 20.48 -29.97
O2 SO4 IA . -40.59 20.23 -29.54
O3 SO4 IA . -42.17 18.99 -28.25
O4 SO4 IA . -41.82 18.46 -30.56
S SO4 JA . -46.37 0.86 -38.57
O1 SO4 JA . -45.86 1.58 -39.74
O2 SO4 JA . -47.23 1.75 -37.79
O3 SO4 JA . -45.24 0.42 -37.74
O4 SO4 JA . -47.13 -0.31 -39.00
C1 GOL KA . -67.43 -11.65 -41.38
O1 GOL KA . -67.27 -13.03 -41.28
C2 GOL KA . -66.74 -11.20 -42.68
O2 GOL KA . -66.55 -9.82 -42.71
C3 GOL KA . -65.41 -11.96 -42.72
O3 GOL KA . -64.70 -11.47 -43.80
S SO4 LA . -68.57 8.71 -45.10
O1 SO4 LA . -69.97 9.02 -45.36
O2 SO4 LA . -67.72 9.71 -45.73
O3 SO4 LA . -68.32 8.70 -43.66
O4 SO4 LA . -68.25 7.39 -45.66
S SO4 MA . -59.53 -20.34 -40.84
O1 SO4 MA . -60.86 -20.24 -41.41
O2 SO4 MA . -58.79 -19.09 -41.08
O3 SO4 MA . -59.68 -20.52 -39.39
O4 SO4 MA . -58.78 -21.46 -41.39
S SO4 NA . -62.58 -5.42 -24.06
O1 SO4 NA . -62.54 -4.76 -25.38
O2 SO4 NA . -63.91 -5.23 -23.48
O3 SO4 NA . -61.58 -4.82 -23.20
O4 SO4 NA . -62.32 -6.84 -24.22
S SO4 OA . -61.28 1.58 -57.01
O1 SO4 OA . -60.19 1.89 -57.93
O2 SO4 OA . -61.55 2.74 -56.17
O3 SO4 OA . -60.90 0.45 -56.17
O4 SO4 OA . -62.48 1.24 -57.77
#